data_9DCJ
#
_entry.id   9DCJ
#
_entity_poly.entity_id   1
_entity_poly.type   'polypeptide(L)'
_entity_poly.pdbx_seq_one_letter_code
;MLPFVQERIGLFIVNFFIFTVVSAITLLVSMAFLTATR
;
_entity_poly.pdbx_strand_id   A,B,C,D,E
#
# COMPACT_ATOMS: atom_id res chain seq x y z
N MET A 1 1.73 -7.31 -32.93
CA MET A 1 2.92 -8.11 -32.57
C MET A 1 3.88 -7.32 -31.70
N LEU A 2 4.08 -6.05 -32.07
CA LEU A 2 4.97 -5.16 -31.31
C LEU A 2 4.36 -4.79 -29.96
N PRO A 3 5.20 -4.43 -28.95
CA PRO A 3 4.70 -4.06 -27.62
C PRO A 3 4.06 -2.67 -27.62
N PHE A 4 3.77 -2.16 -26.42
CA PHE A 4 3.17 -0.83 -26.27
C PHE A 4 1.80 -0.76 -26.97
N VAL A 5 0.77 -1.26 -26.28
CA VAL A 5 -0.59 -1.26 -26.83
C VAL A 5 -1.48 -0.32 -26.03
N GLN A 6 -1.52 -0.52 -24.71
CA GLN A 6 -2.34 0.31 -23.83
C GLN A 6 -1.73 0.38 -22.43
N GLU A 7 -1.80 1.56 -21.82
CA GLU A 7 -1.26 1.79 -20.48
C GLU A 7 -2.30 2.49 -19.60
N ARG A 8 -3.07 3.40 -20.19
CA ARG A 8 -4.12 4.15 -19.47
C ARG A 8 -5.08 3.20 -18.75
N ILE A 9 -5.61 2.23 -19.50
CA ILE A 9 -6.55 1.26 -18.93
C ILE A 9 -5.85 0.27 -17.98
N GLY A 10 -4.52 0.20 -18.05
CA GLY A 10 -3.77 -0.71 -17.18
C GLY A 10 -3.52 -0.12 -15.81
N LEU A 11 -2.96 1.09 -15.78
CA LEU A 11 -2.66 1.79 -14.53
C LEU A 11 -3.90 1.93 -13.64
N PHE A 12 -5.08 1.90 -14.25
CA PHE A 12 -6.34 2.02 -13.51
C PHE A 12 -6.65 0.72 -12.77
N ILE A 13 -6.19 -0.41 -13.31
CA ILE A 13 -6.43 -1.72 -12.71
C ILE A 13 -5.80 -1.80 -11.32
N VAL A 14 -4.51 -1.51 -11.24
CA VAL A 14 -3.79 -1.55 -9.96
C VAL A 14 -4.37 -0.57 -8.95
N ASN A 15 -4.67 0.65 -9.41
CA ASN A 15 -5.24 1.70 -8.55
C ASN A 15 -6.51 1.21 -7.83
N PHE A 16 -7.47 0.72 -8.61
CA PHE A 16 -8.73 0.21 -8.05
C PHE A 16 -8.55 -1.12 -7.32
N PHE A 17 -7.61 -1.94 -7.80
CA PHE A 17 -7.35 -3.24 -7.20
C PHE A 17 -6.81 -3.11 -5.78
N ILE A 18 -5.86 -2.19 -5.57
CA ILE A 18 -5.27 -2.00 -4.25
C ILE A 18 -6.30 -1.48 -3.24
N PHE A 19 -7.28 -0.70 -3.73
CA PHE A 19 -8.33 -0.17 -2.87
C PHE A 19 -9.12 -1.29 -2.20
N THR A 20 -9.45 -2.31 -2.98
CA THR A 20 -10.19 -3.46 -2.49
C THR A 20 -9.44 -4.23 -1.42
N VAL A 21 -8.12 -4.31 -1.56
CA VAL A 21 -7.29 -5.04 -0.60
C VAL A 21 -7.07 -4.23 0.68
N VAL A 22 -6.63 -2.98 0.51
CA VAL A 22 -6.38 -2.08 1.64
C VAL A 22 -7.63 -1.92 2.52
N SER A 23 -8.81 -2.21 1.97
CA SER A 23 -10.05 -2.10 2.71
C SER A 23 -10.30 -3.38 3.53
N ALA A 24 -10.02 -4.51 2.89
CA ALA A 24 -10.19 -5.82 3.52
C ALA A 24 -9.31 -5.97 4.77
N ILE A 25 -8.10 -5.42 4.71
CA ILE A 25 -7.17 -5.50 5.83
C ILE A 25 -7.64 -4.69 7.05
N THR A 26 -8.19 -3.50 6.81
CA THR A 26 -8.66 -2.63 7.89
C THR A 26 -10.02 -3.06 8.44
N LEU A 27 -10.86 -3.64 7.59
CA LEU A 27 -12.18 -4.09 8.00
C LEU A 27 -12.10 -5.48 8.64
N LEU A 28 -11.31 -6.36 8.05
CA LEU A 28 -11.14 -7.72 8.57
C LEU A 28 -10.45 -7.71 9.94
N VAL A 29 -9.43 -6.87 10.06
CA VAL A 29 -8.67 -6.76 11.31
C VAL A 29 -9.56 -6.22 12.44
N SER A 30 -10.35 -5.21 12.11
CA SER A 30 -11.25 -4.59 13.10
C SER A 30 -12.30 -5.58 13.61
N MET A 31 -12.78 -6.45 12.74
CA MET A 31 -13.79 -7.44 13.11
C MET A 31 -13.21 -8.51 14.03
N ALA A 32 -12.08 -9.09 13.65
CA ALA A 32 -11.43 -10.13 14.43
C ALA A 32 -10.87 -9.61 15.75
N PHE A 33 -10.26 -8.44 15.70
CA PHE A 33 -9.66 -7.81 16.88
C PHE A 33 -10.72 -7.32 17.86
N LEU A 34 -11.72 -6.61 17.35
CA LEU A 34 -12.79 -6.07 18.19
C LEU A 34 -13.55 -7.18 18.92
N THR A 35 -13.71 -8.33 18.26
CA THR A 35 -14.42 -9.46 18.86
C THR A 35 -13.60 -10.07 19.99
N ALA A 36 -12.29 -10.18 19.78
CA ALA A 36 -11.40 -10.74 20.79
C ALA A 36 -11.30 -9.84 22.02
N THR A 37 -11.01 -8.57 21.79
CA THR A 37 -10.88 -7.60 22.87
C THR A 37 -12.20 -7.42 23.63
N ARG A 38 -13.29 -7.20 22.88
CA ARG A 38 -14.61 -7.01 23.47
C ARG A 38 -15.36 -8.34 23.57
N MET B 1 18.62 -2.82 -28.03
CA MET B 1 19.61 -1.95 -27.33
C MET B 1 18.92 -0.72 -26.74
N LEU B 2 18.02 -0.13 -27.51
CA LEU B 2 17.29 1.06 -27.06
C LEU B 2 16.27 0.69 -25.96
N PRO B 3 15.89 1.65 -25.09
CA PRO B 3 14.93 1.39 -24.02
C PRO B 3 13.50 1.27 -24.56
N PHE B 4 12.53 1.25 -23.63
CA PHE B 4 11.11 1.14 -24.00
C PHE B 4 10.83 -0.15 -24.77
N VAL B 5 10.68 -1.25 -24.04
CA VAL B 5 10.41 -2.55 -24.63
C VAL B 5 8.99 -3.03 -24.28
N GLN B 6 8.70 -3.05 -22.99
CA GLN B 6 7.38 -3.48 -22.52
C GLN B 6 7.03 -2.81 -21.19
N GLU B 7 5.76 -2.43 -21.04
CA GLU B 7 5.27 -1.77 -19.83
C GLU B 7 3.99 -2.45 -19.33
N ARG B 8 3.14 -2.90 -20.26
CA ARG B 8 1.89 -3.57 -19.92
C ARG B 8 2.12 -4.77 -18.99
N ILE B 9 3.06 -5.63 -19.37
CA ILE B 9 3.38 -6.82 -18.58
C ILE B 9 4.13 -6.44 -17.29
N GLY B 10 4.68 -5.23 -17.23
CA GLY B 10 5.42 -4.78 -16.05
C GLY B 10 4.50 -4.26 -14.97
N LEU B 11 3.63 -3.33 -15.33
CA LEU B 11 2.68 -2.73 -14.38
C LEU B 11 1.82 -3.80 -13.69
N PHE B 12 1.66 -4.94 -14.33
CA PHE B 12 0.87 -6.04 -13.77
C PHE B 12 1.63 -6.74 -12.64
N ILE B 13 2.96 -6.72 -12.72
CA ILE B 13 3.81 -7.36 -11.70
C ILE B 13 3.60 -6.72 -10.34
N VAL B 14 3.76 -5.40 -10.27
CA VAL B 14 3.59 -4.67 -9.02
C VAL B 14 2.17 -4.81 -8.47
N ASN B 15 1.17 -4.71 -9.35
CA ASN B 15 -0.24 -4.83 -8.94
C ASN B 15 -0.50 -6.15 -8.19
N PHE B 16 -0.12 -7.25 -8.82
CA PHE B 16 -0.31 -8.57 -8.21
C PHE B 16 0.65 -8.82 -7.05
N PHE B 17 1.86 -8.26 -7.14
CA PHE B 17 2.87 -8.42 -6.10
C PHE B 17 2.44 -7.79 -4.78
N ILE B 18 1.89 -6.58 -4.84
CA ILE B 18 1.45 -5.87 -3.64
C ILE B 18 0.30 -6.61 -2.95
N PHE B 19 -0.54 -7.28 -3.75
CA PHE B 19 -1.69 -8.03 -3.21
C PHE B 19 -1.21 -9.12 -2.24
N THR B 20 -0.16 -9.82 -2.64
CA THR B 20 0.42 -10.89 -1.83
C THR B 20 0.97 -10.38 -0.49
N VAL B 21 1.55 -9.18 -0.51
CA VAL B 21 2.12 -8.60 0.70
C VAL B 21 1.03 -8.04 1.62
N VAL B 22 0.15 -7.21 1.05
CA VAL B 22 -0.95 -6.60 1.81
C VAL B 22 -1.83 -7.67 2.49
N SER B 23 -1.78 -8.90 2.00
CA SER B 23 -2.56 -9.99 2.57
C SER B 23 -1.82 -10.61 3.75
N ALA B 24 -0.51 -10.77 3.58
CA ALA B 24 0.34 -11.35 4.62
C ALA B 24 0.34 -10.50 5.89
N ILE B 25 0.28 -9.17 5.74
CA ILE B 25 0.27 -8.27 6.88
C ILE B 25 -1.02 -8.36 7.69
N THR B 26 -2.16 -8.48 7.00
CA THR B 26 -3.46 -8.57 7.68
C THR B 26 -3.74 -9.95 8.25
N LEU B 27 -3.22 -10.98 7.59
CA LEU B 27 -3.43 -12.35 8.05
C LEU B 27 -2.43 -12.72 9.14
N LEU B 28 -1.18 -12.31 8.96
CA LEU B 28 -0.12 -12.60 9.93
C LEU B 28 -0.38 -11.87 11.25
N VAL B 29 -0.80 -10.61 11.14
CA VAL B 29 -1.08 -9.79 12.32
C VAL B 29 -2.25 -10.37 13.12
N SER B 30 -3.28 -10.79 12.41
CA SER B 30 -4.48 -11.36 13.04
C SER B 30 -4.16 -12.64 13.80
N MET B 31 -3.25 -13.45 13.25
CA MET B 31 -2.87 -14.71 13.88
C MET B 31 -2.06 -14.49 15.16
N ALA B 32 -1.04 -13.64 15.08
CA ALA B 32 -0.19 -13.35 16.23
C ALA B 32 -0.92 -12.57 17.32
N PHE B 33 -1.72 -11.59 16.89
CA PHE B 33 -2.47 -10.75 17.82
C PHE B 33 -3.61 -11.52 18.48
N LEU B 34 -4.39 -12.24 17.69
CA LEU B 34 -5.53 -13.01 18.20
C LEU B 34 -5.07 -14.05 19.23
N THR B 35 -3.90 -14.64 19.00
CA THR B 35 -3.37 -15.65 19.90
C THR B 35 -2.96 -15.03 21.24
N ALA B 36 -2.34 -13.86 21.18
CA ALA B 36 -1.90 -13.15 22.37
C ALA B 36 -3.09 -12.69 23.21
N THR B 37 -4.01 -11.99 22.57
CA THR B 37 -5.20 -11.47 23.25
C THR B 37 -6.08 -12.61 23.79
N ARG B 38 -6.37 -13.59 22.95
CA ARG B 38 -7.20 -14.73 23.35
C ARG B 38 -6.34 -15.88 23.85
N MET C 1 18.74 14.84 -23.85
CA MET C 1 18.07 16.11 -23.44
C MET C 1 16.56 15.93 -23.36
N LEU C 2 16.00 15.24 -24.35
CA LEU C 2 14.56 14.98 -24.40
C LEU C 2 14.16 13.97 -23.33
N PRO C 3 12.87 13.99 -22.87
CA PRO C 3 12.39 13.06 -21.85
C PRO C 3 12.20 11.65 -22.41
N PHE C 4 11.57 10.79 -21.62
CA PHE C 4 11.31 9.41 -22.02
C PHE C 4 12.60 8.65 -22.30
N VAL C 5 13.25 8.18 -21.24
CA VAL C 5 14.50 7.43 -21.36
C VAL C 5 14.31 5.97 -20.97
N GLN C 6 13.77 5.76 -19.76
CA GLN C 6 13.53 4.40 -19.27
C GLN C 6 12.35 4.38 -18.29
N GLU C 7 11.54 3.33 -18.38
CA GLU C 7 10.36 3.17 -17.52
C GLU C 7 10.34 1.76 -16.89
N ARG C 8 10.78 0.76 -17.67
CA ARG C 8 10.82 -0.62 -17.20
C ARG C 8 11.60 -0.76 -15.89
N ILE C 9 12.81 -0.21 -15.88
CA ILE C 9 13.66 -0.26 -14.70
C ILE C 9 13.15 0.65 -13.57
N GLY C 10 12.25 1.59 -13.91
CA GLY C 10 11.70 2.49 -12.92
C GLY C 10 10.55 1.89 -12.15
N LEU C 11 9.56 1.36 -12.88
CA LEU C 11 8.39 0.73 -12.26
C LEU C 11 8.77 -0.40 -11.30
N PHE C 12 9.95 -0.98 -11.51
CA PHE C 12 10.43 -2.07 -10.67
C PHE C 12 10.90 -1.53 -9.30
N ILE C 13 11.37 -0.27 -9.30
CA ILE C 13 11.86 0.36 -8.07
C ILE C 13 10.74 0.47 -7.03
N VAL C 14 9.63 1.07 -7.42
CA VAL C 14 8.48 1.24 -6.52
C VAL C 14 7.93 -0.12 -6.06
N ASN C 15 7.81 -1.07 -6.98
CA ASN C 15 7.30 -2.41 -6.67
C ASN C 15 8.08 -3.06 -5.52
N PHE C 16 9.40 -3.12 -5.68
CA PHE C 16 10.28 -3.72 -4.67
C PHE C 16 10.41 -2.83 -3.42
N PHE C 17 10.36 -1.52 -3.62
CA PHE C 17 10.47 -0.57 -2.52
C PHE C 17 9.31 -0.67 -1.54
N ILE C 18 8.09 -0.78 -2.07
CA ILE C 18 6.89 -0.88 -1.22
C ILE C 18 6.90 -2.17 -0.41
N PHE C 19 7.48 -3.23 -0.97
CA PHE C 19 7.56 -4.52 -0.29
C PHE C 19 8.32 -4.39 1.03
N THR C 20 9.44 -3.67 0.99
CA THR C 20 10.27 -3.46 2.16
C THR C 20 9.54 -2.68 3.26
N VAL C 21 8.70 -1.73 2.87
CA VAL C 21 7.95 -0.92 3.84
C VAL C 21 6.78 -1.71 4.42
N VAL C 22 5.95 -2.28 3.54
CA VAL C 22 4.78 -3.06 3.95
C VAL C 22 5.16 -4.20 4.89
N SER C 23 6.44 -4.61 4.87
CA SER C 23 6.91 -5.68 5.72
C SER C 23 7.28 -5.13 7.10
N ALA C 24 7.94 -3.97 7.10
CA ALA C 24 8.35 -3.31 8.32
C ALA C 24 7.17 -2.94 9.22
N ILE C 25 6.06 -2.55 8.60
CA ILE C 25 4.85 -2.18 9.35
C ILE C 25 4.21 -3.39 10.05
N THR C 26 4.16 -4.52 9.37
CA THR C 26 3.56 -5.74 9.93
C THR C 26 4.46 -6.45 10.94
N LEU C 27 5.77 -6.35 10.73
CA LEU C 27 6.74 -6.99 11.61
C LEU C 27 7.02 -6.11 12.83
N LEU C 28 7.14 -4.80 12.61
CA LEU C 28 7.41 -3.86 13.69
C LEU C 28 6.22 -3.77 14.65
N VAL C 29 5.02 -3.74 14.08
CA VAL C 29 3.78 -3.66 14.87
C VAL C 29 3.60 -4.90 15.74
N SER C 30 3.88 -6.06 15.15
CA SER C 30 3.74 -7.33 15.85
C SER C 30 4.71 -7.44 17.04
N MET C 31 5.91 -6.89 16.87
CA MET C 31 6.91 -6.93 17.93
C MET C 31 6.54 -6.02 19.10
N ALA C 32 6.18 -4.79 18.81
CA ALA C 32 5.81 -3.81 19.84
C ALA C 32 4.49 -4.18 20.52
N PHE C 33 3.52 -4.61 19.73
CA PHE C 33 2.20 -4.97 20.24
C PHE C 33 2.24 -6.26 21.05
N LEU C 34 2.89 -7.29 20.51
CA LEU C 34 3.00 -8.58 21.19
C LEU C 34 3.70 -8.46 22.54
N THR C 35 4.69 -7.58 22.61
CA THR C 35 5.43 -7.37 23.85
C THR C 35 4.55 -6.69 24.90
N ALA C 36 3.76 -5.72 24.48
CA ALA C 36 2.88 -4.99 25.39
C ALA C 36 1.78 -5.89 25.92
N THR C 37 1.06 -6.56 25.00
CA THR C 37 -0.03 -7.46 25.37
C THR C 37 0.47 -8.63 26.22
N ARG C 38 1.52 -9.30 25.75
CA ARG C 38 2.09 -10.44 26.46
C ARG C 38 3.21 -10.00 27.40
N MET D 1 1.92 21.26 -26.16
CA MET D 1 0.45 21.11 -26.27
C MET D 1 0.06 19.63 -26.24
N LEU D 2 0.83 18.81 -26.96
CA LEU D 2 0.57 17.37 -27.01
C LEU D 2 0.94 16.70 -25.69
N PRO D 3 0.33 15.54 -25.37
CA PRO D 3 0.60 14.82 -24.12
C PRO D 3 1.96 14.12 -24.16
N PHE D 4 2.22 13.28 -23.15
CA PHE D 4 3.47 12.54 -23.05
C PHE D 4 4.67 13.47 -22.97
N VAL D 5 4.93 13.98 -21.76
CA VAL D 5 6.05 14.90 -21.52
C VAL D 5 7.12 14.23 -20.66
N GLN D 6 6.69 13.72 -19.50
CA GLN D 6 7.60 13.06 -18.57
C GLN D 6 6.88 12.01 -17.74
N GLU D 7 7.55 10.88 -17.51
CA GLU D 7 6.98 9.78 -16.73
C GLU D 7 7.98 9.31 -15.66
N ARG D 8 9.27 9.33 -16.00
CA ARG D 8 10.33 8.91 -15.07
C ARG D 8 10.26 9.69 -13.75
N ILE D 9 10.17 11.00 -13.84
CA ILE D 9 10.10 11.86 -12.66
C ILE D 9 8.73 11.75 -11.96
N GLY D 10 7.73 11.21 -12.68
CA GLY D 10 6.40 11.07 -12.10
C GLY D 10 6.26 9.82 -11.25
N LEU D 11 6.64 8.68 -11.82
CA LEU D 11 6.57 7.39 -11.11
C LEU D 11 7.34 7.43 -9.79
N PHE D 12 8.33 8.32 -9.70
CA PHE D 12 9.14 8.44 -8.49
C PHE D 12 8.35 9.15 -7.38
N ILE D 13 7.42 10.02 -7.77
CA ILE D 13 6.60 10.75 -6.81
C ILE D 13 5.75 9.82 -5.96
N VAL D 14 4.99 8.94 -6.62
CA VAL D 14 4.13 7.99 -5.92
C VAL D 14 4.95 7.04 -5.04
N ASN D 15 6.06 6.54 -5.59
CA ASN D 15 6.94 5.62 -4.85
C ASN D 15 7.38 6.20 -3.50
N PHE D 16 7.94 7.41 -3.53
CA PHE D 16 8.40 8.08 -2.32
C PHE D 16 7.23 8.57 -1.46
N PHE D 17 6.14 8.97 -2.12
CA PHE D 17 4.96 9.47 -1.41
C PHE D 17 4.31 8.41 -0.54
N ILE D 18 4.16 7.19 -1.09
CA ILE D 18 3.55 6.09 -0.35
C ILE D 18 4.39 5.70 0.88
N PHE D 19 5.71 5.84 0.76
CA PHE D 19 6.62 5.51 1.86
C PHE D 19 6.30 6.35 3.10
N THR D 20 6.06 7.64 2.88
CA THR D 20 5.75 8.57 3.96
C THR D 20 4.44 8.22 4.66
N VAL D 21 3.47 7.73 3.90
CA VAL D 21 2.17 7.36 4.47
C VAL D 21 2.23 6.02 5.20
N VAL D 22 2.76 5.01 4.52
CA VAL D 22 2.89 3.66 5.09
C VAL D 22 3.69 3.69 6.41
N SER D 23 4.48 4.73 6.62
CA SER D 23 5.28 4.86 7.84
C SER D 23 4.44 5.48 8.96
N ALA D 24 3.65 6.49 8.58
CA ALA D 24 2.78 7.19 9.53
C ALA D 24 1.75 6.25 10.15
N ILE D 25 1.24 5.30 9.36
CA ILE D 25 0.24 4.35 9.84
C ILE D 25 0.81 3.37 10.87
N THR D 26 2.04 2.89 10.63
CA THR D 26 2.69 1.95 11.54
C THR D 26 3.26 2.61 12.79
N LEU D 27 3.70 3.85 12.66
CA LEU D 27 4.26 4.59 13.77
C LEU D 27 3.16 5.23 14.62
N LEU D 28 2.15 5.78 13.97
CA LEU D 28 1.03 6.42 14.66
C LEU D 28 0.22 5.39 15.44
N VAL D 29 -0.02 4.24 14.80
CA VAL D 29 -0.80 3.17 15.43
C VAL D 29 -0.08 2.61 16.66
N SER D 30 1.23 2.44 16.55
CA SER D 30 2.04 1.91 17.65
C SER D 30 2.04 2.85 18.85
N MET D 31 2.03 4.15 18.60
CA MET D 31 2.03 5.15 19.66
C MET D 31 0.70 5.18 20.42
N ALA D 32 -0.40 5.25 19.67
CA ALA D 32 -1.72 5.30 20.27
C ALA D 32 -2.11 3.98 20.94
N PHE D 33 -1.78 2.88 20.28
CA PHE D 33 -2.10 1.54 20.80
C PHE D 33 -1.24 1.18 22.01
N LEU D 34 0.06 1.41 21.91
CA LEU D 34 0.98 1.10 23.00
C LEU D 34 0.64 1.88 24.27
N THR D 35 0.18 3.12 24.10
CA THR D 35 -0.19 3.96 25.24
C THR D 35 -1.44 3.43 25.92
N ALA D 36 -2.41 3.00 25.12
CA ALA D 36 -3.67 2.47 25.65
C ALA D 36 -3.45 1.16 26.38
N THR D 37 -2.78 0.21 25.71
CA THR D 37 -2.51 -1.09 26.30
C THR D 37 -1.62 -0.99 27.55
N ARG D 38 -0.51 -0.25 27.42
CA ARG D 38 0.43 -0.08 28.52
C ARG D 38 0.09 1.19 29.31
N MET E 1 -8.59 7.58 -31.77
CA MET E 1 -8.91 6.13 -31.91
C MET E 1 -7.76 5.27 -31.40
N LEU E 2 -6.54 5.65 -31.73
CA LEU E 2 -5.36 4.92 -31.29
C LEU E 2 -5.12 5.11 -29.79
N PRO E 3 -4.43 4.15 -29.13
CA PRO E 3 -4.15 4.25 -27.68
C PRO E 3 -3.06 5.27 -27.37
N PHE E 4 -2.60 5.28 -26.12
CA PHE E 4 -1.56 6.21 -25.68
C PHE E 4 -2.01 7.66 -25.85
N VAL E 5 -2.78 8.15 -24.89
CA VAL E 5 -3.28 9.52 -24.90
C VAL E 5 -2.65 10.35 -23.78
N GLN E 6 -2.75 9.85 -22.56
CA GLN E 6 -2.20 10.53 -21.39
C GLN E 6 -1.83 9.54 -20.30
N GLU E 7 -0.69 9.79 -19.64
CA GLU E 7 -0.20 8.93 -18.56
C GLU E 7 0.17 9.76 -17.33
N ARG E 8 0.71 10.96 -17.56
CA ARG E 8 1.11 11.86 -16.48
C ARG E 8 -0.06 12.13 -15.51
N ILE E 9 -1.20 12.51 -16.08
CA ILE E 9 -2.39 12.80 -15.28
C ILE E 9 -3.01 11.52 -14.69
N GLY E 10 -2.63 10.36 -15.23
CA GLY E 10 -3.17 9.09 -14.74
C GLY E 10 -2.43 8.59 -13.52
N LEU E 11 -1.10 8.52 -13.62
CA LEU E 11 -0.26 8.05 -12.51
C LEU E 11 -0.49 8.86 -11.23
N PHE E 12 -0.96 10.10 -11.39
CA PHE E 12 -1.23 10.97 -10.25
C PHE E 12 -2.50 10.53 -9.51
N ILE E 13 -3.44 9.94 -10.26
CA ILE E 13 -4.71 9.47 -9.68
C ILE E 13 -4.47 8.42 -8.62
N VAL E 14 -3.74 7.36 -8.98
CA VAL E 14 -3.45 6.28 -8.05
C VAL E 14 -2.65 6.76 -6.84
N ASN E 15 -1.65 7.61 -7.09
CA ASN E 15 -0.80 8.16 -6.02
C ASN E 15 -1.64 8.84 -4.93
N PHE E 16 -2.49 9.78 -5.35
CA PHE E 16 -3.34 10.51 -4.41
C PHE E 16 -4.48 9.64 -3.87
N PHE E 17 -4.97 8.71 -4.70
CA PHE E 17 -6.06 7.82 -4.31
C PHE E 17 -5.65 6.89 -3.16
N ILE E 18 -4.46 6.31 -3.25
CA ILE E 18 -3.97 5.40 -2.22
C ILE E 18 -3.78 6.13 -0.88
N PHE E 19 -3.41 7.40 -0.95
CA PHE E 19 -3.20 8.20 0.26
C PHE E 19 -4.48 8.27 1.11
N THR E 20 -5.59 8.48 0.42
CA THR E 20 -6.90 8.56 1.09
C THR E 20 -7.29 7.26 1.77
N VAL E 21 -6.93 6.13 1.17
CA VAL E 21 -7.26 4.82 1.73
C VAL E 21 -6.33 4.46 2.89
N VAL E 22 -5.02 4.58 2.65
CA VAL E 22 -4.01 4.27 3.67
C VAL E 22 -4.22 5.10 4.95
N SER E 23 -4.94 6.22 4.83
CA SER E 23 -5.20 7.08 5.97
C SER E 23 -6.42 6.57 6.74
N ALA E 24 -7.44 6.15 5.99
CA ALA E 24 -8.68 5.63 6.55
C ALA E 24 -8.44 4.37 7.40
N ILE E 25 -7.51 3.54 6.95
CA ILE E 25 -7.20 2.30 7.67
C ILE E 25 -6.51 2.56 9.02
N THR E 26 -5.59 3.53 9.05
CA THR E 26 -4.86 3.86 10.28
C THR E 26 -5.70 4.70 11.25
N LEU E 27 -6.58 5.53 10.71
CA LEU E 27 -7.43 6.38 11.54
C LEU E 27 -8.66 5.62 12.03
N LEU E 28 -9.25 4.82 11.16
CA LEU E 28 -10.43 4.04 11.50
C LEU E 28 -10.09 2.96 12.52
N VAL E 29 -8.94 2.31 12.33
CA VAL E 29 -8.50 1.25 13.23
C VAL E 29 -8.21 1.80 14.63
N SER E 30 -7.57 2.96 14.67
CA SER E 30 -7.22 3.61 15.94
C SER E 30 -8.47 3.99 16.74
N MET E 31 -9.51 4.43 16.03
CA MET E 31 -10.75 4.83 16.68
C MET E 31 -11.50 3.64 17.28
N ALA E 32 -11.68 2.59 16.48
CA ALA E 32 -12.38 1.39 16.93
C ALA E 32 -11.60 0.62 17.99
N PHE E 33 -10.30 0.51 17.79
CA PHE E 33 -9.43 -0.22 18.72
C PHE E 33 -9.25 0.53 20.04
N LEU E 34 -8.97 1.83 19.96
CA LEU E 34 -8.76 2.65 21.15
C LEU E 34 -10.02 2.67 22.03
N THR E 35 -11.19 2.65 21.41
CA THR E 35 -12.45 2.67 22.15
C THR E 35 -12.66 1.35 22.89
N ALA E 36 -12.33 0.24 22.22
CA ALA E 36 -12.49 -1.09 22.80
C ALA E 36 -11.53 -1.29 23.98
N THR E 37 -10.25 -1.03 23.73
CA THR E 37 -9.22 -1.19 24.76
C THR E 37 -9.45 -0.24 25.94
N ARG E 38 -9.66 1.04 25.64
CA ARG E 38 -9.89 2.05 26.67
C ARG E 38 -11.39 2.21 26.95
N MET A 1 -9.19 15.59 -22.64
CA MET A 1 -9.84 15.67 -23.98
C MET A 1 -10.00 14.27 -24.59
N LEU A 2 -9.04 13.39 -24.31
CA LEU A 2 -9.08 12.02 -24.83
C LEU A 2 -8.53 11.03 -23.80
N PRO A 3 -8.95 9.74 -23.86
CA PRO A 3 -8.47 8.72 -22.92
C PRO A 3 -7.05 8.28 -23.24
N PHE A 4 -6.07 9.03 -22.72
CA PHE A 4 -4.66 8.72 -22.94
C PHE A 4 -3.79 9.41 -21.90
N VAL A 5 -3.89 10.73 -21.85
CA VAL A 5 -3.11 11.53 -20.89
C VAL A 5 -3.84 11.64 -19.56
N GLN A 6 -5.16 11.81 -19.61
CA GLN A 6 -5.98 11.94 -18.41
C GLN A 6 -5.94 10.66 -17.59
N GLU A 7 -6.17 9.52 -18.24
CA GLU A 7 -6.15 8.23 -17.59
C GLU A 7 -5.87 7.10 -18.58
N ARG A 8 -5.90 5.86 -18.11
CA ARG A 8 -5.65 4.71 -18.97
C ARG A 8 -6.39 3.48 -18.44
N ILE A 9 -6.45 2.44 -19.26
CA ILE A 9 -7.14 1.20 -18.88
C ILE A 9 -6.25 0.32 -17.99
N GLY A 10 -4.92 0.45 -18.14
CA GLY A 10 -4.00 -0.35 -17.35
C GLY A 10 -3.75 0.24 -15.98
N LEU A 11 -3.26 1.49 -15.95
CA LEU A 11 -2.98 2.19 -14.70
C LEU A 11 -4.18 2.16 -13.74
N PHE A 12 -5.38 2.05 -14.29
CA PHE A 12 -6.60 2.01 -13.50
C PHE A 12 -6.76 0.67 -12.78
N ILE A 13 -6.21 -0.40 -13.37
CA ILE A 13 -6.31 -1.74 -12.79
C ILE A 13 -5.67 -1.79 -11.39
N VAL A 14 -4.41 -1.39 -11.30
CA VAL A 14 -3.70 -1.39 -10.03
C VAL A 14 -4.35 -0.45 -9.00
N ASN A 15 -4.69 0.75 -9.45
CA ASN A 15 -5.33 1.75 -8.60
C ASN A 15 -6.63 1.25 -7.98
N PHE A 16 -7.52 0.73 -8.81
CA PHE A 16 -8.81 0.22 -8.34
C PHE A 16 -8.67 -1.09 -7.57
N PHE A 17 -7.75 -1.94 -8.02
CA PHE A 17 -7.53 -3.24 -7.38
C PHE A 17 -7.04 -3.08 -5.93
N ILE A 18 -6.12 -2.15 -5.70
CA ILE A 18 -5.59 -1.93 -4.36
C ILE A 18 -6.67 -1.43 -3.38
N PHE A 19 -7.66 -0.71 -3.91
CA PHE A 19 -8.75 -0.18 -3.09
C PHE A 19 -9.55 -1.30 -2.42
N THR A 20 -9.91 -2.33 -3.20
CA THR A 20 -10.69 -3.45 -2.68
C THR A 20 -9.89 -4.28 -1.66
N VAL A 21 -8.57 -4.35 -1.84
CA VAL A 21 -7.71 -5.12 -0.93
C VAL A 21 -7.44 -4.35 0.37
N VAL A 22 -6.91 -3.13 0.23
CA VAL A 22 -6.58 -2.29 1.40
C VAL A 22 -7.75 -2.17 2.40
N SER A 23 -8.97 -2.42 1.93
CA SER A 23 -10.15 -2.35 2.79
C SER A 23 -10.22 -3.59 3.69
N ALA A 24 -9.89 -4.74 3.08
CA ALA A 24 -9.91 -6.02 3.79
C ALA A 24 -8.94 -6.02 4.98
N ILE A 25 -7.84 -5.28 4.85
CA ILE A 25 -6.83 -5.18 5.90
C ILE A 25 -7.35 -4.39 7.10
N THR A 26 -7.85 -3.19 6.84
CA THR A 26 -8.37 -2.32 7.89
C THR A 26 -9.63 -2.90 8.54
N LEU A 27 -10.43 -3.60 7.74
CA LEU A 27 -11.66 -4.20 8.21
C LEU A 27 -11.40 -5.51 8.95
N LEU A 28 -10.49 -6.32 8.43
CA LEU A 28 -10.17 -7.61 9.06
C LEU A 28 -9.50 -7.42 10.42
N VAL A 29 -8.62 -6.42 10.51
CA VAL A 29 -7.92 -6.14 11.76
C VAL A 29 -8.89 -5.66 12.84
N SER A 30 -9.78 -4.73 12.47
CA SER A 30 -10.76 -4.19 13.41
C SER A 30 -11.77 -5.26 13.83
N MET A 31 -12.15 -6.12 12.87
CA MET A 31 -13.10 -7.19 13.13
C MET A 31 -12.53 -8.18 14.14
N ALA A 32 -11.34 -8.70 13.84
CA ALA A 32 -10.67 -9.66 14.71
C ALA A 32 -10.40 -9.05 16.09
N PHE A 33 -10.09 -7.75 16.10
CA PHE A 33 -9.81 -7.04 17.35
C PHE A 33 -11.03 -7.07 18.28
N LEU A 34 -12.17 -6.66 17.75
CA LEU A 34 -13.41 -6.64 18.53
C LEU A 34 -13.85 -8.06 18.91
N THR A 35 -13.45 -9.05 18.12
CA THR A 35 -13.81 -10.44 18.38
C THR A 35 -13.24 -10.93 19.70
N ALA A 36 -11.93 -10.76 19.89
CA ALA A 36 -11.26 -11.21 21.11
C ALA A 36 -11.35 -10.16 22.22
N THR A 37 -11.23 -8.89 21.83
CA THR A 37 -11.29 -7.79 22.79
C THR A 37 -12.67 -7.70 23.45
N ARG A 38 -13.72 -7.98 22.67
CA ARG A 38 -15.09 -7.93 23.17
C ARG A 38 -15.96 -8.96 22.46
N MET B 1 -8.69 -4.59 -27.28
CA MET B 1 -8.50 -5.25 -28.60
C MET B 1 -7.13 -5.91 -28.69
N LEU B 2 -6.13 -5.30 -28.04
CA LEU B 2 -4.77 -5.84 -28.05
C LEU B 2 -4.07 -5.60 -26.70
N PRO B 3 -3.08 -6.44 -26.33
CA PRO B 3 -2.36 -6.29 -25.06
C PRO B 3 -1.38 -5.12 -25.10
N PHE B 4 -1.89 -3.92 -24.82
CA PHE B 4 -1.06 -2.72 -24.82
C PHE B 4 -1.73 -1.60 -24.02
N VAL B 5 -2.94 -1.24 -24.44
CA VAL B 5 -3.70 -0.18 -23.78
C VAL B 5 -4.52 -0.75 -22.62
N GLN B 6 -5.09 -1.93 -22.83
CA GLN B 6 -5.91 -2.59 -21.81
C GLN B 6 -5.07 -2.94 -20.58
N GLU B 7 -3.93 -3.57 -20.82
CA GLU B 7 -3.03 -3.97 -19.74
C GLU B 7 -1.60 -4.14 -20.27
N ARG B 8 -0.69 -4.58 -19.39
CA ARG B 8 0.70 -4.78 -19.76
C ARG B 8 1.32 -5.87 -18.89
N ILE B 9 2.50 -6.34 -19.29
CA ILE B 9 3.20 -7.38 -18.55
C ILE B 9 3.97 -6.80 -17.35
N GLY B 10 4.35 -5.53 -17.44
CA GLY B 10 5.09 -4.89 -16.35
C GLY B 10 4.17 -4.36 -15.27
N LEU B 11 3.25 -3.49 -15.65
CA LEU B 11 2.29 -2.90 -14.70
C LEU B 11 1.56 -3.97 -13.88
N PHE B 12 1.44 -5.18 -14.44
CA PHE B 12 0.77 -6.29 -13.77
C PHE B 12 1.63 -6.86 -12.64
N ILE B 13 2.97 -6.75 -12.78
CA ILE B 13 3.89 -7.26 -11.77
C ILE B 13 3.66 -6.60 -10.41
N VAL B 14 3.70 -5.27 -10.37
CA VAL B 14 3.50 -4.53 -9.13
C VAL B 14 2.10 -4.76 -8.55
N ASN B 15 1.09 -4.69 -9.42
CA ASN B 15 -0.30 -4.89 -9.01
C ASN B 15 -0.53 -6.25 -8.35
N PHE B 16 -0.08 -7.31 -9.01
CA PHE B 16 -0.25 -8.68 -8.49
C PHE B 16 0.67 -8.95 -7.30
N PHE B 17 1.89 -8.40 -7.34
CA PHE B 17 2.87 -8.60 -6.28
C PHE B 17 2.39 -8.01 -4.95
N ILE B 18 1.80 -6.81 -5.00
CA ILE B 18 1.32 -6.15 -3.78
C ILE B 18 0.18 -6.94 -3.13
N PHE B 19 -0.60 -7.65 -3.94
CA PHE B 19 -1.73 -8.44 -3.43
C PHE B 19 -1.26 -9.55 -2.48
N THR B 20 -0.22 -10.28 -2.87
CA THR B 20 0.30 -11.36 -2.04
C THR B 20 0.94 -10.84 -0.74
N VAL B 21 1.52 -9.63 -0.79
CA VAL B 21 2.16 -9.05 0.39
C VAL B 21 1.12 -8.44 1.35
N VAL B 22 0.29 -7.54 0.84
CA VAL B 22 -0.75 -6.88 1.65
C VAL B 22 -1.60 -7.86 2.46
N SER B 23 -1.63 -9.12 2.02
CA SER B 23 -2.41 -10.15 2.72
C SER B 23 -1.67 -10.60 3.97
N ALA B 24 -0.34 -10.72 3.85
CA ALA B 24 0.51 -11.14 4.96
C ALA B 24 0.42 -10.15 6.14
N ILE B 25 0.20 -8.88 5.83
CA ILE B 25 0.10 -7.84 6.84
C ILE B 25 -1.20 -7.99 7.65
N THR B 26 -2.32 -8.05 6.95
CA THR B 26 -3.63 -8.18 7.59
C THR B 26 -3.79 -9.52 8.31
N LEU B 27 -3.17 -10.55 7.76
CA LEU B 27 -3.23 -11.89 8.32
C LEU B 27 -2.27 -12.06 9.50
N LEU B 28 -1.06 -11.51 9.36
CA LEU B 28 -0.05 -11.62 10.41
C LEU B 28 -0.47 -10.84 11.66
N VAL B 29 -1.08 -9.67 11.46
CA VAL B 29 -1.52 -8.84 12.58
C VAL B 29 -2.66 -9.53 13.35
N SER B 30 -3.64 -10.06 12.62
CA SER B 30 -4.78 -10.74 13.22
C SER B 30 -4.33 -12.03 13.92
N MET B 31 -3.38 -12.73 13.31
CA MET B 31 -2.87 -13.98 13.87
C MET B 31 -2.16 -13.73 15.19
N ALA B 32 -1.20 -12.80 15.17
CA ALA B 32 -0.44 -12.45 16.37
C ALA B 32 -1.36 -11.92 17.46
N PHE B 33 -2.39 -11.17 17.05
CA PHE B 33 -3.36 -10.60 17.97
C PHE B 33 -4.08 -11.70 18.77
N LEU B 34 -4.65 -12.66 18.05
CA LEU B 34 -5.36 -13.76 18.69
C LEU B 34 -4.42 -14.64 19.51
N THR B 35 -3.14 -14.65 19.13
CA THR B 35 -2.14 -15.45 19.85
C THR B 35 -1.98 -15.01 21.31
N ALA B 36 -1.75 -13.72 21.50
CA ALA B 36 -1.57 -13.16 22.86
C ALA B 36 -2.91 -12.83 23.51
N THR B 37 -3.83 -12.30 22.72
CA THR B 37 -5.15 -11.93 23.21
C THR B 37 -5.94 -13.15 23.69
N ARG B 38 -5.77 -14.27 23.00
CA ARG B 38 -6.45 -15.51 23.35
C ARG B 38 -5.61 -16.72 22.99
N MET C 1 10.69 -11.32 -24.46
CA MET C 1 11.80 -11.45 -25.45
C MET C 1 12.88 -10.39 -25.19
N LEU C 2 12.46 -9.21 -24.74
CA LEU C 2 13.39 -8.12 -24.46
C LEU C 2 12.95 -7.31 -23.23
N PRO C 3 13.89 -6.65 -22.52
CA PRO C 3 13.55 -5.85 -21.34
C PRO C 3 12.88 -4.52 -21.72
N PHE C 4 11.57 -4.56 -21.91
CA PHE C 4 10.80 -3.38 -22.28
C PHE C 4 9.32 -3.58 -21.97
N VAL C 5 8.73 -4.61 -22.58
CA VAL C 5 7.32 -4.92 -22.39
C VAL C 5 7.13 -5.82 -21.16
N GLN C 6 8.03 -6.78 -20.98
CA GLN C 6 7.96 -7.71 -19.86
C GLN C 6 8.12 -6.97 -18.53
N GLU C 7 9.15 -6.12 -18.45
CA GLU C 7 9.42 -5.36 -17.24
C GLU C 7 10.24 -4.11 -17.56
N ARG C 8 10.62 -3.37 -16.53
CA ARG C 8 11.41 -2.15 -16.71
C ARG C 8 12.25 -1.88 -15.47
N ILE C 9 13.21 -0.96 -15.59
CA ILE C 9 14.09 -0.62 -14.48
C ILE C 9 13.42 0.37 -13.51
N GLY C 10 12.48 1.17 -14.02
CA GLY C 10 11.78 2.13 -13.18
C GLY C 10 10.64 1.52 -12.41
N LEU C 11 9.69 0.92 -13.15
CA LEU C 11 8.52 0.29 -12.54
C LEU C 11 8.91 -0.72 -11.44
N PHE C 12 10.12 -1.27 -11.55
CA PHE C 12 10.62 -2.24 -10.58
C PHE C 12 11.01 -1.57 -9.27
N ILE C 13 11.41 -0.29 -9.34
CA ILE C 13 11.82 0.47 -8.15
C ILE C 13 10.68 0.55 -7.13
N VAL C 14 9.54 1.06 -7.56
CA VAL C 14 8.38 1.20 -6.68
C VAL C 14 7.89 -0.17 -6.16
N ASN C 15 7.79 -1.14 -7.06
CA ASN C 15 7.35 -2.48 -6.71
C ASN C 15 8.22 -3.13 -5.63
N PHE C 16 9.53 -3.12 -5.85
CA PHE C 16 10.47 -3.70 -4.89
C PHE C 16 10.60 -2.87 -3.62
N PHE C 17 10.56 -1.55 -3.76
CA PHE C 17 10.69 -0.64 -2.62
C PHE C 17 9.54 -0.80 -1.63
N ILE C 18 8.31 -0.94 -2.14
CA ILE C 18 7.15 -1.10 -1.27
C ILE C 18 7.21 -2.40 -0.47
N PHE C 19 7.85 -3.42 -1.02
CA PHE C 19 7.97 -4.73 -0.36
C PHE C 19 8.76 -4.61 0.97
N THR C 20 9.89 -3.91 0.93
CA THR C 20 10.71 -3.74 2.12
C THR C 20 10.03 -2.89 3.19
N VAL C 21 9.19 -1.93 2.76
CA VAL C 21 8.47 -1.07 3.71
C VAL C 21 7.25 -1.77 4.31
N VAL C 22 6.36 -2.27 3.45
CA VAL C 22 5.15 -2.97 3.91
C VAL C 22 5.44 -4.06 4.95
N SER C 23 6.67 -4.56 4.99
CA SER C 23 7.05 -5.58 5.95
C SER C 23 7.25 -4.97 7.32
N ALA C 24 7.85 -3.78 7.34
CA ALA C 24 8.11 -3.05 8.59
C ALA C 24 6.81 -2.74 9.34
N ILE C 25 5.73 -2.52 8.58
CA ILE C 25 4.43 -2.21 9.16
C ILE C 25 3.83 -3.42 9.87
N THR C 26 3.76 -4.54 9.16
CA THR C 26 3.19 -5.77 9.71
C THR C 26 4.05 -6.34 10.84
N LEU C 27 5.36 -6.14 10.72
CA LEU C 27 6.30 -6.63 11.72
C LEU C 27 6.37 -5.71 12.94
N LEU C 28 6.35 -4.40 12.71
CA LEU C 28 6.40 -3.43 13.80
C LEU C 28 5.15 -3.49 14.66
N VAL C 29 3.99 -3.66 14.03
CA VAL C 29 2.72 -3.73 14.75
C VAL C 29 2.66 -4.98 15.62
N SER C 30 3.04 -6.12 15.05
CA SER C 30 3.04 -7.39 15.79
C SER C 30 4.06 -7.38 16.92
N MET C 31 5.21 -6.76 16.66
CA MET C 31 6.28 -6.68 17.67
C MET C 31 5.83 -5.86 18.86
N ALA C 32 5.37 -4.64 18.59
CA ALA C 32 4.89 -3.74 19.63
C ALA C 32 3.72 -4.35 20.40
N PHE C 33 2.87 -5.08 19.68
CA PHE C 33 1.71 -5.75 20.27
C PHE C 33 2.14 -6.75 21.35
N LEU C 34 3.04 -7.65 20.97
CA LEU C 34 3.53 -8.66 21.90
C LEU C 34 4.33 -8.03 23.05
N THR C 35 4.91 -6.85 22.80
CA THR C 35 5.69 -6.16 23.82
C THR C 35 4.84 -5.76 25.03
N ALA C 36 3.72 -5.08 24.78
CA ALA C 36 2.83 -4.65 25.85
C ALA C 36 1.85 -5.75 26.25
N THR C 37 1.35 -6.48 25.27
CA THR C 37 0.40 -7.57 25.51
C THR C 37 1.03 -8.69 26.32
N ARG C 38 2.31 -8.96 26.07
CA ARG C 38 3.03 -10.01 26.80
C ARG C 38 4.51 -9.65 26.95
N MET D 1 22.17 4.70 -18.08
CA MET D 1 23.01 5.63 -18.88
C MET D 1 22.37 7.02 -18.94
N LEU D 2 21.04 7.07 -18.97
CA LEU D 2 20.31 8.34 -19.02
C LEU D 2 19.01 8.26 -18.20
N PRO D 3 18.50 9.42 -17.70
CA PRO D 3 17.28 9.44 -16.90
C PRO D 3 16.03 9.25 -17.76
N PHE D 4 15.68 7.99 -18.03
CA PHE D 4 14.52 7.66 -18.84
C PHE D 4 14.09 6.22 -18.60
N VAL D 5 15.00 5.29 -18.84
CA VAL D 5 14.71 3.86 -18.64
C VAL D 5 15.00 3.44 -17.21
N GLN D 6 16.08 3.97 -16.63
CA GLN D 6 16.46 3.66 -15.26
C GLN D 6 15.40 4.13 -14.27
N GLU D 7 14.99 5.39 -14.41
CA GLU D 7 13.98 5.97 -13.54
C GLU D 7 13.31 7.16 -14.22
N ARG D 8 12.41 7.83 -13.49
CA ARG D 8 11.69 8.98 -14.03
C ARG D 8 11.30 9.93 -12.90
N ILE D 9 10.87 11.13 -13.28
CA ILE D 9 10.48 12.15 -12.30
C ILE D 9 9.05 11.92 -11.79
N GLY D 10 8.21 11.28 -12.61
CA GLY D 10 6.84 11.01 -12.22
C GLY D 10 6.71 9.76 -11.36
N LEU D 11 7.16 8.63 -11.91
CA LEU D 11 7.10 7.34 -11.20
C LEU D 11 7.73 7.43 -9.80
N PHE D 12 8.65 8.37 -9.62
CA PHE D 12 9.33 8.57 -8.33
C PHE D 12 8.41 9.24 -7.32
N ILE D 13 7.46 10.05 -7.81
CA ILE D 13 6.51 10.76 -6.94
C ILE D 13 5.69 9.79 -6.09
N VAL D 14 5.01 8.85 -6.75
CA VAL D 14 4.18 7.87 -6.06
C VAL D 14 5.02 6.98 -5.14
N ASN D 15 6.16 6.50 -5.65
CA ASN D 15 7.05 5.64 -4.87
C ASN D 15 7.53 6.31 -3.57
N PHE D 16 8.04 7.52 -3.69
CA PHE D 16 8.53 8.26 -2.51
C PHE D 16 7.40 8.74 -1.61
N PHE D 17 6.29 9.15 -2.22
CA PHE D 17 5.14 9.64 -1.47
C PHE D 17 4.53 8.57 -0.56
N ILE D 18 4.42 7.35 -1.08
CA ILE D 18 3.84 6.25 -0.30
C ILE D 18 4.72 5.91 0.92
N PHE D 19 6.02 6.12 0.80
CA PHE D 19 6.96 5.83 1.89
C PHE D 19 6.66 6.68 3.13
N THR D 20 6.45 7.98 2.94
CA THR D 20 6.16 8.88 4.05
C THR D 20 4.80 8.58 4.69
N VAL D 21 3.84 8.11 3.91
CA VAL D 21 2.51 7.80 4.43
C VAL D 21 2.49 6.45 5.16
N VAL D 22 2.92 5.39 4.48
CA VAL D 22 2.95 4.03 5.05
C VAL D 22 3.63 3.98 6.43
N SER D 23 4.47 4.98 6.73
CA SER D 23 5.17 5.04 8.01
C SER D 23 4.20 5.51 9.10
N ALA D 24 3.37 6.49 8.74
CA ALA D 24 2.38 7.06 9.66
C ALA D 24 1.40 5.99 10.15
N ILE D 25 1.11 5.01 9.30
CA ILE D 25 0.19 3.93 9.63
C ILE D 25 0.79 3.00 10.69
N THR D 26 1.99 2.50 10.41
CA THR D 26 2.68 1.58 11.33
C THR D 26 3.06 2.25 12.63
N LEU D 27 3.37 3.55 12.56
CA LEU D 27 3.77 4.31 13.71
C LEU D 27 2.56 4.76 14.55
N LEU D 28 1.49 5.18 13.86
CA LEU D 28 0.28 5.63 14.54
C LEU D 28 -0.41 4.48 15.28
N VAL D 29 -0.42 3.30 14.66
CA VAL D 29 -1.05 2.13 15.26
C VAL D 29 -0.29 1.70 16.53
N SER D 30 1.03 1.63 16.42
CA SER D 30 1.87 1.23 17.56
C SER D 30 1.81 2.27 18.68
N MET D 31 1.76 3.54 18.30
CA MET D 31 1.70 4.63 19.28
C MET D 31 0.41 4.56 20.07
N ALA D 32 -0.71 4.52 19.36
CA ALA D 32 -2.04 4.46 19.98
C ALA D 32 -2.17 3.19 20.84
N PHE D 33 -1.56 2.10 20.36
CA PHE D 33 -1.60 0.82 21.07
C PHE D 33 -0.97 0.94 22.44
N LEU D 34 0.26 1.45 22.48
CA LEU D 34 0.99 1.62 23.74
C LEU D 34 0.30 2.64 24.65
N THR D 35 -0.43 3.58 24.04
CA THR D 35 -1.14 4.62 24.79
C THR D 35 -2.20 4.02 25.73
N ALA D 36 -3.08 3.20 25.18
CA ALA D 36 -4.14 2.57 25.97
C ALA D 36 -3.66 1.29 26.65
N THR D 37 -2.85 0.52 25.95
CA THR D 37 -2.32 -0.73 26.49
C THR D 37 -1.41 -0.47 27.70
N ARG D 38 -0.65 0.62 27.65
CA ARG D 38 0.25 0.97 28.75
C ARG D 38 0.39 2.49 28.86
N MET E 1 9.88 21.34 -16.96
CA MET E 1 9.63 22.39 -17.97
C MET E 1 8.23 22.27 -18.57
N LEU E 2 7.74 21.03 -18.70
CA LEU E 2 6.42 20.78 -19.25
C LEU E 2 5.75 19.60 -18.54
N PRO E 3 4.39 19.54 -18.52
CA PRO E 3 3.66 18.44 -17.88
C PRO E 3 3.71 17.16 -18.70
N PHE E 4 4.78 16.40 -18.52
CA PHE E 4 4.96 15.14 -19.25
C PHE E 4 5.98 14.25 -18.54
N VAL E 5 7.19 14.77 -18.37
CA VAL E 5 8.27 14.03 -17.72
C VAL E 5 8.22 14.23 -16.21
N GLN E 6 7.92 15.46 -15.78
CA GLN E 6 7.84 15.79 -14.37
C GLN E 6 6.71 15.03 -13.68
N GLU E 7 5.53 15.06 -14.29
CA GLU E 7 4.37 14.37 -13.75
C GLU E 7 3.35 14.09 -14.85
N ARG E 8 2.20 13.53 -14.47
CA ARG E 8 1.14 13.21 -15.43
C ARG E 8 -0.22 13.25 -14.74
N ILE E 9 -1.27 13.24 -15.55
CA ILE E 9 -2.65 13.27 -15.01
C ILE E 9 -3.10 11.89 -14.55
N GLY E 10 -2.55 10.83 -15.16
CA GLY E 10 -2.92 9.47 -14.80
C GLY E 10 -2.18 8.98 -13.57
N LEU E 11 -0.85 8.97 -13.65
CA LEU E 11 0.00 8.52 -12.53
C LEU E 11 -0.37 9.21 -11.21
N PHE E 12 -0.92 10.42 -11.31
CA PHE E 12 -1.32 11.19 -10.14
C PHE E 12 -2.58 10.62 -9.49
N ILE E 13 -3.43 9.98 -10.30
CA ILE E 13 -4.69 9.40 -9.80
C ILE E 13 -4.42 8.33 -8.73
N VAL E 14 -3.60 7.34 -9.07
CA VAL E 14 -3.27 6.27 -8.13
C VAL E 14 -2.55 6.81 -6.89
N ASN E 15 -1.56 7.67 -7.12
CA ASN E 15 -0.78 8.26 -6.03
C ASN E 15 -1.66 9.01 -5.02
N PHE E 16 -2.51 9.90 -5.52
CA PHE E 16 -3.38 10.68 -4.65
C PHE E 16 -4.52 9.84 -4.06
N PHE E 17 -5.04 8.90 -4.85
CA PHE E 17 -6.12 8.04 -4.40
C PHE E 17 -5.72 7.16 -3.22
N ILE E 18 -4.50 6.59 -3.28
CA ILE E 18 -4.03 5.73 -2.20
C ILE E 18 -3.85 6.50 -0.88
N PHE E 19 -3.56 7.80 -0.98
CA PHE E 19 -3.37 8.64 0.20
C PHE E 19 -4.65 8.73 1.05
N THR E 20 -5.78 8.96 0.39
CA THR E 20 -7.07 9.07 1.08
C THR E 20 -7.51 7.73 1.70
N VAL E 21 -7.13 6.61 1.07
CA VAL E 21 -7.50 5.29 1.57
C VAL E 21 -6.59 4.85 2.72
N VAL E 22 -5.28 4.85 2.49
CA VAL E 22 -4.29 4.45 3.50
C VAL E 22 -4.51 5.16 4.85
N SER E 23 -5.20 6.30 4.84
CA SER E 23 -5.46 7.04 6.07
C SER E 23 -6.59 6.37 6.85
N ALA E 24 -7.60 5.90 6.11
CA ALA E 24 -8.76 5.23 6.71
C ALA E 24 -8.33 3.96 7.46
N ILE E 25 -7.28 3.31 6.99
CA ILE E 25 -6.77 2.09 7.62
C ILE E 25 -6.12 2.40 8.97
N THR E 26 -5.18 3.34 8.98
CA THR E 26 -4.48 3.71 10.20
C THR E 26 -5.40 4.39 11.21
N LEU E 27 -6.38 5.11 10.71
CA LEU E 27 -7.33 5.81 11.55
C LEU E 27 -8.42 4.88 12.08
N LEU E 28 -8.91 3.99 11.22
CA LEU E 28 -9.96 3.05 11.61
C LEU E 28 -9.46 2.06 12.65
N VAL E 29 -8.22 1.60 12.49
CA VAL E 29 -7.63 0.65 13.42
C VAL E 29 -7.43 1.27 14.81
N SER E 30 -6.88 2.49 14.82
CA SER E 30 -6.65 3.21 16.08
C SER E 30 -7.97 3.57 16.76
N MET E 31 -8.97 3.94 15.96
CA MET E 31 -10.28 4.31 16.48
C MET E 31 -10.94 3.12 17.16
N ALA E 32 -11.04 2.02 16.42
CA ALA E 32 -11.65 0.79 16.94
C ALA E 32 -10.90 0.28 18.17
N PHE E 33 -9.57 0.45 18.15
CA PHE E 33 -8.72 0.01 19.26
C PHE E 33 -9.10 0.74 20.55
N LEU E 34 -9.14 2.06 20.49
CA LEU E 34 -9.49 2.88 21.65
C LEU E 34 -10.93 2.63 22.09
N THR E 35 -11.79 2.23 21.15
CA THR E 35 -13.19 1.97 21.43
C THR E 35 -13.37 0.82 22.44
N ALA E 36 -12.76 -0.32 22.16
CA ALA E 36 -12.85 -1.48 23.03
C ALA E 36 -11.82 -1.43 24.17
N THR E 37 -10.62 -0.97 23.84
CA THR E 37 -9.54 -0.86 24.82
C THR E 37 -9.88 0.14 25.92
N ARG E 38 -10.56 1.22 25.55
CA ARG E 38 -10.95 2.26 26.51
C ARG E 38 -12.26 2.92 26.09
N MET A 1 -9.25 5.22 -31.39
CA MET A 1 -8.01 5.93 -30.96
C MET A 1 -6.77 5.10 -31.24
N LEU A 2 -6.78 3.86 -30.76
CA LEU A 2 -5.65 2.94 -30.95
C LEU A 2 -4.35 3.51 -30.35
N PRO A 3 -4.19 3.47 -29.00
CA PRO A 3 -3.00 4.00 -28.33
C PRO A 3 -1.71 3.33 -28.83
N PHE A 4 -0.61 4.08 -28.81
CA PHE A 4 0.68 3.57 -29.27
C PHE A 4 1.18 2.47 -28.33
N VAL A 5 0.97 2.65 -27.04
CA VAL A 5 1.39 1.68 -26.03
C VAL A 5 0.35 1.55 -24.92
N GLN A 6 -0.04 0.32 -24.61
CA GLN A 6 -1.03 0.07 -23.56
C GLN A 6 -0.44 0.31 -22.18
N GLU A 7 -1.05 1.24 -21.44
CA GLU A 7 -0.60 1.58 -20.09
C GLU A 7 -1.78 1.96 -19.21
N ARG A 8 -2.75 2.67 -19.79
CA ARG A 8 -3.95 3.11 -19.08
C ARG A 8 -4.71 1.91 -18.51
N ILE A 9 -4.80 0.84 -19.29
CA ILE A 9 -5.50 -0.37 -18.87
C ILE A 9 -4.75 -1.08 -17.74
N GLY A 10 -3.43 -0.84 -17.65
CA GLY A 10 -2.63 -1.46 -16.61
C GLY A 10 -2.69 -0.71 -15.29
N LEU A 11 -2.57 0.61 -15.36
CA LEU A 11 -2.61 1.44 -14.16
C LEU A 11 -4.02 1.46 -13.55
N PHE A 12 -5.03 1.26 -14.39
CA PHE A 12 -6.42 1.25 -13.95
C PHE A 12 -6.69 0.08 -13.01
N ILE A 13 -6.15 -1.09 -13.35
CA ILE A 13 -6.35 -2.29 -12.52
C ILE A 13 -5.59 -2.20 -11.20
N VAL A 14 -4.47 -1.48 -11.18
CA VAL A 14 -3.68 -1.34 -9.95
C VAL A 14 -4.42 -0.46 -8.95
N ASN A 15 -4.87 0.71 -9.42
CA ASN A 15 -5.60 1.67 -8.58
C ASN A 15 -6.79 1.00 -7.88
N PHE A 16 -7.58 0.26 -8.66
CA PHE A 16 -8.75 -0.43 -8.12
C PHE A 16 -8.33 -1.62 -7.24
N PHE A 17 -7.20 -2.25 -7.57
CA PHE A 17 -6.71 -3.40 -6.81
C PHE A 17 -6.23 -2.99 -5.41
N ILE A 18 -5.62 -1.82 -5.30
CA ILE A 18 -5.12 -1.35 -4.01
C ILE A 18 -6.29 -0.97 -3.09
N PHE A 19 -7.34 -0.41 -3.66
CA PHE A 19 -8.52 -0.01 -2.89
C PHE A 19 -9.22 -1.24 -2.29
N THR A 20 -9.33 -2.29 -3.10
CA THR A 20 -9.98 -3.52 -2.65
C THR A 20 -9.23 -4.20 -1.50
N VAL A 21 -7.90 -4.22 -1.58
CA VAL A 21 -7.09 -4.85 -0.55
C VAL A 21 -6.95 -3.97 0.69
N VAL A 22 -6.60 -2.71 0.50
CA VAL A 22 -6.45 -1.76 1.61
C VAL A 22 -7.70 -1.69 2.50
N SER A 23 -8.85 -2.09 1.95
CA SER A 23 -10.10 -2.09 2.70
C SER A 23 -10.23 -3.37 3.52
N ALA A 24 -9.87 -4.49 2.91
CA ALA A 24 -9.95 -5.80 3.57
C ALA A 24 -9.02 -5.88 4.77
N ILE A 25 -7.85 -5.25 4.67
CA ILE A 25 -6.88 -5.26 5.76
C ILE A 25 -7.37 -4.45 6.96
N THR A 26 -7.93 -3.27 6.70
CA THR A 26 -8.43 -2.40 7.75
C THR A 26 -9.75 -2.90 8.33
N LEU A 27 -10.56 -3.51 7.48
CA LEU A 27 -11.85 -4.04 7.89
C LEU A 27 -11.70 -5.37 8.62
N LEU A 28 -10.79 -6.21 8.15
CA LEU A 28 -10.54 -7.51 8.76
C LEU A 28 -9.95 -7.37 10.15
N VAL A 29 -9.02 -6.43 10.30
CA VAL A 29 -8.37 -6.20 11.59
C VAL A 29 -9.36 -5.62 12.61
N SER A 30 -10.27 -4.78 12.14
CA SER A 30 -11.27 -4.17 13.01
C SER A 30 -12.22 -5.22 13.59
N MET A 31 -12.63 -6.17 12.74
CA MET A 31 -13.54 -7.23 13.15
C MET A 31 -12.85 -8.17 14.14
N ALA A 32 -11.62 -8.57 13.82
CA ALA A 32 -10.86 -9.47 14.68
C ALA A 32 -10.56 -8.83 16.04
N PHE A 33 -10.26 -7.53 16.03
CA PHE A 33 -9.96 -6.81 17.25
C PHE A 33 -11.17 -6.75 18.18
N LEU A 34 -12.23 -6.10 17.71
CA LEU A 34 -13.46 -5.94 18.49
C LEU A 34 -14.06 -7.30 18.89
N THR A 35 -13.82 -8.33 18.10
CA THR A 35 -14.35 -9.66 18.40
C THR A 35 -13.71 -10.26 19.65
N ALA A 36 -12.41 -10.02 19.82
CA ALA A 36 -11.68 -10.53 20.98
C ALA A 36 -11.83 -9.61 22.18
N THR A 37 -11.68 -8.31 21.96
CA THR A 37 -11.81 -7.32 23.02
C THR A 37 -13.23 -7.28 23.58
N ARG A 38 -14.21 -7.43 22.69
CA ARG A 38 -15.62 -7.42 23.09
C ARG A 38 -16.01 -6.07 23.71
N MET B 1 3.42 -8.72 -31.78
CA MET B 1 3.07 -7.28 -31.55
C MET B 1 4.32 -6.43 -31.44
N LEU B 2 5.22 -6.82 -30.54
CA LEU B 2 6.47 -6.10 -30.31
C LEU B 2 6.21 -4.65 -29.87
N PRO B 3 5.82 -4.44 -28.58
CA PRO B 3 5.54 -3.09 -28.06
C PRO B 3 6.74 -2.15 -28.20
N PHE B 4 6.45 -0.86 -28.38
CA PHE B 4 7.50 0.14 -28.52
C PHE B 4 8.30 0.30 -27.24
N VAL B 5 7.60 0.23 -26.10
CA VAL B 5 8.24 0.35 -24.79
C VAL B 5 7.59 -0.60 -23.78
N GLN B 6 8.42 -1.37 -23.08
CA GLN B 6 7.93 -2.32 -22.10
C GLN B 6 7.44 -1.60 -20.84
N GLU B 7 6.16 -1.81 -20.52
CA GLU B 7 5.54 -1.19 -19.35
C GLU B 7 4.49 -2.12 -18.74
N ARG B 8 3.75 -2.81 -19.61
CA ARG B 8 2.70 -3.75 -19.18
C ARG B 8 3.28 -4.84 -18.28
N ILE B 9 4.46 -5.34 -18.64
CA ILE B 9 5.13 -6.39 -17.87
C ILE B 9 5.60 -5.86 -16.50
N GLY B 10 5.81 -4.54 -16.41
CA GLY B 10 6.27 -3.94 -15.17
C GLY B 10 5.12 -3.65 -14.22
N LEU B 11 4.03 -3.10 -14.73
CA LEU B 11 2.87 -2.78 -13.91
C LEU B 11 2.16 -4.06 -13.45
N PHE B 12 2.29 -5.13 -14.23
CA PHE B 12 1.66 -6.41 -13.91
C PHE B 12 2.26 -7.01 -12.64
N ILE B 13 3.58 -6.92 -12.50
CA ILE B 13 4.27 -7.47 -11.33
C ILE B 13 3.97 -6.66 -10.07
N VAL B 14 3.72 -5.36 -10.23
CA VAL B 14 3.44 -4.49 -9.08
C VAL B 14 2.06 -4.82 -8.51
N ASN B 15 1.06 -4.87 -9.39
CA ASN B 15 -0.33 -5.18 -8.99
C ASN B 15 -0.40 -6.49 -8.19
N PHE B 16 0.24 -7.52 -8.70
CA PHE B 16 0.27 -8.83 -8.04
C PHE B 16 1.13 -8.79 -6.78
N PHE B 17 2.19 -7.96 -6.78
CA PHE B 17 3.09 -7.85 -5.63
C PHE B 17 2.40 -7.19 -4.44
N ILE B 18 1.54 -6.20 -4.70
CA ILE B 18 0.84 -5.50 -3.63
C ILE B 18 -0.20 -6.41 -2.98
N PHE B 19 -0.85 -7.24 -3.79
CA PHE B 19 -1.87 -8.17 -3.29
C PHE B 19 -1.26 -9.21 -2.36
N THR B 20 -0.09 -9.72 -2.74
CA THR B 20 0.60 -10.73 -1.94
C THR B 20 1.03 -10.18 -0.58
N VAL B 21 1.54 -8.95 -0.55
CA VAL B 21 2.00 -8.34 0.69
C VAL B 21 0.83 -7.85 1.55
N VAL B 22 -0.08 -7.09 0.95
CA VAL B 22 -1.24 -6.55 1.67
C VAL B 22 -2.04 -7.65 2.39
N SER B 23 -1.89 -8.90 1.94
CA SER B 23 -2.58 -10.02 2.55
C SER B 23 -1.81 -10.55 3.75
N ALA B 24 -0.49 -10.63 3.60
CA ALA B 24 0.39 -11.11 4.66
C ALA B 24 0.35 -10.19 5.88
N ILE B 25 0.24 -8.88 5.64
CA ILE B 25 0.19 -7.91 6.73
C ILE B 25 -1.11 -8.02 7.54
N THR B 26 -2.23 -8.16 6.84
CA THR B 26 -3.54 -8.28 7.48
C THR B 26 -3.75 -9.65 8.11
N LEU B 27 -3.20 -10.67 7.47
CA LEU B 27 -3.33 -12.04 7.95
C LEU B 27 -2.38 -12.31 9.12
N LEU B 28 -1.16 -11.76 9.03
CA LEU B 28 -0.16 -11.95 10.07
C LEU B 28 -0.58 -11.27 11.36
N VAL B 29 -1.13 -10.05 11.25
CA VAL B 29 -1.57 -9.30 12.40
C VAL B 29 -2.76 -9.96 13.09
N SER B 30 -3.65 -10.57 12.29
CA SER B 30 -4.83 -11.24 12.81
C SER B 30 -4.43 -12.46 13.65
N MET B 31 -3.45 -13.21 13.17
CA MET B 31 -2.98 -14.40 13.86
C MET B 31 -2.28 -14.02 15.17
N ALA B 32 -1.40 -13.03 15.10
CA ALA B 32 -0.66 -12.56 16.26
C ALA B 32 -1.60 -11.99 17.33
N PHE B 33 -2.62 -11.26 16.89
CA PHE B 33 -3.59 -10.66 17.79
C PHE B 33 -4.39 -11.73 18.56
N LEU B 34 -5.14 -12.52 17.80
CA LEU B 34 -5.97 -13.58 18.39
C LEU B 34 -5.15 -14.58 19.21
N THR B 35 -3.87 -14.75 18.84
CA THR B 35 -3.01 -15.70 19.56
C THR B 35 -2.72 -15.22 20.98
N ALA B 36 -2.54 -13.91 21.14
CA ALA B 36 -2.24 -13.33 22.46
C ALA B 36 -3.53 -13.09 23.25
N THR B 37 -4.53 -12.52 22.59
CA THR B 37 -5.82 -12.23 23.24
C THR B 37 -6.54 -13.52 23.64
N ARG B 38 -6.42 -14.55 22.79
CA ARG B 38 -7.06 -15.84 23.06
C ARG B 38 -8.58 -15.70 23.13
N MET C 1 20.02 -1.65 -26.35
CA MET C 1 18.57 -1.48 -26.67
C MET C 1 18.21 0.00 -26.77
N LEU C 2 18.55 0.76 -25.72
CA LEU C 2 18.26 2.20 -25.68
C LEU C 2 16.75 2.47 -25.80
N PRO C 3 15.97 2.25 -24.70
CA PRO C 3 14.53 2.48 -24.71
C PRO C 3 14.16 3.92 -25.10
N PHE C 4 13.01 4.09 -25.73
CA PHE C 4 12.54 5.41 -26.14
C PHE C 4 12.22 6.28 -24.93
N VAL C 5 11.64 5.68 -23.90
CA VAL C 5 11.29 6.39 -22.68
C VAL C 5 11.55 5.52 -21.45
N GLN C 6 12.25 6.07 -20.47
CA GLN C 6 12.56 5.35 -19.24
C GLN C 6 11.32 5.19 -18.36
N GLU C 7 10.95 3.95 -18.08
CA GLU C 7 9.79 3.64 -17.25
C GLU C 7 10.03 2.38 -16.42
N ARG C 8 10.68 1.39 -17.05
CA ARG C 8 10.99 0.12 -16.39
C ARG C 8 11.81 0.34 -15.12
N ILE C 9 12.78 1.25 -15.20
CA ILE C 9 13.64 1.57 -14.07
C ILE C 9 12.86 2.27 -12.95
N GLY C 10 11.75 2.93 -13.31
CA GLY C 10 10.94 3.63 -12.33
C GLY C 10 9.97 2.72 -11.62
N LEU C 11 9.30 1.85 -12.38
CA LEU C 11 8.33 0.92 -11.80
C LEU C 11 9.04 -0.17 -10.97
N PHE C 12 10.29 -0.45 -11.31
CA PHE C 12 11.07 -1.46 -10.61
C PHE C 12 11.35 -1.03 -9.16
N ILE C 13 11.68 0.24 -8.98
CA ILE C 13 11.98 0.76 -7.65
C ILE C 13 10.72 0.85 -6.78
N VAL C 14 9.56 1.05 -7.40
CA VAL C 14 8.30 1.15 -6.65
C VAL C 14 7.92 -0.23 -6.10
N ASN C 15 7.93 -1.23 -6.97
CA ASN C 15 7.58 -2.61 -6.59
C ASN C 15 8.41 -3.08 -5.39
N PHE C 16 9.72 -2.86 -5.46
CA PHE C 16 10.63 -3.25 -4.38
C PHE C 16 10.44 -2.36 -3.15
N PHE C 17 10.09 -1.09 -3.37
CA PHE C 17 9.89 -0.14 -2.27
C PHE C 17 8.65 -0.48 -1.44
N ILE C 18 7.59 -0.96 -2.10
CA ILE C 18 6.36 -1.31 -1.39
C ILE C 18 6.57 -2.56 -0.54
N PHE C 19 7.35 -3.50 -1.05
CA PHE C 19 7.63 -4.75 -0.34
C PHE C 19 8.42 -4.48 0.95
N THR C 20 9.40 -3.59 0.86
CA THR C 20 10.23 -3.24 2.01
C THR C 20 9.43 -2.56 3.12
N VAL C 21 8.51 -1.67 2.75
CA VAL C 21 7.70 -0.95 3.73
C VAL C 21 6.57 -1.82 4.27
N VAL C 22 5.82 -2.46 3.38
CA VAL C 22 4.70 -3.31 3.77
C VAL C 22 5.12 -4.40 4.78
N SER C 23 6.42 -4.71 4.81
CA SER C 23 6.94 -5.72 5.72
C SER C 23 7.23 -5.10 7.09
N ALA C 24 7.81 -3.90 7.06
CA ALA C 24 8.15 -3.18 8.29
C ALA C 24 6.91 -2.84 9.10
N ILE C 25 5.82 -2.50 8.41
CA ILE C 25 4.57 -2.15 9.09
C ILE C 25 3.94 -3.36 9.79
N THR C 26 3.92 -4.50 9.10
CA THR C 26 3.35 -5.72 9.65
C THR C 26 4.25 -6.36 10.70
N LEU C 27 5.55 -6.22 10.51
CA LEU C 27 6.53 -6.79 11.42
C LEU C 27 6.68 -5.92 12.68
N LEU C 28 6.65 -4.61 12.48
CA LEU C 28 6.78 -3.66 13.59
C LEU C 28 5.58 -3.75 14.53
N VAL C 29 4.38 -3.85 13.96
CA VAL C 29 3.16 -3.94 14.74
C VAL C 29 3.10 -5.25 15.53
N SER C 30 3.61 -6.33 14.93
CA SER C 30 3.60 -7.64 15.57
C SER C 30 4.50 -7.64 16.81
N MET C 31 5.66 -7.00 16.69
CA MET C 31 6.61 -6.92 17.80
C MET C 31 6.05 -6.07 18.93
N ALA C 32 5.51 -4.90 18.58
CA ALA C 32 4.95 -3.98 19.56
C ALA C 32 3.75 -4.60 20.28
N PHE C 33 2.93 -5.34 19.54
CA PHE C 33 1.76 -5.98 20.11
C PHE C 33 2.14 -7.04 21.13
N LEU C 34 2.84 -8.08 20.67
CA LEU C 34 3.26 -9.18 21.53
C LEU C 34 4.13 -8.70 22.69
N THR C 35 4.84 -7.59 22.51
CA THR C 35 5.70 -7.06 23.56
C THR C 35 4.89 -6.54 24.75
N ALA C 36 3.75 -5.92 24.45
CA ALA C 36 2.88 -5.37 25.50
C ALA C 36 1.96 -6.44 26.06
N THR C 37 1.35 -7.23 25.18
CA THR C 37 0.44 -8.29 25.58
C THR C 37 1.17 -9.38 26.36
N ARG C 38 2.40 -9.68 25.94
CA ARG C 38 3.21 -10.71 26.59
C ARG C 38 2.54 -12.08 26.52
N MET D 1 17.60 16.65 -22.60
CA MET D 1 17.07 15.33 -23.05
C MET D 1 15.70 15.50 -23.69
N LEU D 2 14.78 16.14 -22.97
CA LEU D 2 13.42 16.37 -23.46
C LEU D 2 12.70 15.04 -23.76
N PRO D 3 12.24 14.30 -22.72
CA PRO D 3 11.55 13.02 -22.91
C PRO D 3 10.31 13.15 -23.80
N PHE D 4 10.00 12.09 -24.52
CA PHE D 4 8.84 12.07 -25.42
C PHE D 4 7.54 12.15 -24.62
N VAL D 5 7.50 11.47 -23.48
CA VAL D 5 6.33 11.44 -22.61
C VAL D 5 6.74 11.46 -21.14
N GLN D 6 6.15 12.36 -20.37
CA GLN D 6 6.45 12.49 -18.95
C GLN D 6 5.84 11.32 -18.16
N GLU D 7 6.70 10.56 -17.49
CA GLU D 7 6.28 9.42 -16.69
C GLU D 7 7.17 9.25 -15.46
N ARG D 8 8.47 9.49 -15.64
CA ARG D 8 9.44 9.38 -14.56
C ARG D 8 9.09 10.31 -13.39
N ILE D 9 8.65 11.52 -13.73
CA ILE D 9 8.27 12.50 -12.71
C ILE D 9 7.00 12.08 -11.97
N GLY D 10 6.18 11.25 -12.62
CA GLY D 10 4.94 10.78 -12.02
C GLY D 10 5.15 9.59 -11.09
N LEU D 11 5.94 8.62 -11.55
CA LEU D 11 6.22 7.43 -10.74
C LEU D 11 7.11 7.77 -9.54
N PHE D 12 7.92 8.82 -9.67
CA PHE D 12 8.81 9.25 -8.61
C PHE D 12 8.02 9.75 -7.39
N ILE D 13 6.95 10.51 -7.64
CA ILE D 13 6.12 11.04 -6.55
C ILE D 13 5.32 9.94 -5.86
N VAL D 14 4.97 8.89 -6.60
CA VAL D 14 4.19 7.79 -6.03
C VAL D 14 5.06 6.99 -5.05
N ASN D 15 6.25 6.60 -5.51
CA ASN D 15 7.19 5.83 -4.70
C ASN D 15 7.46 6.51 -3.35
N PHE D 16 7.75 7.81 -3.40
CA PHE D 16 8.00 8.58 -2.20
C PHE D 16 6.72 8.79 -1.37
N PHE D 17 5.58 8.89 -2.05
CA PHE D 17 4.30 9.09 -1.37
C PHE D 17 3.89 7.86 -0.56
N ILE D 18 4.16 6.66 -1.08
CA ILE D 18 3.80 5.43 -0.39
C ILE D 18 4.66 5.25 0.86
N PHE D 19 5.93 5.63 0.77
CA PHE D 19 6.86 5.51 1.90
C PHE D 19 6.43 6.41 3.06
N THR D 20 6.03 7.63 2.73
CA THR D 20 5.59 8.60 3.74
C THR D 20 4.34 8.14 4.48
N VAL D 21 3.38 7.57 3.75
CA VAL D 21 2.13 7.11 4.35
C VAL D 21 2.31 5.78 5.09
N VAL D 22 2.92 4.80 4.43
CA VAL D 22 3.15 3.48 5.02
C VAL D 22 3.89 3.57 6.37
N SER D 23 4.59 4.68 6.60
CA SER D 23 5.32 4.88 7.84
C SER D 23 4.40 5.44 8.92
N ALA D 24 3.56 6.39 8.52
CA ALA D 24 2.61 7.04 9.43
C ALA D 24 1.60 6.03 9.98
N ILE D 25 1.18 5.09 9.15
CA ILE D 25 0.21 4.07 9.55
C ILE D 25 0.80 3.11 10.60
N THR D 26 2.02 2.67 10.35
CA THR D 26 2.71 1.74 11.25
C THR D 26 3.20 2.42 12.52
N LEU D 27 3.59 3.67 12.39
CA LEU D 27 4.09 4.45 13.51
C LEU D 27 2.95 4.97 14.39
N LEU D 28 1.86 5.38 13.74
CA LEU D 28 0.69 5.89 14.45
C LEU D 28 0.02 4.80 15.27
N VAL D 29 -0.09 3.61 14.69
CA VAL D 29 -0.72 2.48 15.38
C VAL D 29 0.12 2.01 16.56
N SER D 30 1.44 2.08 16.42
CA SER D 30 2.36 1.66 17.48
C SER D 30 2.22 2.57 18.69
N MET D 31 2.11 3.87 18.44
CA MET D 31 1.98 4.86 19.51
C MET D 31 0.64 4.70 20.23
N ALA D 32 -0.43 4.57 19.45
CA ALA D 32 -1.77 4.42 20.00
C ALA D 32 -1.90 3.13 20.82
N PHE D 33 -1.28 2.06 20.32
CA PHE D 33 -1.32 0.77 21.00
C PHE D 33 -0.62 0.83 22.36
N LEU D 34 0.68 1.09 22.33
CA LEU D 34 1.48 1.17 23.55
C LEU D 34 0.95 2.21 24.54
N THR D 35 0.29 3.25 24.03
CA THR D 35 -0.26 4.30 24.88
C THR D 35 -1.41 3.78 25.75
N ALA D 36 -2.23 2.91 25.17
CA ALA D 36 -3.37 2.35 25.89
C ALA D 36 -2.96 1.14 26.73
N THR D 37 -2.17 0.25 26.13
CA THR D 37 -1.70 -0.95 26.82
C THR D 37 -0.77 -0.59 27.99
N ARG D 38 0.05 0.44 27.79
CA ARG D 38 1.00 0.89 28.82
C ARG D 38 1.99 -0.21 29.17
N MET E 1 -0.48 20.89 -25.71
CA MET E 1 0.64 19.92 -25.70
C MET E 1 0.26 18.65 -26.46
N LEU E 2 -0.87 18.06 -26.07
CA LEU E 2 -1.36 16.83 -26.71
C LEU E 2 -0.34 15.69 -26.58
N PRO E 3 -0.22 15.06 -25.37
CA PRO E 3 0.72 13.95 -25.16
C PRO E 3 0.50 12.79 -26.11
N PHE E 4 1.58 12.08 -26.44
CA PHE E 4 1.50 10.95 -27.35
C PHE E 4 0.71 9.80 -26.72
N VAL E 5 0.91 9.59 -25.42
CA VAL E 5 0.20 8.54 -24.69
C VAL E 5 -0.18 9.01 -23.29
N GLN E 6 -1.45 8.81 -22.93
CA GLN E 6 -1.95 9.22 -21.62
C GLN E 6 -1.42 8.30 -20.53
N GLU E 7 -0.71 8.89 -19.57
CA GLU E 7 -0.14 8.14 -18.45
C GLU E 7 -0.13 9.00 -17.18
N ARG E 8 0.17 10.28 -17.35
CA ARG E 8 0.22 11.23 -16.22
C ARG E 8 -1.12 11.28 -15.48
N ILE E 9 -2.21 11.26 -16.26
CA ILE E 9 -3.56 11.30 -15.68
C ILE E 9 -3.88 10.01 -14.93
N GLY E 10 -3.21 8.91 -15.30
CA GLY E 10 -3.44 7.63 -14.66
C GLY E 10 -2.67 7.48 -13.37
N LEU E 11 -1.39 7.85 -13.40
CA LEU E 11 -0.54 7.76 -12.21
C LEU E 11 -0.96 8.77 -11.14
N PHE E 12 -1.56 9.88 -11.58
CA PHE E 12 -2.00 10.93 -10.67
C PHE E 12 -3.13 10.44 -9.76
N ILE E 13 -4.07 9.68 -10.33
CA ILE E 13 -5.20 9.15 -9.57
C ILE E 13 -4.76 8.05 -8.60
N VAL E 14 -3.71 7.32 -8.93
CA VAL E 14 -3.21 6.25 -8.07
C VAL E 14 -2.57 6.84 -6.81
N ASN E 15 -1.66 7.80 -7.03
CA ASN E 15 -0.96 8.48 -5.93
C ASN E 15 -1.94 9.03 -4.89
N PHE E 16 -2.94 9.74 -5.37
CA PHE E 16 -3.96 10.32 -4.50
C PHE E 16 -4.88 9.25 -3.90
N PHE E 17 -5.10 8.16 -4.65
CA PHE E 17 -5.96 7.07 -4.18
C PHE E 17 -5.31 6.31 -3.02
N ILE E 18 -4.00 6.13 -3.06
CA ILE E 18 -3.29 5.41 -2.00
C ILE E 18 -3.27 6.22 -0.72
N PHE E 19 -3.15 7.54 -0.85
CA PHE E 19 -3.13 8.43 0.32
C PHE E 19 -4.47 8.41 1.05
N THR E 20 -5.56 8.43 0.28
CA THR E 20 -6.90 8.42 0.85
C THR E 20 -7.19 7.13 1.63
N VAL E 21 -6.77 5.99 1.08
CA VAL E 21 -7.01 4.70 1.71
C VAL E 21 -6.05 4.45 2.89
N VAL E 22 -4.75 4.65 2.64
CA VAL E 22 -3.74 4.44 3.68
C VAL E 22 -4.03 5.24 4.96
N SER E 23 -4.85 6.29 4.84
CA SER E 23 -5.21 7.12 5.97
C SER E 23 -6.40 6.51 6.72
N ALA E 24 -7.37 6.04 5.95
CA ALA E 24 -8.57 5.42 6.51
C ALA E 24 -8.25 4.15 7.31
N ILE E 25 -7.26 3.39 6.83
CA ILE E 25 -6.87 2.16 7.50
C ILE E 25 -6.19 2.44 8.85
N THR E 26 -5.30 3.42 8.87
CA THR E 26 -4.58 3.80 10.08
C THR E 26 -5.45 4.57 11.06
N LEU E 27 -6.37 5.36 10.52
CA LEU E 27 -7.27 6.16 11.33
C LEU E 27 -8.42 5.31 11.89
N LEU E 28 -8.93 4.39 11.07
CA LEU E 28 -10.02 3.51 11.46
C LEU E 28 -9.58 2.56 12.56
N VAL E 29 -8.38 2.01 12.43
CA VAL E 29 -7.84 1.08 13.43
C VAL E 29 -7.57 1.77 14.75
N SER E 30 -7.14 3.03 14.69
CA SER E 30 -6.84 3.81 15.89
C SER E 30 -8.11 4.06 16.70
N MET E 31 -9.19 4.39 16.00
CA MET E 31 -10.47 4.67 16.65
C MET E 31 -11.04 3.40 17.28
N ALA E 32 -11.02 2.31 16.51
CA ALA E 32 -11.54 1.03 16.99
C ALA E 32 -10.75 0.51 18.19
N PHE E 33 -9.43 0.70 18.14
CA PHE E 33 -8.56 0.26 19.23
C PHE E 33 -8.85 1.02 20.53
N LEU E 34 -8.63 2.32 20.50
CA LEU E 34 -8.85 3.16 21.68
C LEU E 34 -10.30 3.08 22.19
N THR E 35 -11.24 2.80 21.29
CA THR E 35 -12.65 2.70 21.69
C THR E 35 -12.89 1.48 22.59
N ALA E 36 -12.22 0.38 22.30
CA ALA E 36 -12.37 -0.84 23.10
C ALA E 36 -11.48 -0.81 24.33
N THR E 37 -10.22 -0.42 24.15
CA THR E 37 -9.26 -0.35 25.25
C THR E 37 -9.67 0.71 26.27
N ARG E 38 -10.22 1.83 25.78
CA ARG E 38 -10.65 2.93 26.66
C ARG E 38 -9.48 3.50 27.44
N MET A 1 -2.60 20.66 -19.75
CA MET A 1 -2.71 19.20 -19.49
C MET A 1 -3.73 18.57 -20.42
N LEU A 2 -3.38 17.40 -20.97
CA LEU A 2 -4.26 16.67 -21.88
C LEU A 2 -4.08 15.16 -21.73
N PRO A 3 -5.12 14.36 -22.05
CA PRO A 3 -5.03 12.89 -21.94
C PRO A 3 -4.16 12.28 -23.02
N PHE A 4 -4.20 12.88 -24.21
CA PHE A 4 -3.41 12.40 -25.36
C PHE A 4 -3.80 10.96 -25.73
N VAL A 5 -5.12 10.71 -25.77
CA VAL A 5 -5.64 9.38 -26.12
C VAL A 5 -5.22 8.34 -25.08
N GLN A 6 -6.13 7.42 -24.78
CA GLN A 6 -5.88 6.36 -23.80
C GLN A 6 -5.57 6.94 -22.42
N GLU A 7 -5.77 6.12 -21.38
CA GLU A 7 -5.52 6.55 -20.01
C GLU A 7 -4.89 5.40 -19.20
N ARG A 8 -3.97 4.67 -19.83
CA ARG A 8 -3.29 3.55 -19.19
C ARG A 8 -4.28 2.48 -18.73
N ILE A 9 -4.55 1.53 -19.62
CA ILE A 9 -5.47 0.44 -19.33
C ILE A 9 -4.99 -0.41 -18.16
N GLY A 10 -3.67 -0.59 -18.05
CA GLY A 10 -3.10 -1.39 -16.98
C GLY A 10 -3.19 -0.69 -15.64
N LEU A 11 -2.99 0.63 -15.67
CA LEU A 11 -3.04 1.46 -14.46
C LEU A 11 -4.39 1.38 -13.75
N PHE A 12 -5.45 1.20 -14.53
CA PHE A 12 -6.81 1.11 -13.97
C PHE A 12 -6.97 -0.10 -13.06
N ILE A 13 -6.48 -1.26 -13.50
CA ILE A 13 -6.58 -2.49 -12.72
C ILE A 13 -5.75 -2.43 -11.45
N VAL A 14 -4.64 -1.70 -11.47
CA VAL A 14 -3.77 -1.58 -10.29
C VAL A 14 -4.39 -0.64 -9.26
N ASN A 15 -4.70 0.58 -9.69
CA ASN A 15 -5.29 1.60 -8.81
C ASN A 15 -6.50 1.04 -8.05
N PHE A 16 -7.45 0.48 -8.78
CA PHE A 16 -8.65 -0.10 -8.17
C PHE A 16 -8.32 -1.30 -7.28
N PHE A 17 -7.23 -1.99 -7.60
CA PHE A 17 -6.80 -3.16 -6.83
C PHE A 17 -6.38 -2.80 -5.40
N ILE A 18 -5.73 -1.64 -5.24
CA ILE A 18 -5.28 -1.22 -3.91
C ILE A 18 -6.48 -0.94 -2.99
N PHE A 19 -7.60 -0.48 -3.57
CA PHE A 19 -8.80 -0.19 -2.80
C PHE A 19 -9.40 -1.46 -2.20
N THR A 20 -9.38 -2.53 -2.98
CA THR A 20 -9.92 -3.82 -2.54
C THR A 20 -9.12 -4.41 -1.38
N VAL A 21 -7.80 -4.31 -1.45
CA VAL A 21 -6.93 -4.86 -0.39
C VAL A 21 -6.92 -3.98 0.86
N VAL A 22 -6.70 -2.68 0.68
CA VAL A 22 -6.67 -1.73 1.80
C VAL A 22 -7.94 -1.80 2.67
N SER A 23 -9.03 -2.34 2.09
CA SER A 23 -10.29 -2.46 2.82
C SER A 23 -10.29 -3.73 3.66
N ALA A 24 -9.75 -4.81 3.09
CA ALA A 24 -9.66 -6.09 3.78
C ALA A 24 -8.74 -6.00 4.99
N ILE A 25 -7.64 -5.26 4.84
CA ILE A 25 -6.67 -5.09 5.93
C ILE A 25 -7.26 -4.26 7.07
N THR A 26 -7.87 -3.13 6.72
CA THR A 26 -8.46 -2.24 7.72
C THR A 26 -9.71 -2.84 8.35
N LEU A 27 -10.48 -3.59 7.57
CA LEU A 27 -11.70 -4.20 8.04
C LEU A 27 -11.41 -5.46 8.87
N LEU A 28 -10.43 -6.25 8.44
CA LEU A 28 -10.06 -7.48 9.14
C LEU A 28 -9.39 -7.17 10.49
N VAL A 29 -8.61 -6.10 10.53
CA VAL A 29 -7.91 -5.71 11.76
C VAL A 29 -8.88 -5.08 12.76
N SER A 30 -9.77 -4.23 12.25
CA SER A 30 -10.75 -3.56 13.10
C SER A 30 -11.81 -4.53 13.61
N MET A 31 -12.29 -5.39 12.70
CA MET A 31 -13.31 -6.37 13.06
C MET A 31 -12.75 -7.41 14.02
N ALA A 32 -11.57 -7.95 13.69
CA ALA A 32 -10.91 -8.95 14.53
C ALA A 32 -10.62 -8.41 15.93
N PHE A 33 -10.23 -7.13 15.98
CA PHE A 33 -9.92 -6.48 17.25
C PHE A 33 -11.14 -6.48 18.18
N LEU A 34 -12.27 -6.01 17.67
CA LEU A 34 -13.50 -5.95 18.45
C LEU A 34 -14.00 -7.35 18.82
N THR A 35 -13.65 -8.35 18.01
CA THR A 35 -14.06 -9.72 18.27
C THR A 35 -13.54 -10.25 19.59
N ALA A 36 -12.22 -10.24 19.77
CA ALA A 36 -11.60 -10.72 21.00
C ALA A 36 -11.92 -9.82 22.20
N THR A 37 -11.94 -8.51 21.96
CA THR A 37 -12.22 -7.56 23.03
C THR A 37 -13.63 -7.74 23.58
N ARG A 38 -14.58 -8.05 22.70
CA ARG A 38 -15.97 -8.26 23.09
C ARG A 38 -16.13 -9.56 23.86
N MET B 1 -11.88 3.51 -25.90
CA MET B 1 -10.74 2.92 -25.15
C MET B 1 -10.20 1.68 -25.86
N LEU B 2 -8.87 1.58 -25.93
CA LEU B 2 -8.22 0.45 -26.58
C LEU B 2 -6.90 0.10 -25.90
N PRO B 3 -6.43 -1.16 -25.99
CA PRO B 3 -5.17 -1.58 -25.36
C PRO B 3 -3.95 -1.03 -26.11
N PHE B 4 -4.06 -0.93 -27.44
CA PHE B 4 -2.97 -0.43 -28.27
C PHE B 4 -1.72 -1.30 -28.14
N VAL B 5 -1.93 -2.62 -28.19
CA VAL B 5 -0.84 -3.59 -28.09
C VAL B 5 -0.16 -3.50 -26.72
N GLN B 6 0.22 -4.66 -26.18
CA GLN B 6 0.89 -4.72 -24.86
C GLN B 6 -0.01 -4.16 -23.76
N GLU B 7 0.27 -4.56 -22.52
CA GLU B 7 -0.50 -4.10 -21.36
C GLU B 7 0.43 -3.85 -20.16
N ARG B 8 1.60 -3.28 -20.43
CA ARG B 8 2.59 -2.98 -19.39
C ARG B 8 3.03 -4.25 -18.66
N ILE B 9 4.07 -4.88 -19.17
CA ILE B 9 4.60 -6.12 -18.58
C ILE B 9 5.10 -5.88 -17.16
N GLY B 10 5.66 -4.70 -16.90
CA GLY B 10 6.16 -4.38 -15.58
C GLY B 10 5.04 -4.13 -14.58
N LEU B 11 3.98 -3.51 -15.06
CA LEU B 11 2.82 -3.19 -14.22
C LEU B 11 2.17 -4.45 -13.63
N PHE B 12 2.24 -5.56 -14.37
CA PHE B 12 1.66 -6.82 -13.91
C PHE B 12 2.35 -7.33 -12.64
N ILE B 13 3.67 -7.30 -12.62
CA ILE B 13 4.43 -7.78 -11.46
C ILE B 13 4.21 -6.90 -10.23
N VAL B 14 3.97 -5.60 -10.43
CA VAL B 14 3.74 -4.68 -9.32
C VAL B 14 2.35 -4.87 -8.72
N ASN B 15 1.32 -4.77 -9.58
CA ASN B 15 -0.08 -4.93 -9.16
C ASN B 15 -0.28 -6.20 -8.34
N PHE B 16 0.15 -7.33 -8.89
CA PHE B 16 0.03 -8.62 -8.21
C PHE B 16 0.87 -8.66 -6.93
N PHE B 17 1.97 -7.90 -6.90
CA PHE B 17 2.86 -7.86 -5.74
C PHE B 17 2.17 -7.26 -4.51
N ILE B 18 1.33 -6.24 -4.72
CA ILE B 18 0.64 -5.61 -3.59
C ILE B 18 -0.33 -6.57 -2.92
N PHE B 19 -0.91 -7.50 -3.70
CA PHE B 19 -1.85 -8.48 -3.17
C PHE B 19 -1.16 -9.44 -2.21
N THR B 20 0.06 -9.84 -2.56
CA THR B 20 0.84 -10.76 -1.72
C THR B 20 1.22 -10.14 -0.37
N VAL B 21 1.61 -8.87 -0.38
CA VAL B 21 2.01 -8.20 0.85
C VAL B 21 0.80 -7.81 1.71
N VAL B 22 -0.19 -7.17 1.10
CA VAL B 22 -1.40 -6.75 1.82
C VAL B 22 -2.08 -7.90 2.56
N SER B 23 -1.79 -9.14 2.14
CA SER B 23 -2.37 -10.32 2.77
C SER B 23 -1.56 -10.71 4.00
N ALA B 24 -0.24 -10.59 3.88
CA ALA B 24 0.66 -10.92 4.98
C ALA B 24 0.47 -9.96 6.15
N ILE B 25 0.26 -8.69 5.83
CA ILE B 25 0.06 -7.65 6.85
C ILE B 25 -1.27 -7.86 7.59
N THR B 26 -2.34 -8.05 6.83
CA THR B 26 -3.68 -8.25 7.40
C THR B 26 -3.80 -9.59 8.11
N LEU B 27 -3.13 -10.61 7.58
CA LEU B 27 -3.18 -11.94 8.17
C LEU B 27 -2.28 -12.05 9.40
N LEU B 28 -1.11 -11.42 9.34
CA LEU B 28 -0.17 -11.46 10.45
C LEU B 28 -0.68 -10.65 11.65
N VAL B 29 -1.36 -9.55 11.37
CA VAL B 29 -1.89 -8.69 12.42
C VAL B 29 -3.13 -9.32 13.07
N SER B 30 -3.99 -9.90 12.24
CA SER B 30 -5.22 -10.53 12.72
C SER B 30 -4.91 -11.83 13.46
N MET B 31 -4.00 -12.62 12.89
CA MET B 31 -3.61 -13.89 13.49
C MET B 31 -2.86 -13.67 14.79
N ALA B 32 -1.87 -12.78 14.76
CA ALA B 32 -1.07 -12.46 15.93
C ALA B 32 -1.95 -11.91 17.07
N PHE B 33 -2.94 -11.10 16.70
CA PHE B 33 -3.86 -10.52 17.68
C PHE B 33 -4.61 -11.60 18.46
N LEU B 34 -5.21 -12.52 17.74
CA LEU B 34 -5.96 -13.61 18.36
C LEU B 34 -5.05 -14.53 19.17
N THR B 35 -3.78 -14.60 18.78
CA THR B 35 -2.80 -15.45 19.48
C THR B 35 -2.63 -15.06 20.95
N ALA B 36 -2.26 -13.81 21.19
CA ALA B 36 -2.06 -13.32 22.55
C ALA B 36 -3.38 -13.25 23.33
N THR B 37 -4.45 -12.82 22.65
CA THR B 37 -5.76 -12.70 23.29
C THR B 37 -6.27 -14.06 23.77
N ARG B 38 -6.01 -15.10 22.99
CA ARG B 38 -6.45 -16.45 23.32
C ARG B 38 -5.63 -17.00 24.50
N MET C 1 2.07 -11.45 -26.24
CA MET C 1 2.71 -10.54 -25.25
C MET C 1 4.22 -10.50 -25.45
N LEU C 2 4.79 -9.29 -25.38
CA LEU C 2 6.22 -9.11 -25.55
C LEU C 2 6.73 -7.94 -24.69
N PRO C 3 8.03 -7.95 -24.30
CA PRO C 3 8.60 -6.88 -23.49
C PRO C 3 8.80 -5.58 -24.28
N PHE C 4 9.15 -5.73 -25.57
CA PHE C 4 9.37 -4.58 -26.45
C PHE C 4 10.52 -3.71 -25.92
N VAL C 5 11.61 -4.37 -25.52
CA VAL C 5 12.79 -3.66 -25.01
C VAL C 5 12.46 -2.92 -23.71
N GLN C 6 13.41 -2.92 -22.77
CA GLN C 6 13.23 -2.24 -21.48
C GLN C 6 12.04 -2.82 -20.72
N GLU C 7 12.05 -2.62 -19.40
CA GLU C 7 10.97 -3.12 -18.53
C GLU C 7 10.64 -2.10 -17.44
N ARG C 8 10.65 -0.82 -17.80
CA ARG C 8 10.35 0.26 -16.86
C ARG C 8 11.34 0.27 -15.70
N ILE C 9 12.43 1.01 -15.88
CA ILE C 9 13.48 1.13 -14.87
C ILE C 9 12.95 1.76 -13.58
N GLY C 10 12.01 2.70 -13.72
CA GLY C 10 11.44 3.36 -12.56
C GLY C 10 10.49 2.46 -11.79
N LEU C 11 9.74 1.64 -12.54
CA LEU C 11 8.78 0.71 -11.95
C LEU C 11 9.44 -0.29 -11.00
N PHE C 12 10.69 -0.65 -11.29
CA PHE C 12 11.43 -1.60 -10.46
C PHE C 12 11.66 -1.07 -9.05
N ILE C 13 12.08 0.19 -8.95
CA ILE C 13 12.35 0.81 -7.65
C ILE C 13 11.07 0.97 -6.82
N VAL C 14 9.92 1.18 -7.49
CA VAL C 14 8.66 1.35 -6.78
C VAL C 14 8.14 0.01 -6.27
N ASN C 15 8.01 -0.96 -7.17
CA ASN C 15 7.51 -2.30 -6.81
C ASN C 15 8.26 -2.89 -5.62
N PHE C 16 9.59 -2.90 -5.70
CA PHE C 16 10.42 -3.42 -4.62
C PHE C 16 10.30 -2.57 -3.35
N PHE C 17 10.00 -1.28 -3.52
CA PHE C 17 9.86 -0.36 -2.38
C PHE C 17 8.66 -0.72 -1.50
N ILE C 18 7.56 -1.17 -2.11
CA ILE C 18 6.38 -1.53 -1.33
C ILE C 18 6.65 -2.75 -0.43
N PHE C 19 7.52 -3.64 -0.88
CA PHE C 19 7.88 -4.83 -0.11
C PHE C 19 8.61 -4.46 1.18
N THR C 20 9.49 -3.47 1.09
CA THR C 20 10.26 -3.01 2.24
C THR C 20 9.38 -2.36 3.31
N VAL C 21 8.40 -1.56 2.88
CA VAL C 21 7.51 -0.89 3.83
C VAL C 21 6.46 -1.83 4.41
N VAL C 22 5.78 -2.58 3.54
CA VAL C 22 4.75 -3.53 3.98
C VAL C 22 5.27 -4.52 5.03
N SER C 23 6.59 -4.70 5.08
CA SER C 23 7.20 -5.61 6.05
C SER C 23 7.38 -4.91 7.39
N ALA C 24 7.78 -3.63 7.34
CA ALA C 24 7.97 -2.84 8.54
C ALA C 24 6.65 -2.62 9.29
N ILE C 25 5.58 -2.40 8.52
CA ILE C 25 4.25 -2.18 9.08
C ILE C 25 3.73 -3.44 9.75
N THR C 26 3.79 -4.57 9.04
CA THR C 26 3.30 -5.84 9.55
C THR C 26 4.18 -6.39 10.68
N LEU C 27 5.47 -6.14 10.59
CA LEU C 27 6.41 -6.61 11.60
C LEU C 27 6.38 -5.73 12.85
N LEU C 28 6.26 -4.42 12.66
CA LEU C 28 6.21 -3.48 13.78
C LEU C 28 4.92 -3.61 14.57
N VAL C 29 3.81 -3.89 13.87
CA VAL C 29 2.51 -4.03 14.53
C VAL C 29 2.41 -5.37 15.25
N SER C 30 2.91 -6.43 14.62
CA SER C 30 2.88 -7.76 15.20
C SER C 30 3.86 -7.87 16.37
N MET C 31 5.06 -7.33 16.19
CA MET C 31 6.09 -7.37 17.22
C MET C 31 5.68 -6.51 18.42
N ALA C 32 5.25 -5.28 18.14
CA ALA C 32 4.83 -4.35 19.18
C ALA C 32 3.66 -4.92 19.99
N PHE C 33 2.74 -5.59 19.29
CA PHE C 33 1.57 -6.19 19.93
C PHE C 33 1.99 -7.22 20.99
N LEU C 34 2.84 -8.15 20.59
CA LEU C 34 3.32 -9.19 21.51
C LEU C 34 4.14 -8.60 22.65
N THR C 35 4.78 -7.45 22.40
CA THR C 35 5.59 -6.79 23.42
C THR C 35 4.79 -6.42 24.66
N ALA C 36 3.75 -5.62 24.48
CA ALA C 36 2.90 -5.19 25.60
C ALA C 36 2.11 -6.35 26.20
N THR C 37 1.62 -7.24 25.34
CA THR C 37 0.84 -8.40 25.80
C THR C 37 1.68 -9.32 26.69
N ARG C 38 2.95 -9.47 26.35
CA ARG C 38 3.86 -10.32 27.11
C ARG C 38 4.20 -9.68 28.45
N MET D 1 19.97 -3.53 -20.32
CA MET D 1 19.05 -2.56 -19.67
C MET D 1 19.59 -1.14 -19.75
N LEU D 2 18.72 -0.19 -20.07
CA LEU D 2 19.10 1.21 -20.20
C LEU D 2 17.96 2.14 -19.78
N PRO D 3 18.27 3.37 -19.32
CA PRO D 3 17.24 4.32 -18.89
C PRO D 3 16.47 4.91 -20.07
N PHE D 4 17.17 5.10 -21.19
CA PHE D 4 16.56 5.66 -22.40
C PHE D 4 16.01 7.07 -22.15
N VAL D 5 16.81 7.88 -21.46
CA VAL D 5 16.41 9.27 -21.14
C VAL D 5 15.19 9.29 -20.22
N GLN D 6 15.19 10.23 -19.28
CA GLN D 6 14.08 10.36 -18.32
C GLN D 6 13.91 9.10 -17.48
N GLU D 7 13.26 9.25 -16.32
CA GLU D 7 13.03 8.13 -15.42
C GLU D 7 11.64 8.23 -14.78
N ARG D 8 10.66 8.65 -15.57
CA ARG D 8 9.28 8.80 -15.10
C ARG D 8 9.19 9.80 -13.95
N ILE D 9 8.99 11.08 -14.30
CA ILE D 9 8.89 12.15 -13.32
C ILE D 9 7.70 11.94 -12.37
N GLY D 10 6.61 11.38 -12.91
CA GLY D 10 5.42 11.14 -12.10
C GLY D 10 5.62 9.98 -11.13
N LEU D 11 6.33 8.96 -11.59
CA LEU D 11 6.62 7.77 -10.79
C LEU D 11 7.37 8.11 -9.50
N PHE D 12 8.22 9.14 -9.55
CA PHE D 12 9.01 9.55 -8.40
C PHE D 12 8.12 10.04 -7.24
N ILE D 13 7.13 10.86 -7.57
CA ILE D 13 6.22 11.40 -6.55
C ILE D 13 5.34 10.31 -5.92
N VAL D 14 5.02 9.27 -6.70
CA VAL D 14 4.19 8.17 -6.19
C VAL D 14 4.98 7.26 -5.27
N ASN D 15 6.10 6.75 -5.79
CA ASN D 15 6.98 5.86 -5.02
C ASN D 15 7.32 6.42 -3.64
N PHE D 16 7.81 7.66 -3.62
CA PHE D 16 8.16 8.33 -2.37
C PHE D 16 6.93 8.58 -1.49
N PHE D 17 5.77 8.73 -2.13
CA PHE D 17 4.52 8.98 -1.40
C PHE D 17 4.11 7.78 -0.53
N ILE D 18 4.34 6.56 -1.02
CA ILE D 18 3.98 5.36 -0.25
C ILE D 18 4.81 5.26 1.03
N PHE D 19 6.05 5.75 1.00
CA PHE D 19 6.93 5.72 2.15
C PHE D 19 6.40 6.61 3.28
N THR D 20 5.88 7.77 2.91
CA THR D 20 5.33 8.72 3.88
C THR D 20 4.08 8.17 4.58
N VAL D 21 3.21 7.51 3.84
CA VAL D 21 1.98 6.96 4.41
C VAL D 21 2.24 5.68 5.21
N VAL D 22 2.97 4.73 4.62
CA VAL D 22 3.28 3.47 5.29
C VAL D 22 3.95 3.68 6.65
N SER D 23 4.53 4.86 6.87
CA SER D 23 5.19 5.17 8.13
C SER D 23 4.17 5.66 9.15
N ALA D 24 3.22 6.47 8.68
CA ALA D 24 2.17 6.99 9.53
C ALA D 24 1.27 5.88 10.05
N ILE D 25 0.97 4.90 9.19
CA ILE D 25 0.12 3.77 9.55
C ILE D 25 0.81 2.88 10.58
N THR D 26 2.07 2.51 10.31
CA THR D 26 2.84 1.66 11.20
C THR D 26 3.20 2.35 12.51
N LEU D 27 3.46 3.65 12.43
CA LEU D 27 3.83 4.42 13.61
C LEU D 27 2.62 4.77 14.47
N LEU D 28 1.49 5.09 13.82
CA LEU D 28 0.27 5.44 14.53
C LEU D 28 -0.35 4.22 15.22
N VAL D 29 -0.23 3.05 14.59
CA VAL D 29 -0.78 1.83 15.15
C VAL D 29 0.09 1.31 16.30
N SER D 30 1.40 1.38 16.11
CA SER D 30 2.36 0.92 17.13
C SER D 30 2.36 1.87 18.33
N MET D 31 2.37 3.17 18.05
CA MET D 31 2.39 4.18 19.10
C MET D 31 1.09 4.17 19.89
N ALA D 32 -0.04 4.17 19.16
CA ALA D 32 -1.36 4.15 19.78
C ALA D 32 -1.55 2.91 20.65
N PHE D 33 -1.03 1.78 20.17
CA PHE D 33 -1.14 0.51 20.89
C PHE D 33 -0.47 0.61 22.27
N LEU D 34 0.77 1.07 22.29
CA LEU D 34 1.51 1.21 23.53
C LEU D 34 0.88 2.25 24.46
N THR D 35 0.17 3.23 23.87
CA THR D 35 -0.47 4.28 24.64
C THR D 35 -1.52 3.74 25.62
N ALA D 36 -2.50 3.01 25.09
CA ALA D 36 -3.56 2.43 25.92
C ALA D 36 -3.03 1.33 26.83
N THR D 37 -2.12 0.51 26.32
CA THR D 37 -1.55 -0.58 27.10
C THR D 37 -0.77 -0.07 28.31
N ARG D 38 -0.08 1.06 28.13
CA ARG D 38 0.70 1.67 29.21
C ARG D 38 -0.22 2.28 30.26
N MET E 1 17.08 16.31 -16.30
CA MET E 1 15.70 15.81 -16.10
C MET E 1 14.68 16.81 -16.65
N LEU E 2 13.67 16.30 -17.35
CA LEU E 2 12.62 17.15 -17.92
C LEU E 2 11.28 16.42 -17.94
N PRO E 3 10.15 17.15 -17.93
CA PRO E 3 8.82 16.54 -17.94
C PRO E 3 8.46 15.95 -19.30
N PHE E 4 8.92 16.61 -20.36
CA PHE E 4 8.66 16.15 -21.73
C PHE E 4 7.15 16.14 -22.02
N VAL E 5 6.47 17.20 -21.62
CA VAL E 5 5.03 17.33 -21.84
C VAL E 5 4.26 16.25 -21.07
N GLN E 6 3.11 16.62 -20.52
CA GLN E 6 2.27 15.68 -19.75
C GLN E 6 3.02 15.14 -18.54
N GLU E 7 2.26 14.65 -17.56
CA GLU E 7 2.84 14.10 -16.33
C GLU E 7 2.04 12.88 -15.87
N ARG E 8 1.62 12.05 -16.82
CA ARG E 8 0.85 10.84 -16.53
C ARG E 8 -0.46 11.17 -15.82
N ILE E 9 -1.50 11.40 -16.61
CA ILE E 9 -2.82 11.73 -16.07
C ILE E 9 -3.38 10.60 -15.21
N GLY E 10 -3.08 9.35 -15.59
CA GLY E 10 -3.56 8.21 -14.83
C GLY E 10 -2.83 8.04 -13.51
N LEU E 11 -1.53 8.34 -13.52
CA LEU E 11 -0.68 8.23 -12.33
C LEU E 11 -1.18 9.14 -11.20
N PHE E 12 -1.77 10.27 -11.55
CA PHE E 12 -2.27 11.22 -10.56
C PHE E 12 -3.40 10.63 -9.72
N ILE E 13 -4.35 9.96 -10.38
CA ILE E 13 -5.48 9.36 -9.68
C ILE E 13 -5.05 8.20 -8.78
N VAL E 14 -3.98 7.50 -9.16
CA VAL E 14 -3.50 6.37 -8.37
C VAL E 14 -2.75 6.86 -7.12
N ASN E 15 -1.74 7.70 -7.34
CA ASN E 15 -0.93 8.27 -6.25
C ASN E 15 -1.81 8.85 -5.15
N PHE E 16 -2.72 9.74 -5.52
CA PHE E 16 -3.62 10.38 -4.57
C PHE E 16 -4.57 9.36 -3.92
N PHE E 17 -4.88 8.28 -4.65
CA PHE E 17 -5.77 7.24 -4.15
C PHE E 17 -5.18 6.50 -2.95
N ILE E 18 -3.87 6.26 -2.95
CA ILE E 18 -3.22 5.56 -1.85
C ILE E 18 -3.31 6.38 -0.55
N PHE E 19 -3.30 7.70 -0.67
CA PHE E 19 -3.38 8.59 0.48
C PHE E 19 -4.74 8.46 1.18
N THR E 20 -5.79 8.34 0.39
CA THR E 20 -7.14 8.22 0.92
C THR E 20 -7.35 6.90 1.68
N VAL E 21 -6.80 5.81 1.16
CA VAL E 21 -6.94 4.51 1.81
C VAL E 21 -6.04 4.36 3.03
N VAL E 22 -4.75 4.68 2.85
CA VAL E 22 -3.78 4.58 3.95
C VAL E 22 -4.21 5.35 5.20
N SER E 23 -5.12 6.32 5.02
CA SER E 23 -5.62 7.12 6.12
C SER E 23 -6.75 6.38 6.83
N ALA E 24 -7.61 5.74 6.05
CA ALA E 24 -8.74 4.99 6.59
C ALA E 24 -8.25 3.79 7.40
N ILE E 25 -7.19 3.14 6.92
CA ILE E 25 -6.63 1.98 7.59
C ILE E 25 -5.98 2.37 8.92
N THR E 26 -5.14 3.41 8.88
CA THR E 26 -4.44 3.88 10.08
C THR E 26 -5.38 4.54 11.07
N LEU E 27 -6.40 5.22 10.56
CA LEU E 27 -7.37 5.91 11.41
C LEU E 27 -8.38 4.93 12.01
N LEU E 28 -8.82 3.96 11.21
CA LEU E 28 -9.79 2.97 11.67
C LEU E 28 -9.19 2.01 12.69
N VAL E 29 -7.90 1.69 12.53
CA VAL E 29 -7.23 0.78 13.44
C VAL E 29 -6.88 1.49 14.76
N SER E 30 -6.43 2.74 14.65
CA SER E 30 -6.07 3.52 15.83
C SER E 30 -7.32 3.93 16.61
N MET E 31 -8.35 4.38 15.90
CA MET E 31 -9.60 4.80 16.53
C MET E 31 -10.30 3.61 17.16
N ALA E 32 -10.44 2.52 16.41
CA ALA E 32 -11.09 1.31 16.90
C ALA E 32 -10.38 0.75 18.13
N PHE E 33 -9.05 0.82 18.12
CA PHE E 33 -8.24 0.34 19.24
C PHE E 33 -8.59 1.06 20.54
N LEU E 34 -8.56 2.40 20.49
CA LEU E 34 -8.87 3.22 21.65
C LEU E 34 -10.33 3.02 22.10
N THR E 35 -11.21 2.67 21.16
CA THR E 35 -12.63 2.47 21.46
C THR E 35 -12.84 1.36 22.48
N ALA E 36 -12.36 0.16 22.18
CA ALA E 36 -12.52 -0.98 23.08
C ALA E 36 -11.70 -0.82 24.37
N THR E 37 -10.50 -0.27 24.23
CA THR E 37 -9.62 -0.06 25.39
C THR E 37 -10.24 0.91 26.38
N ARG E 38 -10.92 1.94 25.87
CA ARG E 38 -11.56 2.93 26.73
C ARG E 38 -12.78 2.35 27.42
N MET A 1 -17.54 12.63 -25.06
CA MET A 1 -16.42 12.07 -24.23
C MET A 1 -15.75 13.18 -23.42
N LEU A 2 -16.04 13.22 -22.13
CA LEU A 2 -15.46 14.22 -21.25
C LEU A 2 -13.94 14.03 -21.10
N PRO A 3 -13.48 12.87 -20.55
CA PRO A 3 -12.05 12.60 -20.39
C PRO A 3 -11.36 12.33 -21.73
N PHE A 4 -10.62 13.32 -22.23
CA PHE A 4 -9.92 13.19 -23.50
C PHE A 4 -8.62 12.40 -23.32
N VAL A 5 -8.74 11.08 -23.32
CA VAL A 5 -7.58 10.19 -23.16
C VAL A 5 -6.96 10.37 -21.77
N GLN A 6 -7.80 10.34 -20.74
CA GLN A 6 -7.36 10.50 -19.37
C GLN A 6 -7.07 9.15 -18.72
N GLU A 7 -6.15 9.13 -17.77
CA GLU A 7 -5.77 7.89 -17.07
C GLU A 7 -5.22 6.84 -18.05
N ARG A 8 -4.98 5.63 -17.55
CA ARG A 8 -4.45 4.54 -18.38
C ARG A 8 -5.22 3.25 -18.09
N ILE A 9 -5.24 2.35 -19.07
CA ILE A 9 -5.93 1.07 -18.92
C ILE A 9 -5.31 0.21 -17.82
N GLY A 10 -3.98 0.26 -17.71
CA GLY A 10 -3.28 -0.51 -16.69
C GLY A 10 -3.28 0.19 -15.34
N LEU A 11 -3.08 1.51 -15.37
CA LEU A 11 -3.05 2.31 -14.15
C LEU A 11 -4.35 2.18 -13.36
N PHE A 12 -5.46 2.08 -14.09
CA PHE A 12 -6.78 1.95 -13.45
C PHE A 12 -6.89 0.63 -12.68
N ILE A 13 -6.20 -0.40 -13.18
CA ILE A 13 -6.21 -1.72 -12.54
C ILE A 13 -5.63 -1.66 -11.14
N VAL A 14 -4.42 -1.13 -11.01
CA VAL A 14 -3.75 -1.01 -9.71
C VAL A 14 -4.52 -0.09 -8.77
N ASN A 15 -4.99 1.04 -9.30
CA ASN A 15 -5.77 2.01 -8.49
C ASN A 15 -6.96 1.35 -7.79
N PHE A 16 -7.76 0.64 -8.58
CA PHE A 16 -8.95 -0.04 -8.05
C PHE A 16 -8.57 -1.32 -7.28
N PHE A 17 -7.49 -1.97 -7.70
CA PHE A 17 -7.03 -3.20 -7.06
C PHE A 17 -6.56 -2.95 -5.62
N ILE A 18 -5.79 -1.87 -5.42
CA ILE A 18 -5.29 -1.53 -4.09
C ILE A 18 -6.45 -1.23 -3.13
N PHE A 19 -7.53 -0.68 -3.66
CA PHE A 19 -8.71 -0.36 -2.86
C PHE A 19 -9.32 -1.62 -2.25
N THR A 20 -9.33 -2.69 -3.04
CA THR A 20 -9.88 -3.98 -2.62
C THR A 20 -9.11 -4.61 -1.46
N VAL A 21 -7.77 -4.57 -1.54
CA VAL A 21 -6.93 -5.15 -0.49
C VAL A 21 -6.75 -4.22 0.70
N VAL A 22 -6.46 -2.95 0.43
CA VAL A 22 -6.26 -1.95 1.49
C VAL A 22 -7.44 -1.91 2.47
N SER A 23 -8.63 -2.25 1.98
CA SER A 23 -9.83 -2.26 2.79
C SER A 23 -9.95 -3.58 3.54
N ALA A 24 -9.51 -4.66 2.89
CA ALA A 24 -9.56 -5.99 3.49
C ALA A 24 -8.77 -6.07 4.80
N ILE A 25 -7.67 -5.33 4.86
CA ILE A 25 -6.83 -5.32 6.07
C ILE A 25 -7.57 -4.67 7.24
N THR A 26 -7.94 -3.40 7.09
CA THR A 26 -8.64 -2.67 8.13
C THR A 26 -10.02 -3.26 8.43
N LEU A 27 -10.65 -3.80 7.41
CA LEU A 27 -11.96 -4.39 7.55
C LEU A 27 -11.91 -5.74 8.28
N LEU A 28 -10.93 -6.56 7.94
CA LEU A 28 -10.77 -7.87 8.57
C LEU A 28 -10.23 -7.75 10.00
N VAL A 29 -9.26 -6.86 10.19
CA VAL A 29 -8.66 -6.67 11.51
C VAL A 29 -9.61 -5.97 12.48
N SER A 30 -10.47 -5.09 11.96
CA SER A 30 -11.42 -4.36 12.79
C SER A 30 -12.41 -5.29 13.46
N MET A 31 -13.00 -6.19 12.69
CA MET A 31 -13.97 -7.14 13.21
C MET A 31 -13.32 -8.25 14.04
N ALA A 32 -12.19 -8.76 13.56
CA ALA A 32 -11.47 -9.82 14.25
C ALA A 32 -10.92 -9.39 15.61
N PHE A 33 -10.22 -8.26 15.62
CA PHE A 33 -9.63 -7.74 16.86
C PHE A 33 -10.69 -7.19 17.81
N LEU A 34 -11.67 -6.48 17.27
CA LEU A 34 -12.73 -5.90 18.09
C LEU A 34 -13.58 -7.00 18.75
N THR A 35 -13.78 -8.10 18.04
CA THR A 35 -14.56 -9.22 18.57
C THR A 35 -13.82 -9.95 19.68
N ALA A 36 -12.53 -10.18 19.48
CA ALA A 36 -11.71 -10.87 20.47
C ALA A 36 -11.53 -10.02 21.72
N THR A 37 -11.10 -8.77 21.52
CA THR A 37 -10.88 -7.85 22.64
C THR A 37 -12.18 -7.52 23.35
N ARG A 38 -13.26 -7.37 22.57
CA ARG A 38 -14.57 -7.04 23.12
C ARG A 38 -14.56 -5.71 23.86
N MET B 1 -8.10 -13.57 -29.07
CA MET B 1 -7.53 -12.67 -28.03
C MET B 1 -8.55 -11.61 -27.62
N LEU B 2 -9.14 -11.79 -26.44
CA LEU B 2 -10.13 -10.85 -25.93
C LEU B 2 -9.48 -9.49 -25.62
N PRO B 3 -8.52 -9.42 -24.67
CA PRO B 3 -7.84 -8.16 -24.33
C PRO B 3 -6.91 -7.69 -25.43
N PHE B 4 -7.35 -6.69 -26.18
CA PHE B 4 -6.54 -6.13 -27.27
C PHE B 4 -5.48 -5.19 -26.73
N VAL B 5 -4.36 -5.76 -26.29
CA VAL B 5 -3.25 -4.97 -25.73
C VAL B 5 -3.69 -4.24 -24.46
N GLN B 6 -4.31 -4.98 -23.56
CA GLN B 6 -4.79 -4.43 -22.28
C GLN B 6 -3.74 -4.58 -21.19
N GLU B 7 -3.74 -3.67 -20.23
CA GLU B 7 -2.79 -3.70 -19.12
C GLU B 7 -1.35 -3.60 -19.62
N ARG B 8 -0.39 -3.77 -18.72
CA ARG B 8 1.04 -3.70 -19.06
C ARG B 8 1.80 -4.83 -18.39
N ILE B 9 2.93 -5.21 -19.00
CA ILE B 9 3.75 -6.30 -18.46
C ILE B 9 4.32 -5.94 -17.08
N GLY B 10 4.69 -4.68 -16.90
CA GLY B 10 5.24 -4.24 -15.63
C GLY B 10 4.15 -3.90 -14.62
N LEU B 11 3.08 -3.27 -15.09
CA LEU B 11 1.96 -2.89 -14.23
C LEU B 11 1.35 -4.11 -13.55
N PHE B 12 1.31 -5.23 -14.26
CA PHE B 12 0.75 -6.47 -13.72
C PHE B 12 1.59 -6.99 -12.55
N ILE B 13 2.91 -6.72 -12.60
CA ILE B 13 3.82 -7.15 -11.54
C ILE B 13 3.47 -6.51 -10.21
N VAL B 14 3.38 -5.17 -10.20
CA VAL B 14 3.05 -4.43 -8.98
C VAL B 14 1.65 -4.79 -8.48
N ASN B 15 0.69 -4.87 -9.40
CA ASN B 15 -0.71 -5.21 -9.04
C ASN B 15 -0.78 -6.52 -8.25
N PHE B 16 -0.17 -7.57 -8.78
CA PHE B 16 -0.16 -8.87 -8.13
C PHE B 16 0.80 -8.91 -6.94
N PHE B 17 1.90 -8.14 -7.02
CA PHE B 17 2.90 -8.10 -5.95
C PHE B 17 2.31 -7.49 -4.67
N ILE B 18 1.57 -6.39 -4.81
CA ILE B 18 0.98 -5.72 -3.65
C ILE B 18 -0.01 -6.65 -2.94
N PHE B 19 -0.68 -7.51 -3.71
CA PHE B 19 -1.65 -8.46 -3.16
C PHE B 19 -0.98 -9.43 -2.19
N THR B 20 0.24 -9.84 -2.55
CA THR B 20 1.02 -10.78 -1.74
C THR B 20 1.42 -10.20 -0.39
N VAL B 21 1.86 -8.95 -0.38
CA VAL B 21 2.30 -8.30 0.86
C VAL B 21 1.12 -7.74 1.66
N VAL B 22 0.21 -7.04 0.98
CA VAL B 22 -0.97 -6.46 1.63
C VAL B 22 -1.76 -7.49 2.44
N SER B 23 -1.69 -8.75 2.02
CA SER B 23 -2.38 -9.83 2.71
C SER B 23 -1.53 -10.36 3.86
N ALA B 24 -0.21 -10.35 3.67
CA ALA B 24 0.73 -10.82 4.69
C ALA B 24 0.59 -10.03 5.99
N ILE B 25 0.30 -8.72 5.88
CA ILE B 25 0.15 -7.87 7.05
C ILE B 25 -1.09 -8.27 7.87
N THR B 26 -2.26 -8.19 7.24
CA THR B 26 -3.51 -8.54 7.91
C THR B 26 -3.57 -10.02 8.30
N LEU B 27 -2.95 -10.86 7.50
CA LEU B 27 -2.93 -12.29 7.74
C LEU B 27 -2.01 -12.66 8.91
N LEU B 28 -0.84 -12.03 8.95
CA LEU B 28 0.14 -12.30 10.01
C LEU B 28 -0.28 -11.66 11.34
N VAL B 29 -0.80 -10.44 11.27
CA VAL B 29 -1.23 -9.73 12.48
C VAL B 29 -2.51 -10.33 13.07
N SER B 30 -3.37 -10.85 12.21
CA SER B 30 -4.63 -11.44 12.66
C SER B 30 -4.40 -12.66 13.56
N MET B 31 -3.55 -13.57 13.11
CA MET B 31 -3.24 -14.79 13.86
C MET B 31 -2.33 -14.50 15.06
N ALA B 32 -1.33 -13.64 14.88
CA ALA B 32 -0.41 -13.30 15.95
C ALA B 32 -1.09 -12.55 17.10
N PHE B 33 -1.83 -11.49 16.76
CA PHE B 33 -2.52 -10.69 17.77
C PHE B 33 -3.69 -11.44 18.40
N LEU B 34 -4.47 -12.15 17.57
CA LEU B 34 -5.62 -12.90 18.06
C LEU B 34 -5.18 -14.02 19.00
N THR B 35 -4.04 -14.65 18.71
CA THR B 35 -3.52 -15.74 19.53
C THR B 35 -3.03 -15.23 20.89
N ALA B 36 -2.32 -14.10 20.87
CA ALA B 36 -1.79 -13.51 22.10
C ALA B 36 -2.91 -12.98 22.99
N THR B 37 -3.77 -12.16 22.40
CA THR B 37 -4.89 -11.56 23.12
C THR B 37 -5.89 -12.64 23.58
N ARG B 38 -6.11 -13.63 22.72
CA ARG B 38 -7.04 -14.73 23.03
C ARG B 38 -8.45 -14.20 23.26
N MET C 1 19.34 -13.96 -22.93
CA MET C 1 18.39 -13.05 -22.23
C MET C 1 16.97 -13.62 -22.29
N LEU C 2 16.51 -14.16 -21.17
CA LEU C 2 15.17 -14.74 -21.10
C LEU C 2 14.10 -13.65 -21.24
N PRO C 3 14.04 -12.66 -20.31
CA PRO C 3 13.04 -11.58 -20.38
C PRO C 3 13.35 -10.61 -21.51
N PHE C 4 12.59 -10.72 -22.60
CA PHE C 4 12.78 -9.84 -23.75
C PHE C 4 12.12 -8.48 -23.51
N VAL C 5 12.84 -7.60 -22.81
CA VAL C 5 12.34 -6.26 -22.50
C VAL C 5 11.10 -6.35 -21.60
N GLN C 6 11.21 -7.14 -20.53
CA GLN C 6 10.12 -7.32 -19.58
C GLN C 6 10.22 -6.32 -18.43
N GLU C 7 9.08 -5.95 -17.86
CA GLU C 7 9.04 -5.01 -16.73
C GLU C 7 9.62 -3.65 -17.14
N ARG C 8 9.78 -2.75 -16.17
CA ARG C 8 10.32 -1.41 -16.41
C ARG C 8 11.34 -1.05 -15.33
N ILE C 9 12.27 -0.16 -15.69
CA ILE C 9 13.30 0.28 -14.75
C ILE C 9 12.70 0.99 -13.54
N GLY C 10 11.66 1.80 -13.79
CA GLY C 10 11.01 2.54 -12.72
C GLY C 10 10.00 1.69 -11.97
N LEU C 11 9.24 0.89 -12.72
CA LEU C 11 8.23 0.01 -12.13
C LEU C 11 8.83 -0.94 -11.10
N PHE C 12 10.05 -1.41 -11.38
CA PHE C 12 10.76 -2.32 -10.48
C PHE C 12 11.08 -1.64 -9.14
N ILE C 13 11.30 -0.32 -9.19
CA ILE C 13 11.62 0.45 -7.98
C ILE C 13 10.46 0.42 -6.99
N VAL C 14 9.27 0.79 -7.46
CA VAL C 14 8.08 0.81 -6.60
C VAL C 14 7.73 -0.60 -6.11
N ASN C 15 7.81 -1.58 -7.00
CA ASN C 15 7.50 -2.98 -6.65
C ASN C 15 8.33 -3.46 -5.45
N PHE C 16 9.64 -3.27 -5.54
CA PHE C 16 10.55 -3.67 -4.47
C PHE C 16 10.49 -2.72 -3.27
N PHE C 17 10.23 -1.44 -3.55
CA PHE C 17 10.15 -0.42 -2.50
C PHE C 17 8.97 -0.68 -1.56
N ILE C 18 7.80 -1.01 -2.13
CA ILE C 18 6.61 -1.26 -1.32
C ILE C 18 6.82 -2.48 -0.40
N PHE C 19 7.62 -3.44 -0.87
CA PHE C 19 7.92 -4.63 -0.09
C PHE C 19 8.65 -4.27 1.21
N THR C 20 9.56 -3.31 1.11
CA THR C 20 10.35 -2.84 2.24
C THR C 20 9.50 -2.19 3.33
N VAL C 21 8.56 -1.35 2.93
CA VAL C 21 7.70 -0.65 3.88
C VAL C 21 6.54 -1.51 4.36
N VAL C 22 5.86 -2.17 3.41
CA VAL C 22 4.71 -3.03 3.73
C VAL C 22 5.06 -4.07 4.80
N SER C 23 6.32 -4.46 4.85
CA SER C 23 6.79 -5.45 5.81
C SER C 23 7.13 -4.77 7.14
N ALA C 24 7.64 -3.53 7.06
CA ALA C 24 8.00 -2.76 8.23
C ALA C 24 6.81 -2.54 9.16
N ILE C 25 5.62 -2.37 8.58
CA ILE C 25 4.40 -2.16 9.36
C ILE C 25 4.05 -3.40 10.17
N THR C 26 3.79 -4.51 9.49
CA THR C 26 3.43 -5.77 10.14
C THR C 26 4.55 -6.30 11.02
N LEU C 27 5.78 -6.05 10.62
CA LEU C 27 6.95 -6.51 11.35
C LEU C 27 7.17 -5.70 12.63
N LEU C 28 7.02 -4.39 12.53
CA LEU C 28 7.21 -3.50 13.68
C LEU C 28 6.05 -3.61 14.67
N VAL C 29 4.82 -3.67 14.15
CA VAL C 29 3.63 -3.76 14.99
C VAL C 29 3.51 -5.13 15.66
N SER C 30 3.97 -6.18 14.99
CA SER C 30 3.90 -7.54 15.52
C SER C 30 4.72 -7.67 16.80
N MET C 31 5.96 -7.22 16.76
CA MET C 31 6.85 -7.30 17.91
C MET C 31 6.49 -6.28 19.00
N ALA C 32 6.15 -5.07 18.59
CA ALA C 32 5.78 -4.01 19.54
C ALA C 32 4.49 -4.33 20.30
N PHE C 33 3.44 -4.68 19.56
CA PHE C 33 2.15 -5.00 20.18
C PHE C 33 2.19 -6.31 20.94
N LEU C 34 2.83 -7.33 20.37
CA LEU C 34 2.91 -8.64 21.01
C LEU C 34 3.71 -8.57 22.30
N THR C 35 4.74 -7.72 22.33
CA THR C 35 5.57 -7.56 23.52
C THR C 35 4.81 -6.85 24.64
N ALA C 36 4.09 -5.79 24.28
CA ALA C 36 3.33 -5.02 25.26
C ALA C 36 2.16 -5.84 25.82
N THR C 37 1.37 -6.40 24.91
CA THR C 37 0.20 -7.21 25.30
C THR C 37 0.64 -8.47 26.03
N ARG C 38 1.73 -9.08 25.58
CA ARG C 38 2.27 -10.30 26.18
C ARG C 38 1.24 -11.44 26.11
N MET D 1 26.88 11.99 -15.11
CA MET D 1 25.52 11.45 -14.85
C MET D 1 25.54 9.93 -14.81
N LEU D 2 25.47 9.37 -13.61
CA LEU D 2 25.49 7.93 -13.42
C LEU D 2 24.23 7.29 -14.02
N PRO D 3 23.01 7.62 -13.50
CA PRO D 3 21.76 7.06 -14.02
C PRO D 3 21.41 7.61 -15.40
N PHE D 4 21.63 6.80 -16.43
CA PHE D 4 21.34 7.20 -17.81
C PHE D 4 19.85 7.07 -18.10
N VAL D 5 19.09 8.09 -17.71
CA VAL D 5 17.63 8.10 -17.92
C VAL D 5 16.96 6.96 -17.14
N GLN D 6 17.32 6.85 -15.86
CA GLN D 6 16.76 5.82 -14.98
C GLN D 6 15.53 6.34 -14.25
N GLU D 7 14.61 5.42 -13.92
CA GLU D 7 13.37 5.77 -13.22
C GLU D 7 12.53 6.77 -14.03
N ARG D 8 11.46 7.28 -13.43
CA ARG D 8 10.57 8.23 -14.09
C ARG D 8 10.21 9.37 -13.14
N ILE D 9 9.88 10.53 -13.71
CA ILE D 9 9.53 11.70 -12.91
C ILE D 9 8.26 11.45 -12.10
N GLY D 10 7.30 10.75 -12.68
CA GLY D 10 6.06 10.45 -11.99
C GLY D 10 6.18 9.25 -11.06
N LEU D 11 6.89 8.23 -11.52
CA LEU D 11 7.10 7.00 -10.74
C LEU D 11 7.77 7.31 -9.39
N PHE D 12 8.69 8.27 -9.41
CA PHE D 12 9.40 8.67 -8.20
C PHE D 12 8.45 9.28 -7.17
N ILE D 13 7.39 9.95 -7.66
CA ILE D 13 6.40 10.57 -6.78
C ILE D 13 5.69 9.54 -5.93
N VAL D 14 5.12 8.52 -6.58
CA VAL D 14 4.40 7.46 -5.88
C VAL D 14 5.33 6.68 -4.95
N ASN D 15 6.52 6.36 -5.43
CA ASN D 15 7.51 5.62 -4.62
C ASN D 15 7.78 6.30 -3.28
N PHE D 16 8.10 7.59 -3.34
CA PHE D 16 8.39 8.36 -2.13
C PHE D 16 7.11 8.71 -1.36
N PHE D 17 6.00 8.88 -2.08
CA PHE D 17 4.72 9.22 -1.46
C PHE D 17 4.20 8.08 -0.59
N ILE D 18 4.29 6.84 -1.09
CA ILE D 18 3.82 5.68 -0.33
C ILE D 18 4.62 5.52 0.98
N PHE D 19 5.90 5.91 0.94
CA PHE D 19 6.76 5.82 2.11
C PHE D 19 6.25 6.71 3.25
N THR D 20 5.75 7.89 2.87
CA THR D 20 5.22 8.85 3.82
C THR D 20 3.97 8.35 4.56
N VAL D 21 3.05 7.73 3.81
CA VAL D 21 1.81 7.22 4.40
C VAL D 21 2.00 5.86 5.06
N VAL D 22 2.67 4.94 4.36
CA VAL D 22 2.92 3.59 4.88
C VAL D 22 3.57 3.61 6.27
N SER D 23 4.33 4.67 6.55
CA SER D 23 5.00 4.83 7.83
C SER D 23 4.06 5.46 8.85
N ALA D 24 3.19 6.36 8.36
CA ALA D 24 2.22 7.04 9.22
C ALA D 24 1.29 6.05 9.93
N ILE D 25 0.94 4.96 9.24
CA ILE D 25 0.07 3.94 9.81
C ILE D 25 0.73 3.22 10.98
N THR D 26 1.86 2.56 10.71
CA THR D 26 2.59 1.84 11.73
C THR D 26 3.13 2.75 12.83
N LEU D 27 3.49 3.97 12.45
CA LEU D 27 4.02 4.95 13.37
C LEU D 27 2.94 5.50 14.30
N LEU D 28 1.78 5.80 13.74
CA LEU D 28 0.67 6.35 14.51
C LEU D 28 0.01 5.29 15.39
N VAL D 29 -0.17 4.09 14.83
CA VAL D 29 -0.79 2.99 15.57
C VAL D 29 0.12 2.44 16.67
N SER D 30 1.42 2.48 16.43
CA SER D 30 2.39 1.97 17.41
C SER D 30 2.34 2.77 18.71
N MET D 31 2.38 4.10 18.60
CA MET D 31 2.34 4.97 19.77
C MET D 31 0.96 5.03 20.41
N ALA D 32 -0.08 5.11 19.56
CA ALA D 32 -1.46 5.19 20.05
C ALA D 32 -1.89 3.92 20.78
N PHE D 33 -1.68 2.76 20.15
CA PHE D 33 -2.06 1.48 20.74
C PHE D 33 -1.18 1.11 21.92
N LEU D 34 0.13 1.33 21.78
CA LEU D 34 1.08 1.00 22.85
C LEU D 34 0.82 1.84 24.10
N THR D 35 0.43 3.09 23.90
CA THR D 35 0.14 4.01 25.01
C THR D 35 -1.12 3.60 25.75
N ALA D 36 -2.17 3.27 25.00
CA ALA D 36 -3.45 2.87 25.57
C ALA D 36 -3.33 1.53 26.30
N THR D 37 -2.79 0.54 25.60
CA THR D 37 -2.62 -0.80 26.17
C THR D 37 -1.63 -0.78 27.33
N ARG D 38 -0.56 0.00 27.19
CA ARG D 38 0.46 0.11 28.22
C ARG D 38 1.14 -1.23 28.48
N MET E 1 4.08 28.42 -16.43
CA MET E 1 4.00 26.98 -16.09
C MET E 1 5.32 26.48 -15.51
N LEU E 2 5.35 26.30 -14.19
CA LEU E 2 6.56 25.82 -13.52
C LEU E 2 6.89 24.39 -13.93
N PRO E 3 6.00 23.40 -13.66
CA PRO E 3 6.25 22.00 -14.03
C PRO E 3 6.14 21.78 -15.54
N PHE E 4 7.29 21.66 -16.20
CA PHE E 4 7.32 21.43 -17.64
C PHE E 4 7.03 19.97 -17.97
N VAL E 5 5.75 19.63 -18.02
CA VAL E 5 5.32 18.26 -18.33
C VAL E 5 5.81 17.29 -17.25
N GLN E 6 5.56 17.66 -15.99
CA GLN E 6 5.96 16.83 -14.85
C GLN E 6 4.83 15.89 -14.44
N GLU E 7 5.20 14.74 -13.88
CA GLU E 7 4.22 13.75 -13.42
C GLU E 7 3.36 13.25 -14.59
N ARG E 8 2.34 12.45 -14.28
CA ARG E 8 1.44 11.91 -15.30
C ARG E 8 -0.02 12.02 -14.84
N ILE E 9 -0.94 12.07 -15.80
CA ILE E 9 -2.36 12.19 -15.50
C ILE E 9 -2.87 10.97 -14.74
N GLY E 10 -2.37 9.79 -15.10
CA GLY E 10 -2.78 8.56 -14.44
C GLY E 10 -2.03 8.33 -13.14
N LEU E 11 -0.72 8.61 -13.16
CA LEU E 11 0.13 8.43 -11.99
C LEU E 11 -0.39 9.25 -10.80
N PHE E 12 -0.90 10.44 -11.08
CA PHE E 12 -1.43 11.31 -10.04
C PHE E 12 -2.66 10.68 -9.37
N ILE E 13 -3.42 9.89 -10.13
CA ILE E 13 -4.62 9.24 -9.60
C ILE E 13 -4.26 8.25 -8.49
N VAL E 14 -3.34 7.34 -8.78
CA VAL E 14 -2.92 6.34 -7.80
C VAL E 14 -2.25 6.99 -6.59
N ASN E 15 -1.39 7.98 -6.84
CA ASN E 15 -0.69 8.69 -5.77
C ASN E 15 -1.67 9.27 -4.73
N PHE E 16 -2.66 10.01 -5.22
CA PHE E 16 -3.66 10.61 -4.34
C PHE E 16 -4.68 9.57 -3.83
N PHE E 17 -4.95 8.55 -4.65
CA PHE E 17 -5.90 7.50 -4.28
C PHE E 17 -5.40 6.68 -3.10
N ILE E 18 -4.11 6.32 -3.12
CA ILE E 18 -3.53 5.52 -2.04
C ILE E 18 -3.57 6.29 -0.70
N PHE E 19 -3.47 7.62 -0.78
CA PHE E 19 -3.51 8.47 0.39
C PHE E 19 -4.85 8.35 1.11
N THR E 20 -5.92 8.27 0.31
CA THR E 20 -7.28 8.15 0.82
C THR E 20 -7.53 6.86 1.59
N VAL E 21 -7.04 5.74 1.05
CA VAL E 21 -7.22 4.44 1.70
C VAL E 21 -6.21 4.19 2.80
N VAL E 22 -4.94 4.46 2.52
CA VAL E 22 -3.86 4.26 3.49
C VAL E 22 -4.15 4.96 4.83
N SER E 23 -4.92 6.04 4.77
CA SER E 23 -5.27 6.81 5.96
C SER E 23 -6.51 6.19 6.62
N ALA E 24 -7.41 5.66 5.79
CA ALA E 24 -8.64 5.04 6.29
C ALA E 24 -8.34 3.86 7.23
N ILE E 25 -7.27 3.13 6.94
CA ILE E 25 -6.88 1.98 7.77
C ILE E 25 -6.44 2.44 9.16
N THR E 26 -5.40 3.25 9.23
CA THR E 26 -4.87 3.75 10.49
C THR E 26 -5.87 4.64 11.23
N LEU E 27 -6.68 5.36 10.47
CA LEU E 27 -7.68 6.25 11.03
C LEU E 27 -8.86 5.48 11.62
N LEU E 28 -9.32 4.47 10.90
CA LEU E 28 -10.44 3.66 11.36
C LEU E 28 -10.05 2.73 12.50
N VAL E 29 -8.88 2.12 12.40
CA VAL E 29 -8.39 1.19 13.42
C VAL E 29 -7.99 1.92 14.71
N SER E 30 -7.49 3.16 14.57
CA SER E 30 -7.07 3.94 15.72
C SER E 30 -8.24 4.24 16.66
N MET E 31 -9.34 4.72 16.08
CA MET E 31 -10.53 5.07 16.87
C MET E 31 -11.29 3.82 17.34
N ALA E 32 -11.40 2.83 16.46
CA ALA E 32 -12.11 1.59 16.79
C ALA E 32 -11.42 0.79 17.89
N PHE E 33 -10.12 0.56 17.72
CA PHE E 33 -9.35 -0.21 18.69
C PHE E 33 -9.13 0.56 19.99
N LEU E 34 -8.82 1.85 19.87
CA LEU E 34 -8.60 2.69 21.05
C LEU E 34 -9.86 2.81 21.90
N THR E 35 -11.02 2.86 21.24
CA THR E 35 -12.30 2.98 21.94
C THR E 35 -12.65 1.69 22.69
N ALA E 36 -12.45 0.56 22.02
CA ALA E 36 -12.74 -0.75 22.62
C ALA E 36 -11.79 -1.05 23.77
N THR E 37 -10.49 -0.93 23.51
CA THR E 37 -9.47 -1.20 24.51
C THR E 37 -9.55 -0.20 25.66
N ARG E 38 -9.83 1.07 25.34
CA ARG E 38 -9.94 2.13 26.34
C ARG E 38 -8.63 2.31 27.10
N MET A 1 -1.88 22.68 -23.13
CA MET A 1 -2.84 22.01 -22.21
C MET A 1 -3.97 21.35 -23.00
N LEU A 2 -4.13 20.04 -22.81
CA LEU A 2 -5.17 19.28 -23.50
C LEU A 2 -5.31 17.86 -22.91
N PRO A 3 -4.25 17.01 -22.95
CA PRO A 3 -4.32 15.65 -22.41
C PRO A 3 -4.50 15.65 -20.90
N PHE A 4 -5.61 15.08 -20.44
CA PHE A 4 -5.89 15.01 -19.00
C PHE A 4 -6.81 13.82 -18.69
N VAL A 5 -7.93 13.75 -19.41
CA VAL A 5 -8.88 12.66 -19.22
C VAL A 5 -8.48 11.42 -20.01
N GLN A 6 -8.72 10.24 -19.45
CA GLN A 6 -8.38 8.97 -20.09
C GLN A 6 -6.89 8.87 -20.34
N GLU A 7 -6.19 8.14 -19.48
CA GLU A 7 -4.75 7.96 -19.60
C GLU A 7 -4.30 6.65 -18.93
N ARG A 8 -3.67 5.77 -19.71
CA ARG A 8 -3.20 4.48 -19.21
C ARG A 8 -4.35 3.65 -18.62
N ILE A 9 -4.94 2.80 -19.47
CA ILE A 9 -6.04 1.95 -19.04
C ILE A 9 -5.63 1.00 -17.91
N GLY A 10 -4.34 0.69 -17.84
CA GLY A 10 -3.84 -0.21 -16.80
C GLY A 10 -3.71 0.48 -15.45
N LEU A 11 -3.39 1.77 -15.47
CA LEU A 11 -3.22 2.57 -14.24
C LEU A 11 -4.46 2.46 -13.34
N PHE A 12 -5.64 2.38 -13.96
CA PHE A 12 -6.89 2.26 -13.22
C PHE A 12 -6.95 0.94 -12.45
N ILE A 13 -6.22 -0.07 -12.93
CA ILE A 13 -6.19 -1.38 -12.28
C ILE A 13 -5.59 -1.28 -10.88
N VAL A 14 -4.41 -0.66 -10.77
CA VAL A 14 -3.75 -0.52 -9.46
C VAL A 14 -4.58 0.33 -8.51
N ASN A 15 -5.13 1.44 -9.01
CA ASN A 15 -5.96 2.34 -8.20
C ASN A 15 -7.12 1.61 -7.55
N PHE A 16 -7.83 0.82 -8.34
CA PHE A 16 -8.97 0.04 -7.84
C PHE A 16 -8.53 -1.19 -7.05
N PHE A 17 -7.39 -1.76 -7.44
CA PHE A 17 -6.87 -2.95 -6.76
C PHE A 17 -6.48 -2.65 -5.32
N ILE A 18 -5.75 -1.55 -5.11
CA ILE A 18 -5.33 -1.16 -3.76
C ILE A 18 -6.52 -0.81 -2.87
N PHE A 19 -7.58 -0.29 -3.47
CA PHE A 19 -8.79 0.08 -2.73
C PHE A 19 -9.40 -1.13 -2.01
N THR A 20 -9.57 -2.23 -2.75
CA THR A 20 -10.14 -3.45 -2.19
C THR A 20 -9.14 -4.21 -1.31
N VAL A 21 -7.87 -4.16 -1.68
CA VAL A 21 -6.83 -4.85 -0.92
C VAL A 21 -6.51 -4.08 0.37
N VAL A 22 -6.03 -2.85 0.20
CA VAL A 22 -5.67 -1.99 1.33
C VAL A 22 -6.86 -1.82 2.30
N SER A 23 -8.09 -2.07 1.81
CA SER A 23 -9.28 -1.95 2.65
C SER A 23 -9.53 -3.25 3.41
N ALA A 24 -9.24 -4.38 2.77
CA ALA A 24 -9.43 -5.70 3.37
C ALA A 24 -8.62 -5.87 4.66
N ILE A 25 -7.44 -5.23 4.71
CA ILE A 25 -6.58 -5.32 5.89
C ILE A 25 -7.21 -4.62 7.10
N THR A 26 -7.83 -3.47 6.87
CA THR A 26 -8.47 -2.71 7.94
C THR A 26 -9.83 -3.27 8.31
N LEU A 27 -10.51 -3.86 7.33
CA LEU A 27 -11.83 -4.44 7.54
C LEU A 27 -11.73 -5.81 8.20
N LEU A 28 -10.71 -6.57 7.83
CA LEU A 28 -10.49 -7.91 8.39
C LEU A 28 -9.89 -7.85 9.79
N VAL A 29 -8.86 -7.04 9.97
CA VAL A 29 -8.20 -6.90 11.26
C VAL A 29 -9.12 -6.20 12.28
N SER A 30 -9.95 -5.28 11.79
CA SER A 30 -10.87 -4.55 12.67
C SER A 30 -11.87 -5.50 13.32
N MET A 31 -12.42 -6.41 12.52
CA MET A 31 -13.38 -7.39 13.00
C MET A 31 -12.72 -8.36 13.99
N ALA A 32 -11.50 -8.78 13.66
CA ALA A 32 -10.75 -9.71 14.51
C ALA A 32 -10.45 -9.08 15.87
N PHE A 33 -10.12 -7.79 15.88
CA PHE A 33 -9.81 -7.07 17.10
C PHE A 33 -11.00 -7.08 18.06
N LEU A 34 -12.16 -6.67 17.55
CA LEU A 34 -13.38 -6.62 18.35
C LEU A 34 -13.79 -8.02 18.83
N THR A 35 -13.36 -9.05 18.10
CA THR A 35 -13.69 -10.44 18.46
C THR A 35 -13.05 -10.84 19.79
N ALA A 36 -11.74 -10.64 19.90
CA ALA A 36 -11.01 -10.99 21.11
C ALA A 36 -11.35 -10.06 22.26
N THR A 37 -11.35 -8.75 21.99
CA THR A 37 -11.65 -7.75 23.00
C THR A 37 -13.10 -7.87 23.48
N ARG A 38 -14.02 -8.17 22.55
CA ARG A 38 -15.43 -8.31 22.88
C ARG A 38 -16.01 -7.02 23.45
N MET B 1 -12.19 4.67 -29.71
CA MET B 1 -12.26 3.59 -28.68
C MET B 1 -11.79 2.27 -29.26
N LEU B 2 -10.77 1.68 -28.63
CA LEU B 2 -10.22 0.40 -29.09
C LEU B 2 -9.24 -0.18 -28.05
N PRO B 3 -8.13 0.52 -27.71
CA PRO B 3 -7.16 0.01 -26.73
C PRO B 3 -7.76 -0.06 -25.33
N PHE B 4 -7.80 -1.27 -24.78
CA PHE B 4 -8.35 -1.49 -23.44
C PHE B 4 -7.73 -2.73 -22.80
N VAL B 5 -7.80 -3.85 -23.51
CA VAL B 5 -7.24 -5.10 -23.03
C VAL B 5 -5.75 -5.19 -23.31
N GLN B 6 -5.00 -5.79 -22.36
CA GLN B 6 -3.55 -5.95 -22.50
C GLN B 6 -2.86 -4.60 -22.60
N GLU B 7 -2.30 -4.14 -21.47
CA GLU B 7 -1.60 -2.87 -21.43
C GLU B 7 -0.55 -2.86 -20.32
N ARG B 8 0.70 -2.61 -20.69
CA ARG B 8 1.81 -2.59 -19.73
C ARG B 8 1.94 -3.90 -18.98
N ILE B 9 2.77 -4.81 -19.50
CA ILE B 9 2.99 -6.11 -18.88
C ILE B 9 3.56 -5.98 -17.46
N GLY B 10 4.24 -4.87 -17.19
CA GLY B 10 4.82 -4.65 -15.88
C GLY B 10 3.79 -4.21 -14.85
N LEU B 11 2.78 -3.47 -15.31
CA LEU B 11 1.71 -2.98 -14.42
C LEU B 11 1.07 -4.12 -13.63
N PHE B 12 0.96 -5.29 -14.27
CA PHE B 12 0.37 -6.46 -13.62
C PHE B 12 1.22 -6.92 -12.43
N ILE B 13 2.51 -6.60 -12.48
CA ILE B 13 3.44 -7.00 -11.42
C ILE B 13 3.07 -6.32 -10.09
N VAL B 14 2.88 -4.99 -10.12
CA VAL B 14 2.52 -4.25 -8.92
C VAL B 14 1.16 -4.68 -8.37
N ASN B 15 0.20 -4.84 -9.28
CA ASN B 15 -1.16 -5.26 -8.90
C ASN B 15 -1.16 -6.57 -8.11
N PHE B 16 -0.43 -7.55 -8.63
CA PHE B 16 -0.32 -8.85 -7.97
C PHE B 16 0.62 -8.82 -6.77
N PHE B 17 1.66 -7.97 -6.84
CA PHE B 17 2.63 -7.85 -5.76
C PHE B 17 1.97 -7.29 -4.48
N ILE B 18 1.20 -6.22 -4.63
CA ILE B 18 0.52 -5.61 -3.47
C ILE B 18 -0.50 -6.56 -2.85
N PHE B 19 -1.10 -7.41 -3.67
CA PHE B 19 -2.10 -8.37 -3.19
C PHE B 19 -1.51 -9.31 -2.15
N THR B 20 -0.36 -9.90 -2.46
CA THR B 20 0.32 -10.82 -1.55
C THR B 20 1.01 -10.10 -0.40
N VAL B 21 1.53 -8.91 -0.67
CA VAL B 21 2.22 -8.13 0.37
C VAL B 21 1.20 -7.48 1.31
N VAL B 22 0.36 -6.61 0.77
CA VAL B 22 -0.67 -5.92 1.55
C VAL B 22 -1.57 -6.92 2.30
N SER B 23 -1.60 -8.17 1.85
CA SER B 23 -2.40 -9.21 2.50
C SER B 23 -1.63 -9.85 3.66
N ALA B 24 -0.33 -10.01 3.47
CA ALA B 24 0.55 -10.60 4.49
C ALA B 24 0.52 -9.82 5.81
N ILE B 25 0.34 -8.50 5.72
CA ILE B 25 0.30 -7.65 6.91
C ILE B 25 -0.95 -7.93 7.74
N THR B 26 -2.08 -8.13 7.08
CA THR B 26 -3.35 -8.40 7.76
C THR B 26 -3.46 -9.85 8.21
N LEU B 27 -2.83 -10.75 7.46
CA LEU B 27 -2.84 -12.17 7.77
C LEU B 27 -1.85 -12.51 8.88
N LEU B 28 -0.70 -11.83 8.87
CA LEU B 28 0.34 -12.07 9.87
C LEU B 28 0.00 -11.40 11.21
N VAL B 29 -0.42 -10.14 11.15
CA VAL B 29 -0.78 -9.40 12.36
C VAL B 29 -2.06 -9.95 12.99
N SER B 30 -2.97 -10.45 12.16
CA SER B 30 -4.23 -11.01 12.65
C SER B 30 -3.98 -12.24 13.53
N MET B 31 -3.09 -13.11 13.06
CA MET B 31 -2.74 -14.32 13.79
C MET B 31 -2.02 -13.97 15.10
N ALA B 32 -1.12 -13.00 15.03
CA ALA B 32 -0.36 -12.56 16.19
C ALA B 32 -1.28 -11.99 17.28
N PHE B 33 -2.29 -11.24 16.84
CA PHE B 33 -3.25 -10.62 17.75
C PHE B 33 -3.99 -11.69 18.57
N LEU B 34 -4.57 -12.66 17.86
CA LEU B 34 -5.30 -13.74 18.50
C LEU B 34 -4.39 -14.58 19.42
N THR B 35 -3.08 -14.57 19.13
CA THR B 35 -2.12 -15.34 19.93
C THR B 35 -2.02 -14.80 21.36
N ALA B 36 -1.79 -13.50 21.48
CA ALA B 36 -1.67 -12.87 22.80
C ALA B 36 -3.01 -12.79 23.51
N THR B 37 -4.05 -12.36 22.80
CA THR B 37 -5.38 -12.24 23.37
C THR B 37 -5.95 -13.60 23.76
N ARG B 38 -5.66 -14.62 22.94
CA ARG B 38 -6.13 -15.98 23.19
C ARG B 38 -7.66 -16.05 23.22
N MET C 1 2.31 -11.56 -30.23
CA MET C 1 2.85 -11.94 -28.89
C MET C 1 4.38 -11.99 -28.93
N LEU C 2 5.01 -11.19 -28.08
CA LEU C 2 6.47 -11.15 -28.01
C LEU C 2 6.94 -10.37 -26.77
N PRO C 3 6.59 -9.07 -26.63
CA PRO C 3 7.02 -8.28 -25.45
C PRO C 3 6.39 -8.78 -24.17
N PHE C 4 7.22 -9.20 -23.23
CA PHE C 4 6.75 -9.70 -21.94
C PHE C 4 7.81 -9.52 -20.86
N VAL C 5 9.02 -10.00 -21.14
CA VAL C 5 10.13 -9.89 -20.21
C VAL C 5 10.82 -8.54 -20.33
N GLN C 6 11.27 -7.99 -19.19
CA GLN C 6 11.94 -6.69 -19.15
C GLN C 6 11.04 -5.58 -19.68
N GLU C 7 10.44 -4.84 -18.75
CA GLU C 7 9.54 -3.74 -19.10
C GLU C 7 9.50 -2.69 -17.99
N ARG C 8 9.85 -1.45 -18.34
CA ARG C 8 9.86 -0.34 -17.38
C ARG C 8 10.79 -0.64 -16.19
N ILE C 9 12.04 -0.20 -16.31
CA ILE C 9 13.04 -0.41 -15.26
C ILE C 9 12.61 0.26 -13.94
N GLY C 10 11.78 1.29 -14.03
CA GLY C 10 11.32 1.99 -12.84
C GLY C 10 10.22 1.24 -12.11
N LEU C 11 9.39 0.51 -12.87
CA LEU C 11 8.28 -0.27 -12.30
C LEU C 11 8.78 -1.22 -11.20
N PHE C 12 9.98 -1.76 -11.39
CA PHE C 12 10.57 -2.67 -10.41
C PHE C 12 10.85 -1.97 -9.08
N ILE C 13 11.03 -0.64 -9.14
CA ILE C 13 11.31 0.16 -7.95
C ILE C 13 10.12 0.11 -6.99
N VAL C 14 8.92 0.39 -7.48
CA VAL C 14 7.72 0.39 -6.65
C VAL C 14 7.44 -1.01 -6.09
N ASN C 15 7.57 -2.02 -6.95
CA ASN C 15 7.33 -3.42 -6.54
C ASN C 15 8.20 -3.81 -5.34
N PHE C 16 9.48 -3.50 -5.42
CA PHE C 16 10.43 -3.81 -4.35
C PHE C 16 10.28 -2.84 -3.16
N PHE C 17 9.93 -1.60 -3.46
CA PHE C 17 9.77 -0.58 -2.42
C PHE C 17 8.61 -0.91 -1.48
N ILE C 18 7.47 -1.29 -2.04
CA ILE C 18 6.30 -1.63 -1.23
C ILE C 18 6.55 -2.88 -0.39
N PHE C 19 7.38 -3.79 -0.90
CA PHE C 19 7.70 -5.03 -0.19
C PHE C 19 8.36 -4.75 1.17
N THR C 20 9.37 -3.87 1.17
CA THR C 20 10.07 -3.51 2.39
C THR C 20 9.27 -2.55 3.26
N VAL C 21 8.51 -1.67 2.62
CA VAL C 21 7.71 -0.69 3.36
C VAL C 21 6.46 -1.36 3.95
N VAL C 22 5.61 -1.89 3.07
CA VAL C 22 4.38 -2.58 3.48
C VAL C 22 4.68 -3.71 4.47
N SER C 23 5.92 -4.20 4.49
CA SER C 23 6.32 -5.27 5.40
C SER C 23 6.72 -4.70 6.77
N ALA C 24 7.37 -3.54 6.74
CA ALA C 24 7.83 -2.86 7.96
C ALA C 24 6.67 -2.55 8.91
N ILE C 25 5.49 -2.26 8.35
CA ILE C 25 4.31 -1.94 9.16
C ILE C 25 3.83 -3.16 9.96
N THR C 26 3.86 -4.33 9.33
CA THR C 26 3.42 -5.56 9.96
C THR C 26 4.49 -6.15 10.89
N LEU C 27 5.75 -5.89 10.54
CA LEU C 27 6.87 -6.39 11.34
C LEU C 27 7.12 -5.51 12.56
N LEU C 28 6.92 -4.20 12.39
CA LEU C 28 7.12 -3.25 13.48
C LEU C 28 5.96 -3.27 14.47
N VAL C 29 4.73 -3.23 13.95
CA VAL C 29 3.53 -3.24 14.79
C VAL C 29 3.36 -4.60 15.48
N SER C 30 3.78 -5.67 14.82
CA SER C 30 3.66 -7.01 15.38
C SER C 30 4.50 -7.14 16.66
N MET C 31 5.73 -6.63 16.59
CA MET C 31 6.64 -6.68 17.72
C MET C 31 6.13 -5.82 18.87
N ALA C 32 5.61 -4.63 18.52
CA ALA C 32 5.07 -3.71 19.51
C ALA C 32 3.88 -4.31 20.25
N PHE C 33 3.04 -5.02 19.51
CA PHE C 33 1.84 -5.66 20.08
C PHE C 33 2.24 -6.67 21.17
N LEU C 34 3.13 -7.58 20.81
CA LEU C 34 3.59 -8.60 21.73
C LEU C 34 4.31 -7.99 22.94
N THR C 35 4.86 -6.78 22.78
CA THR C 35 5.56 -6.09 23.85
C THR C 35 4.62 -5.73 25.00
N ALA C 36 3.52 -5.05 24.67
CA ALA C 36 2.55 -4.65 25.69
C ALA C 36 1.78 -5.84 26.24
N THR C 37 1.30 -6.70 25.34
CA THR C 37 0.54 -7.89 25.75
C THR C 37 1.40 -8.85 26.55
N ARG C 38 2.67 -8.98 26.16
CA ARG C 38 3.61 -9.88 26.84
C ARG C 38 3.13 -11.34 26.78
N MET D 1 21.57 -3.59 -23.98
CA MET D 1 21.61 -3.12 -22.57
C MET D 1 22.19 -1.72 -22.48
N LEU D 2 21.41 -0.80 -21.91
CA LEU D 2 21.84 0.59 -21.76
C LEU D 2 20.88 1.37 -20.84
N PRO D 3 19.58 1.51 -21.19
CA PRO D 3 18.62 2.24 -20.35
C PRO D 3 18.39 1.55 -19.01
N PHE D 4 18.71 2.25 -17.93
CA PHE D 4 18.53 1.71 -16.58
C PHE D 4 18.35 2.84 -15.57
N VAL D 5 19.28 3.78 -15.57
CA VAL D 5 19.22 4.91 -14.66
C VAL D 5 18.33 6.02 -15.19
N GLN D 6 17.60 6.68 -14.30
CA GLN D 6 16.69 7.77 -14.68
C GLN D 6 15.59 7.27 -15.62
N GLU D 7 14.41 7.02 -15.06
CA GLU D 7 13.28 6.55 -15.84
C GLU D 7 11.96 6.93 -15.17
N ARG D 8 11.12 7.66 -15.91
CA ARG D 8 9.82 8.10 -15.40
C ARG D 8 9.98 8.95 -14.13
N ILE D 9 10.06 10.26 -14.30
CA ILE D 9 10.21 11.18 -13.17
C ILE D 9 9.02 11.09 -12.21
N GLY D 10 7.87 10.66 -12.71
CA GLY D 10 6.68 10.54 -11.88
C GLY D 10 6.71 9.30 -11.01
N LEU D 11 7.31 8.22 -11.52
CA LEU D 11 7.41 6.95 -10.80
C LEU D 11 8.03 7.16 -9.40
N PHE D 12 8.97 8.09 -9.30
CA PHE D 12 9.62 8.38 -8.03
C PHE D 12 8.63 8.97 -7.02
N ILE D 13 7.56 9.59 -7.53
CA ILE D 13 6.54 10.18 -6.67
C ILE D 13 5.83 9.12 -5.84
N VAL D 14 5.36 8.06 -6.49
CA VAL D 14 4.66 6.98 -5.80
C VAL D 14 5.58 6.27 -4.80
N ASN D 15 6.80 5.99 -5.23
CA ASN D 15 7.79 5.32 -4.38
C ASN D 15 8.01 6.06 -3.06
N PHE D 16 8.20 7.37 -3.16
CA PHE D 16 8.41 8.20 -1.97
C PHE D 16 7.11 8.48 -1.23
N PHE D 17 6.00 8.56 -1.97
CA PHE D 17 4.69 8.81 -1.37
C PHE D 17 4.26 7.67 -0.45
N ILE D 18 4.39 6.43 -0.92
CA ILE D 18 4.01 5.26 -0.13
C ILE D 18 4.88 5.12 1.11
N PHE D 19 6.14 5.56 1.02
CA PHE D 19 7.07 5.48 2.14
C PHE D 19 6.56 6.27 3.35
N THR D 20 6.16 7.51 3.11
CA THR D 20 5.66 8.38 4.18
C THR D 20 4.23 8.01 4.59
N VAL D 21 3.43 7.56 3.63
CA VAL D 21 2.04 7.18 3.93
C VAL D 21 2.00 5.81 4.62
N VAL D 22 2.48 4.79 3.93
CA VAL D 22 2.51 3.43 4.47
C VAL D 22 3.24 3.37 5.82
N SER D 23 4.08 4.37 6.09
CA SER D 23 4.83 4.42 7.35
C SER D 23 3.99 5.08 8.45
N ALA D 24 3.21 6.09 8.06
CA ALA D 24 2.34 6.81 9.00
C ALA D 24 1.34 5.89 9.68
N ILE D 25 0.88 4.85 8.98
CA ILE D 25 -0.09 3.92 9.54
C ILE D 25 0.53 3.09 10.68
N THR D 26 1.78 2.68 10.50
CA THR D 26 2.48 1.88 11.50
C THR D 26 3.02 2.73 12.65
N LEU D 27 3.36 3.98 12.33
CA LEU D 27 3.89 4.91 13.31
C LEU D 27 2.77 5.52 14.16
N LEU D 28 1.63 5.77 13.54
CA LEU D 28 0.48 6.35 14.23
C LEU D 28 -0.25 5.31 15.08
N VAL D 29 -0.52 4.14 14.48
CA VAL D 29 -1.22 3.07 15.19
C VAL D 29 -0.34 2.48 16.30
N SER D 30 0.98 2.46 16.10
CA SER D 30 1.91 1.92 17.08
C SER D 30 1.86 2.74 18.38
N MET D 31 1.85 4.07 18.22
CA MET D 31 1.80 4.97 19.36
C MET D 31 0.47 4.85 20.09
N ALA D 32 -0.61 4.75 19.32
CA ALA D 32 -1.96 4.63 19.88
C ALA D 32 -2.10 3.34 20.69
N PHE D 33 -1.51 2.26 20.19
CA PHE D 33 -1.56 0.96 20.87
C PHE D 33 -0.93 1.05 22.26
N LEU D 34 0.29 1.55 22.31
CA LEU D 34 1.01 1.69 23.57
C LEU D 34 0.29 2.64 24.53
N THR D 35 -0.51 3.56 23.98
CA THR D 35 -1.24 4.52 24.80
C THR D 35 -2.29 3.83 25.68
N ALA D 36 -3.14 3.02 25.06
CA ALA D 36 -4.19 2.30 25.79
C ALA D 36 -3.61 1.20 26.67
N THR D 37 -2.71 0.40 26.10
CA THR D 37 -2.08 -0.70 26.84
C THR D 37 -1.23 -0.18 27.99
N ARG D 38 -0.53 0.95 27.76
CA ARG D 38 0.33 1.56 28.78
C ARG D 38 1.44 0.60 29.21
N MET E 1 18.98 17.57 -19.59
CA MET E 1 18.09 17.85 -18.43
C MET E 1 17.03 18.89 -18.80
N LEU E 2 15.76 18.51 -18.65
CA LEU E 2 14.64 19.40 -18.98
C LEU E 2 13.31 18.82 -18.46
N PRO E 3 12.88 17.62 -18.92
CA PRO E 3 11.61 17.03 -18.47
C PRO E 3 11.66 16.65 -16.99
N PHE E 4 10.78 17.26 -16.20
CA PHE E 4 10.71 16.98 -14.77
C PHE E 4 9.32 17.26 -14.22
N VAL E 5 8.80 18.45 -14.50
CA VAL E 5 7.48 18.86 -14.05
C VAL E 5 6.40 18.36 -15.01
N GLN E 6 5.25 17.95 -14.46
CA GLN E 6 4.13 17.46 -15.25
C GLN E 6 4.52 16.20 -16.03
N GLU E 7 4.14 15.04 -15.51
CA GLU E 7 4.45 13.77 -16.14
C GLU E 7 3.43 12.70 -15.75
N ARG E 8 2.77 12.12 -16.76
CA ARG E 8 1.75 11.09 -16.53
C ARG E 8 0.62 11.59 -15.63
N ILE E 9 -0.43 12.12 -16.25
CA ILE E 9 -1.58 12.64 -15.51
C ILE E 9 -2.26 11.55 -14.66
N GLY E 10 -2.09 10.29 -15.07
CA GLY E 10 -2.69 9.19 -14.33
C GLY E 10 -1.91 8.83 -13.07
N LEU E 11 -0.58 9.00 -13.14
CA LEU E 11 0.30 8.71 -12.00
C LEU E 11 -0.16 9.43 -10.73
N PHE E 12 -0.68 10.64 -10.90
CA PHE E 12 -1.16 11.43 -9.76
C PHE E 12 -2.37 10.76 -9.09
N ILE E 13 -3.10 9.94 -9.87
CA ILE E 13 -4.27 9.24 -9.35
C ILE E 13 -3.88 8.26 -8.25
N VAL E 14 -2.89 7.41 -8.52
CA VAL E 14 -2.44 6.42 -7.53
C VAL E 14 -1.85 7.10 -6.30
N ASN E 15 -1.04 8.13 -6.51
CA ASN E 15 -0.42 8.88 -5.41
C ASN E 15 -1.46 9.41 -4.42
N PHE E 16 -2.50 10.04 -4.96
CA PHE E 16 -3.58 10.59 -4.14
C PHE E 16 -4.52 9.50 -3.63
N PHE E 17 -4.70 8.45 -4.43
CA PHE E 17 -5.58 7.34 -4.05
C PHE E 17 -5.07 6.60 -2.82
N ILE E 18 -3.78 6.28 -2.81
CA ILE E 18 -3.18 5.56 -1.69
C ILE E 18 -3.19 6.40 -0.41
N PHE E 19 -3.11 7.72 -0.57
CA PHE E 19 -3.12 8.63 0.57
C PHE E 19 -4.41 8.50 1.39
N THR E 20 -5.54 8.54 0.69
CA THR E 20 -6.85 8.42 1.35
C THR E 20 -7.15 6.98 1.77
N VAL E 21 -6.70 6.02 0.97
CA VAL E 21 -6.94 4.61 1.27
C VAL E 21 -6.02 4.14 2.40
N VAL E 22 -4.72 4.19 2.15
CA VAL E 22 -3.71 3.78 3.14
C VAL E 22 -3.89 4.54 4.47
N SER E 23 -4.57 5.68 4.44
CA SER E 23 -4.80 6.48 5.64
C SER E 23 -6.06 5.98 6.38
N ALA E 24 -7.06 5.57 5.61
CA ALA E 24 -8.32 5.06 6.16
C ALA E 24 -8.10 3.84 7.06
N ILE E 25 -7.11 3.02 6.73
CA ILE E 25 -6.82 1.83 7.52
C ILE E 25 -6.29 2.18 8.92
N THR E 26 -5.44 3.20 8.98
CA THR E 26 -4.86 3.65 10.25
C THR E 26 -5.84 4.52 11.05
N LEU E 27 -6.69 5.23 10.34
CA LEU E 27 -7.66 6.11 10.97
C LEU E 27 -8.88 5.32 11.47
N LEU E 28 -9.26 4.30 10.72
CA LEU E 28 -10.40 3.46 11.08
C LEU E 28 -10.04 2.47 12.19
N VAL E 29 -8.92 1.79 12.03
CA VAL E 29 -8.48 0.80 13.01
C VAL E 29 -8.05 1.49 14.32
N SER E 30 -7.51 2.70 14.23
CA SER E 30 -7.08 3.45 15.41
C SER E 30 -8.26 3.76 16.31
N MET E 31 -9.36 4.20 15.70
CA MET E 31 -10.58 4.54 16.45
C MET E 31 -11.18 3.27 17.07
N ALA E 32 -11.19 2.18 16.31
CA ALA E 32 -11.74 0.92 16.79
C ALA E 32 -10.96 0.39 17.98
N PHE E 33 -9.64 0.55 17.94
CA PHE E 33 -8.76 0.09 19.03
C PHE E 33 -9.12 0.79 20.34
N LEU E 34 -9.16 2.12 20.30
CA LEU E 34 -9.48 2.91 21.47
C LEU E 34 -10.89 2.63 21.98
N THR E 35 -11.77 2.15 21.10
CA THR E 35 -13.15 1.83 21.46
C THR E 35 -13.22 0.68 22.45
N ALA E 36 -12.57 -0.44 22.11
CA ALA E 36 -12.56 -1.62 22.96
C ALA E 36 -11.73 -1.41 24.21
N THR E 37 -10.52 -0.87 24.03
CA THR E 37 -9.61 -0.62 25.14
C THR E 37 -10.18 0.43 26.10
N ARG E 38 -10.85 1.45 25.53
CA ARG E 38 -11.45 2.52 26.33
C ARG E 38 -10.38 3.27 27.14
N MET A 1 -6.48 18.63 -25.33
CA MET A 1 -5.81 17.95 -24.21
C MET A 1 -6.17 16.47 -24.17
N LEU A 2 -5.56 15.74 -23.24
CA LEU A 2 -5.81 14.31 -23.10
C LEU A 2 -7.20 14.06 -22.50
N PRO A 3 -7.77 12.85 -22.69
CA PRO A 3 -9.11 12.52 -22.15
C PRO A 3 -9.21 12.74 -20.64
N PHE A 4 -10.40 13.11 -20.18
CA PHE A 4 -10.63 13.36 -18.75
C PHE A 4 -10.49 12.07 -17.95
N VAL A 5 -9.25 11.76 -17.57
CA VAL A 5 -8.96 10.55 -16.78
C VAL A 5 -9.31 9.29 -17.57
N GLN A 6 -8.44 8.92 -18.50
CA GLN A 6 -8.65 7.74 -19.33
C GLN A 6 -7.40 7.40 -20.14
N GLU A 7 -6.42 6.79 -19.47
CA GLU A 7 -5.17 6.41 -20.11
C GLU A 7 -4.49 5.29 -19.35
N ARG A 8 -3.65 4.53 -20.04
CA ARG A 8 -2.92 3.40 -19.43
C ARG A 8 -3.88 2.40 -18.79
N ILE A 9 -4.27 1.40 -19.57
CA ILE A 9 -5.18 0.35 -19.09
C ILE A 9 -4.59 -0.43 -17.91
N GLY A 10 -3.26 -0.40 -17.76
CA GLY A 10 -2.62 -1.10 -16.67
C GLY A 10 -2.78 -0.40 -15.34
N LEU A 11 -2.64 0.93 -15.36
CA LEU A 11 -2.77 1.74 -14.15
C LEU A 11 -4.15 1.58 -13.51
N PHE A 12 -5.16 1.35 -14.34
CA PHE A 12 -6.53 1.17 -13.84
C PHE A 12 -6.63 -0.12 -13.01
N ILE A 13 -5.89 -1.14 -13.43
CA ILE A 13 -5.89 -2.43 -12.73
C ILE A 13 -5.34 -2.29 -11.31
N VAL A 14 -4.15 -1.70 -11.18
CA VAL A 14 -3.51 -1.53 -9.88
C VAL A 14 -4.36 -0.64 -8.97
N ASN A 15 -4.87 0.46 -9.51
CA ASN A 15 -5.69 1.40 -8.73
C ASN A 15 -6.93 0.72 -8.12
N PHE A 16 -7.69 0.04 -8.97
CA PHE A 16 -8.90 -0.65 -8.51
C PHE A 16 -8.58 -1.84 -7.61
N PHE A 17 -7.50 -2.56 -7.93
CA PHE A 17 -7.10 -3.73 -7.15
C PHE A 17 -6.49 -3.36 -5.80
N ILE A 18 -5.82 -2.21 -5.72
CA ILE A 18 -5.22 -1.78 -4.45
C ILE A 18 -6.26 -1.21 -3.49
N PHE A 19 -7.20 -0.43 -4.02
CA PHE A 19 -8.25 0.17 -3.20
C PHE A 19 -9.13 -0.90 -2.55
N THR A 20 -9.56 -1.86 -3.36
CA THR A 20 -10.42 -2.95 -2.89
C THR A 20 -9.77 -3.78 -1.78
N VAL A 21 -8.47 -4.06 -1.92
CA VAL A 21 -7.75 -4.86 -0.91
C VAL A 21 -7.44 -4.05 0.34
N VAL A 22 -6.97 -2.81 0.16
CA VAL A 22 -6.63 -1.92 1.28
C VAL A 22 -7.77 -1.84 2.33
N SER A 23 -9.00 -2.14 1.90
CA SER A 23 -10.15 -2.10 2.81
C SER A 23 -10.24 -3.38 3.65
N ALA A 24 -9.84 -4.49 3.06
CA ALA A 24 -9.86 -5.79 3.74
C ALA A 24 -8.99 -5.81 4.99
N ILE A 25 -7.86 -5.11 4.94
CA ILE A 25 -6.93 -5.07 6.08
C ILE A 25 -7.49 -4.22 7.24
N THR A 26 -7.99 -3.04 6.93
CA THR A 26 -8.54 -2.14 7.95
C THR A 26 -9.83 -2.69 8.55
N LEU A 27 -10.60 -3.38 7.72
CA LEU A 27 -11.87 -3.96 8.16
C LEU A 27 -11.68 -5.29 8.88
N LEU A 28 -10.87 -6.18 8.31
CA LEU A 28 -10.62 -7.49 8.90
C LEU A 28 -9.91 -7.38 10.25
N VAL A 29 -8.93 -6.48 10.33
CA VAL A 29 -8.17 -6.29 11.58
C VAL A 29 -9.05 -5.61 12.63
N SER A 30 -9.86 -4.64 12.21
CA SER A 30 -10.74 -3.92 13.11
C SER A 30 -11.80 -4.86 13.70
N MET A 31 -12.34 -5.73 12.85
CA MET A 31 -13.37 -6.68 13.26
C MET A 31 -12.79 -7.70 14.25
N ALA A 32 -11.60 -8.22 13.92
CA ALA A 32 -10.93 -9.20 14.77
C ALA A 32 -10.64 -8.63 16.15
N PHE A 33 -10.26 -7.35 16.19
CA PHE A 33 -9.96 -6.67 17.45
C PHE A 33 -11.17 -6.68 18.39
N LEU A 34 -12.32 -6.25 17.86
CA LEU A 34 -13.55 -6.21 18.65
C LEU A 34 -14.02 -7.62 19.01
N THR A 35 -13.65 -8.62 18.21
CA THR A 35 -14.04 -10.00 18.45
C THR A 35 -13.48 -10.53 19.76
N ALA A 36 -12.17 -10.34 19.96
CA ALA A 36 -11.52 -10.82 21.19
C ALA A 36 -11.76 -9.88 22.37
N THR A 37 -11.64 -8.57 22.13
CA THR A 37 -11.85 -7.58 23.19
C THR A 37 -13.30 -7.57 23.65
N ARG A 38 -14.23 -7.76 22.71
CA ARG A 38 -15.67 -7.77 23.00
C ARG A 38 -16.10 -6.64 23.93
N MET B 1 -9.46 -1.16 -30.67
CA MET B 1 -9.03 -0.69 -29.32
C MET B 1 -7.88 -1.55 -28.79
N LEU B 2 -7.37 -1.17 -27.63
CA LEU B 2 -6.26 -1.89 -27.00
C LEU B 2 -6.73 -3.24 -26.46
N PRO B 3 -5.80 -4.21 -26.24
CA PRO B 3 -6.16 -5.53 -25.72
C PRO B 3 -6.93 -5.47 -24.40
N PHE B 4 -7.81 -6.43 -24.18
CA PHE B 4 -8.61 -6.48 -22.96
C PHE B 4 -7.73 -6.73 -21.74
N VAL B 5 -7.17 -5.66 -21.19
CA VAL B 5 -6.30 -5.75 -20.01
C VAL B 5 -5.04 -6.57 -20.33
N GLN B 6 -4.09 -5.93 -21.01
CA GLN B 6 -2.84 -6.59 -21.37
C GLN B 6 -1.83 -5.57 -21.92
N GLU B 7 -1.20 -4.83 -21.02
CA GLU B 7 -0.23 -3.82 -21.40
C GLU B 7 0.72 -3.53 -20.24
N ARG B 8 1.91 -3.03 -20.56
CA ARG B 8 2.92 -2.71 -19.54
C ARG B 8 3.25 -3.91 -18.65
N ILE B 9 4.26 -4.67 -19.06
CA ILE B 9 4.69 -5.85 -18.31
C ILE B 9 5.14 -5.50 -16.89
N GLY B 10 5.53 -4.24 -16.67
CA GLY B 10 5.97 -3.81 -15.36
C GLY B 10 4.83 -3.64 -14.37
N LEU B 11 3.73 -3.06 -14.85
CA LEU B 11 2.55 -2.83 -14.01
C LEU B 11 2.00 -4.14 -13.45
N PHE B 12 2.14 -5.22 -14.22
CA PHE B 12 1.65 -6.53 -13.79
C PHE B 12 2.45 -7.02 -12.57
N ILE B 13 3.74 -6.70 -12.54
CA ILE B 13 4.61 -7.10 -11.43
C ILE B 13 4.18 -6.45 -10.13
N VAL B 14 4.03 -5.13 -10.13
CA VAL B 14 3.62 -4.40 -8.94
C VAL B 14 2.24 -4.82 -8.45
N ASN B 15 1.30 -4.97 -9.38
CA ASN B 15 -0.07 -5.37 -9.04
C ASN B 15 -0.11 -6.72 -8.32
N PHE B 16 0.51 -7.72 -8.92
CA PHE B 16 0.54 -9.06 -8.34
C PHE B 16 1.37 -9.12 -7.06
N PHE B 17 2.48 -8.37 -7.02
CA PHE B 17 3.36 -8.35 -5.87
C PHE B 17 2.76 -7.58 -4.69
N ILE B 18 1.95 -6.55 -4.97
CA ILE B 18 1.35 -5.76 -3.90
C ILE B 18 0.16 -6.49 -3.27
N PHE B 19 -0.66 -7.13 -4.11
CA PHE B 19 -1.83 -7.86 -3.62
C PHE B 19 -1.44 -9.02 -2.71
N THR B 20 -0.45 -9.80 -3.16
CA THR B 20 0.04 -10.95 -2.40
C THR B 20 0.60 -10.56 -1.03
N VAL B 21 1.32 -9.44 -0.95
CA VAL B 21 1.91 -8.99 0.31
C VAL B 21 0.86 -8.34 1.21
N VAL B 22 0.01 -7.49 0.64
CA VAL B 22 -1.04 -6.80 1.41
C VAL B 22 -1.87 -7.78 2.27
N SER B 23 -1.88 -9.05 1.89
CA SER B 23 -2.63 -10.07 2.64
C SER B 23 -1.84 -10.53 3.87
N ALA B 24 -0.52 -10.59 3.74
CA ALA B 24 0.35 -11.02 4.82
C ALA B 24 0.23 -10.13 6.07
N ILE B 25 0.02 -8.83 5.86
CA ILE B 25 -0.11 -7.89 6.98
C ILE B 25 -1.44 -8.04 7.71
N THR B 26 -2.54 -8.13 6.97
CA THR B 26 -3.87 -8.27 7.57
C THR B 26 -4.04 -9.64 8.23
N LEU B 27 -3.41 -10.65 7.66
CA LEU B 27 -3.50 -12.00 8.17
C LEU B 27 -2.52 -12.24 9.33
N LEU B 28 -1.27 -11.83 9.16
CA LEU B 28 -0.25 -12.00 10.19
C LEU B 28 -0.59 -11.22 11.46
N VAL B 29 -1.06 -9.99 11.30
CA VAL B 29 -1.41 -9.14 12.43
C VAL B 29 -2.67 -9.67 13.12
N SER B 30 -3.65 -10.12 12.33
CA SER B 30 -4.89 -10.65 12.86
C SER B 30 -4.65 -11.93 13.66
N MET B 31 -3.77 -12.78 13.13
CA MET B 31 -3.45 -14.05 13.80
C MET B 31 -2.71 -13.79 15.10
N ALA B 32 -1.73 -12.89 15.07
CA ALA B 32 -0.95 -12.53 16.25
C ALA B 32 -1.84 -11.98 17.36
N PHE B 33 -2.85 -11.20 16.97
CA PHE B 33 -3.78 -10.60 17.93
C PHE B 33 -4.51 -11.69 18.72
N LEU B 34 -5.09 -12.64 18.01
CA LEU B 34 -5.82 -13.73 18.63
C LEU B 34 -4.88 -14.64 19.44
N THR B 35 -3.60 -14.69 19.05
CA THR B 35 -2.63 -15.52 19.74
C THR B 35 -2.44 -15.09 21.21
N ALA B 36 -2.22 -13.79 21.42
CA ALA B 36 -2.02 -13.27 22.77
C ALA B 36 -3.34 -13.11 23.52
N THR B 37 -4.35 -12.56 22.85
CA THR B 37 -5.65 -12.36 23.46
C THR B 37 -6.33 -13.68 23.80
N ARG B 38 -6.15 -14.67 22.92
CA ARG B 38 -6.73 -16.01 23.09
C ARG B 38 -8.19 -15.97 23.53
N MET C 1 8.64 -11.06 -28.88
CA MET C 1 7.91 -10.43 -27.76
C MET C 1 8.85 -9.61 -26.89
N LEU C 2 8.29 -8.92 -25.89
CA LEU C 2 9.08 -8.10 -24.98
C LEU C 2 9.90 -8.97 -24.04
N PRO C 3 10.99 -8.42 -23.42
CA PRO C 3 11.83 -9.18 -22.50
C PRO C 3 11.03 -9.80 -21.34
N PHE C 4 11.50 -10.95 -20.86
CA PHE C 4 10.84 -11.64 -19.76
C PHE C 4 10.93 -10.82 -18.47
N VAL C 5 9.98 -9.91 -18.29
CA VAL C 5 9.94 -9.06 -17.09
C VAL C 5 11.20 -8.17 -17.02
N GLN C 6 11.21 -7.10 -17.80
CA GLN C 6 12.34 -6.17 -17.82
C GLN C 6 11.99 -4.92 -18.63
N GLU C 7 11.24 -4.02 -18.00
CA GLU C 7 10.83 -2.77 -18.63
C GLU C 7 10.48 -1.72 -17.59
N ARG C 8 10.58 -0.45 -17.98
CA ARG C 8 10.28 0.66 -17.08
C ARG C 8 11.12 0.61 -15.81
N ILE C 9 12.27 1.27 -15.84
CA ILE C 9 13.18 1.31 -14.69
C ILE C 9 12.52 1.95 -13.46
N GLY C 10 11.48 2.75 -13.67
CA GLY C 10 10.80 3.40 -12.57
C GLY C 10 9.91 2.44 -11.79
N LEU C 11 9.19 1.58 -12.52
CA LEU C 11 8.29 0.60 -11.90
C LEU C 11 9.05 -0.34 -10.95
N PHE C 12 10.32 -0.62 -11.28
CA PHE C 12 11.13 -1.49 -10.45
C PHE C 12 11.40 -0.85 -9.09
N ILE C 13 11.56 0.47 -9.08
CA ILE C 13 11.81 1.21 -7.85
C ILE C 13 10.63 1.11 -6.88
N VAL C 14 9.43 1.42 -7.37
CA VAL C 14 8.23 1.37 -6.53
C VAL C 14 7.96 -0.04 -6.02
N ASN C 15 8.09 -1.04 -6.91
CA ASN C 15 7.85 -2.44 -6.56
C ASN C 15 8.76 -2.91 -5.42
N PHE C 16 10.06 -2.70 -5.57
CA PHE C 16 11.03 -3.10 -4.55
C PHE C 16 10.91 -2.26 -3.28
N PHE C 17 10.62 -0.96 -3.44
CA PHE C 17 10.50 -0.07 -2.29
C PHE C 17 9.20 -0.29 -1.51
N ILE C 18 8.14 -0.71 -2.19
CA ILE C 18 6.86 -0.94 -1.52
C ILE C 18 6.87 -2.28 -0.75
N PHE C 19 7.43 -3.31 -1.37
CA PHE C 19 7.50 -4.63 -0.75
C PHE C 19 8.32 -4.60 0.54
N THR C 20 9.50 -3.97 0.47
CA THR C 20 10.39 -3.87 1.62
C THR C 20 9.76 -3.13 2.80
N VAL C 21 9.01 -2.06 2.53
CA VAL C 21 8.38 -1.29 3.59
C VAL C 21 7.12 -1.99 4.14
N VAL C 22 6.29 -2.52 3.24
CA VAL C 22 5.07 -3.23 3.63
C VAL C 22 5.33 -4.29 4.72
N SER C 23 6.57 -4.76 4.82
CA SER C 23 6.94 -5.76 5.82
C SER C 23 7.17 -5.12 7.19
N ALA C 24 7.72 -3.91 7.18
CA ALA C 24 8.00 -3.17 8.41
C ALA C 24 6.75 -2.92 9.25
N ILE C 25 5.62 -2.67 8.58
CA ILE C 25 4.35 -2.41 9.27
C ILE C 25 3.78 -3.66 9.93
N THR C 26 3.74 -4.76 9.18
CA THR C 26 3.20 -6.02 9.70
C THR C 26 4.10 -6.61 10.79
N LEU C 27 5.40 -6.41 10.65
CA LEU C 27 6.36 -6.93 11.61
C LEU C 27 6.49 -6.03 12.84
N LEU C 28 6.61 -4.72 12.61
CA LEU C 28 6.75 -3.77 13.72
C LEU C 28 5.50 -3.73 14.60
N VAL C 29 4.33 -3.77 13.99
CA VAL C 29 3.07 -3.74 14.73
C VAL C 29 2.85 -5.06 15.47
N SER C 30 3.20 -6.17 14.81
CA SER C 30 3.05 -7.49 15.41
C SER C 30 3.96 -7.66 16.63
N MET C 31 5.19 -7.16 16.49
CA MET C 31 6.17 -7.25 17.57
C MET C 31 5.73 -6.40 18.76
N ALA C 32 5.28 -5.17 18.47
CA ALA C 32 4.83 -4.25 19.51
C ALA C 32 3.65 -4.82 20.29
N PHE C 33 2.76 -5.52 19.58
CA PHE C 33 1.59 -6.13 20.20
C PHE C 33 2.00 -7.15 21.28
N LEU C 34 2.89 -8.06 20.90
CA LEU C 34 3.37 -9.09 21.81
C LEU C 34 4.20 -8.47 22.95
N THR C 35 4.81 -7.31 22.70
CA THR C 35 5.62 -6.63 23.71
C THR C 35 4.80 -6.23 24.93
N ALA C 36 3.67 -5.56 24.69
CA ALA C 36 2.79 -5.12 25.78
C ALA C 36 1.94 -6.26 26.33
N THR C 37 1.35 -7.04 25.44
CA THR C 37 0.51 -8.17 25.85
C THR C 37 1.32 -9.23 26.58
N ARG C 38 2.56 -9.47 26.11
CA ARG C 38 3.46 -10.46 26.72
C ARG C 38 2.77 -11.79 27.01
N MET D 1 22.82 2.62 -22.45
CA MET D 1 21.61 2.21 -21.68
C MET D 1 20.91 3.42 -21.08
N LEU D 2 19.77 3.19 -20.43
CA LEU D 2 19.00 4.26 -19.82
C LEU D 2 19.70 4.80 -18.57
N PRO D 3 19.38 6.03 -18.12
CA PRO D 3 20.01 6.62 -16.93
C PRO D 3 19.85 5.73 -15.68
N PHE D 4 20.85 5.80 -14.80
CA PHE D 4 20.84 5.01 -13.57
C PHE D 4 19.70 5.44 -12.65
N VAL D 5 18.51 4.89 -12.87
CA VAL D 5 17.34 5.22 -12.06
C VAL D 5 16.96 6.70 -12.21
N GLN D 6 16.31 7.03 -13.32
CA GLN D 6 15.90 8.40 -13.59
C GLN D 6 14.97 8.46 -14.80
N GLU D 7 13.71 8.09 -14.59
CA GLU D 7 12.71 8.11 -15.65
C GLU D 7 11.31 8.21 -15.06
N ARG D 8 10.37 8.71 -15.87
CA ARG D 8 8.98 8.86 -15.45
C ARG D 8 8.86 9.71 -14.17
N ILE D 9 8.69 11.01 -14.36
CA ILE D 9 8.57 11.95 -13.25
C ILE D 9 7.35 11.62 -12.35
N GLY D 10 6.37 10.91 -12.92
CA GLY D 10 5.19 10.55 -12.15
C GLY D 10 5.44 9.43 -11.17
N LEU D 11 6.20 8.43 -11.59
CA LEU D 11 6.52 7.29 -10.74
C LEU D 11 7.27 7.73 -9.47
N PHE D 12 8.06 8.79 -9.58
CA PHE D 12 8.81 9.31 -8.44
C PHE D 12 7.85 9.86 -7.38
N ILE D 13 6.75 10.46 -7.82
CA ILE D 13 5.75 11.02 -6.91
C ILE D 13 5.10 9.94 -6.06
N VAL D 14 4.59 8.89 -6.71
CA VAL D 14 3.93 7.80 -6.00
C VAL D 14 4.89 7.09 -5.05
N ASN D 15 6.11 6.81 -5.51
CA ASN D 15 7.13 6.14 -4.70
C ASN D 15 7.44 6.90 -3.41
N PHE D 16 7.75 8.17 -3.54
CA PHE D 16 8.07 9.01 -2.39
C PHE D 16 6.85 9.26 -1.50
N PHE D 17 5.69 9.43 -2.12
CA PHE D 17 4.45 9.68 -1.37
C PHE D 17 3.93 8.44 -0.65
N ILE D 18 4.17 7.26 -1.22
CA ILE D 18 3.70 6.02 -0.60
C ILE D 18 4.59 5.61 0.58
N PHE D 19 5.91 5.76 0.41
CA PHE D 19 6.86 5.39 1.46
C PHE D 19 6.66 6.26 2.72
N THR D 20 6.53 7.56 2.51
CA THR D 20 6.34 8.50 3.61
C THR D 20 5.06 8.24 4.41
N VAL D 21 3.97 7.89 3.72
CA VAL D 21 2.70 7.62 4.39
C VAL D 21 2.70 6.24 5.06
N VAL D 22 3.20 5.22 4.36
CA VAL D 22 3.25 3.85 4.89
C VAL D 22 3.88 3.80 6.30
N SER D 23 4.68 4.80 6.64
CA SER D 23 5.33 4.86 7.95
C SER D 23 4.36 5.38 9.02
N ALA D 24 3.49 6.31 8.62
CA ALA D 24 2.51 6.91 9.53
C ALA D 24 1.56 5.86 10.14
N ILE D 25 1.21 4.85 9.35
CA ILE D 25 0.30 3.80 9.82
C ILE D 25 0.96 2.87 10.82
N THR D 26 2.18 2.41 10.51
CA THR D 26 2.89 1.50 11.41
C THR D 26 3.33 2.20 12.69
N LEU D 27 3.64 3.47 12.58
CA LEU D 27 4.09 4.27 13.71
C LEU D 27 2.92 4.77 14.57
N LEU D 28 1.90 5.32 13.91
CA LEU D 28 0.73 5.84 14.61
C LEU D 28 -0.04 4.74 15.34
N VAL D 29 -0.20 3.58 14.68
CA VAL D 29 -0.92 2.46 15.27
C VAL D 29 -0.10 1.84 16.42
N SER D 30 1.21 1.75 16.23
CA SER D 30 2.10 1.18 17.24
C SER D 30 2.13 2.06 18.49
N MET D 31 2.16 3.37 18.28
CA MET D 31 2.19 4.32 19.39
C MET D 31 0.87 4.28 20.16
N ALA D 32 -0.25 4.26 19.43
CA ALA D 32 -1.58 4.21 20.05
C ALA D 32 -1.74 2.95 20.90
N PHE D 33 -1.19 1.84 20.42
CA PHE D 33 -1.27 0.56 21.12
C PHE D 33 -0.63 0.67 22.51
N LEU D 34 0.59 1.17 22.54
CA LEU D 34 1.33 1.32 23.80
C LEU D 34 0.67 2.36 24.71
N THR D 35 -0.04 3.32 24.10
CA THR D 35 -0.71 4.38 24.85
C THR D 35 -1.78 3.82 25.80
N ALA D 36 -2.65 2.96 25.26
CA ALA D 36 -3.73 2.37 26.06
C ALA D 36 -3.22 1.21 26.92
N THR D 37 -2.41 0.34 26.32
CA THR D 37 -1.87 -0.81 27.04
C THR D 37 -0.93 -0.38 28.16
N ARG D 38 -0.14 0.67 27.89
CA ARG D 38 0.82 1.22 28.86
C ARG D 38 1.64 0.13 29.55
N MET E 1 13.46 20.97 -20.25
CA MET E 1 13.13 19.75 -19.48
C MET E 1 11.62 19.55 -19.41
N LEU E 2 11.21 18.43 -18.80
CA LEU E 2 9.80 18.11 -18.65
C LEU E 2 9.13 19.02 -17.63
N PRO E 3 7.78 19.17 -17.66
CA PRO E 3 7.06 20.03 -16.71
C PRO E 3 7.35 19.66 -15.25
N PHE E 4 7.31 20.66 -14.38
CA PHE E 4 7.56 20.45 -12.95
C PHE E 4 6.47 19.60 -12.32
N VAL E 5 6.63 18.27 -12.43
CA VAL E 5 5.65 17.33 -11.86
C VAL E 5 4.28 17.49 -12.55
N GLN E 6 4.17 16.93 -13.76
CA GLN E 6 2.93 16.99 -14.51
C GLN E 6 2.99 16.08 -15.73
N GLU E 7 2.80 14.78 -15.50
CA GLU E 7 2.82 13.79 -16.56
C GLU E 7 2.06 12.53 -16.15
N ARG E 8 1.58 11.78 -17.15
CA ARG E 8 0.83 10.55 -16.91
C ARG E 8 -0.41 10.81 -16.02
N ILE E 9 -1.53 11.08 -16.67
CA ILE E 9 -2.79 11.35 -15.96
C ILE E 9 -3.24 10.15 -15.10
N GLY E 10 -2.74 8.96 -15.45
CA GLY E 10 -3.12 7.77 -14.69
C GLY E 10 -2.40 7.68 -13.36
N LEU E 11 -1.11 8.03 -13.34
CA LEU E 11 -0.31 7.99 -12.12
C LEU E 11 -0.89 8.92 -11.04
N PHE E 12 -1.51 10.01 -11.47
CA PHE E 12 -2.11 10.96 -10.54
C PHE E 12 -3.29 10.32 -9.80
N ILE E 13 -4.03 9.47 -10.50
CA ILE E 13 -5.19 8.78 -9.93
C ILE E 13 -4.76 7.84 -8.79
N VAL E 14 -3.80 6.96 -9.08
CA VAL E 14 -3.33 6.01 -8.07
C VAL E 14 -2.71 6.73 -6.86
N ASN E 15 -1.90 7.75 -7.11
CA ASN E 15 -1.25 8.51 -6.05
C ASN E 15 -2.25 9.14 -5.08
N PHE E 16 -3.22 9.87 -5.64
CA PHE E 16 -4.25 10.52 -4.82
C PHE E 16 -5.19 9.52 -4.17
N PHE E 17 -5.52 8.44 -4.89
CA PHE E 17 -6.43 7.42 -4.38
C PHE E 17 -5.78 6.54 -3.30
N ILE E 18 -4.47 6.33 -3.39
CA ILE E 18 -3.77 5.51 -2.41
C ILE E 18 -3.52 6.27 -1.11
N PHE E 19 -3.14 7.53 -1.22
CA PHE E 19 -2.88 8.37 -0.05
C PHE E 19 -4.14 8.55 0.81
N THR E 20 -5.25 8.87 0.14
CA THR E 20 -6.52 9.07 0.83
C THR E 20 -7.01 7.83 1.57
N VAL E 21 -6.83 6.65 0.97
CA VAL E 21 -7.27 5.40 1.61
C VAL E 21 -6.31 4.96 2.72
N VAL E 22 -5.00 5.05 2.45
CA VAL E 22 -3.98 4.66 3.43
C VAL E 22 -4.21 5.32 4.81
N SER E 23 -4.94 6.43 4.83
CA SER E 23 -5.24 7.13 6.08
C SER E 23 -6.40 6.47 6.83
N ALA E 24 -7.36 5.94 6.07
CA ALA E 24 -8.53 5.29 6.64
C ALA E 24 -8.17 4.07 7.50
N ILE E 25 -7.13 3.34 7.11
CA ILE E 25 -6.69 2.16 7.84
C ILE E 25 -6.01 2.52 9.16
N THR E 26 -5.08 3.47 9.12
CA THR E 26 -4.36 3.90 10.32
C THR E 26 -5.27 4.62 11.30
N LEU E 27 -6.24 5.35 10.77
CA LEU E 27 -7.18 6.10 11.59
C LEU E 27 -8.31 5.22 12.12
N LEU E 28 -8.91 4.42 11.24
CA LEU E 28 -10.01 3.54 11.63
C LEU E 28 -9.57 2.48 12.64
N VAL E 29 -8.39 1.91 12.43
CA VAL E 29 -7.87 0.88 13.32
C VAL E 29 -7.46 1.50 14.66
N SER E 30 -6.86 2.69 14.61
CA SER E 30 -6.42 3.38 15.81
C SER E 30 -7.62 3.78 16.68
N MET E 31 -8.67 4.26 16.03
CA MET E 31 -9.88 4.67 16.73
C MET E 31 -10.57 3.47 17.38
N ALA E 32 -10.68 2.37 16.61
CA ALA E 32 -11.31 1.16 17.12
C ALA E 32 -10.58 0.61 18.34
N PHE E 33 -9.24 0.72 18.32
CA PHE E 33 -8.42 0.24 19.42
C PHE E 33 -8.78 0.96 20.72
N LEU E 34 -8.80 2.29 20.67
CA LEU E 34 -9.12 3.09 21.85
C LEU E 34 -10.59 2.89 22.27
N THR E 35 -11.45 2.52 21.32
CA THR E 35 -12.86 2.30 21.60
C THR E 35 -13.07 1.16 22.61
N ALA E 36 -12.45 0.01 22.34
CA ALA E 36 -12.57 -1.15 23.22
C ALA E 36 -11.69 -1.02 24.47
N THR E 37 -10.44 -0.61 24.28
CA THR E 37 -9.52 -0.45 25.39
C THR E 37 -9.96 0.65 26.35
N ARG E 38 -10.51 1.73 25.78
CA ARG E 38 -11.01 2.88 26.56
C ARG E 38 -10.02 3.31 27.65
N MET A 1 -0.97 19.77 -20.06
CA MET A 1 -1.92 19.43 -18.96
C MET A 1 -3.35 19.79 -19.36
N LEU A 2 -4.26 18.84 -19.19
CA LEU A 2 -5.67 19.05 -19.52
C LEU A 2 -6.53 17.87 -19.04
N PRO A 3 -6.18 16.62 -19.41
CA PRO A 3 -6.95 15.43 -18.98
C PRO A 3 -7.05 15.32 -17.47
N PHE A 4 -7.84 14.35 -17.00
CA PHE A 4 -8.03 14.11 -15.57
C PHE A 4 -8.00 12.62 -15.26
N VAL A 5 -8.86 11.86 -15.92
CA VAL A 5 -8.94 10.42 -15.71
C VAL A 5 -9.51 9.73 -16.95
N GLN A 6 -8.71 9.66 -18.00
CA GLN A 6 -9.13 9.02 -19.26
C GLN A 6 -7.92 8.51 -20.04
N GLU A 7 -6.94 7.95 -19.32
CA GLU A 7 -5.74 7.42 -19.95
C GLU A 7 -5.15 6.28 -19.13
N ARG A 8 -4.32 5.47 -19.77
CA ARG A 8 -3.68 4.32 -19.11
C ARG A 8 -4.71 3.34 -18.56
N ILE A 9 -5.13 2.40 -19.39
CA ILE A 9 -6.11 1.39 -18.99
C ILE A 9 -5.57 0.50 -17.86
N GLY A 10 -4.25 0.36 -17.79
CA GLY A 10 -3.65 -0.46 -16.75
C GLY A 10 -3.55 0.25 -15.43
N LEU A 11 -3.29 1.57 -15.47
CA LEU A 11 -3.17 2.39 -14.27
C LEU A 11 -4.44 2.31 -13.42
N PHE A 12 -5.59 2.26 -14.08
CA PHE A 12 -6.87 2.17 -13.39
C PHE A 12 -7.01 0.84 -12.64
N ILE A 13 -6.34 -0.20 -13.16
CA ILE A 13 -6.37 -1.53 -12.56
C ILE A 13 -5.75 -1.51 -11.16
N VAL A 14 -4.49 -1.06 -11.06
CA VAL A 14 -3.80 -1.02 -9.77
C VAL A 14 -4.51 -0.08 -8.79
N ASN A 15 -4.92 1.08 -9.27
CA ASN A 15 -5.61 2.08 -8.44
C ASN A 15 -6.84 1.51 -7.73
N PHE A 16 -7.75 0.92 -8.50
CA PHE A 16 -8.98 0.35 -7.95
C PHE A 16 -8.75 -1.02 -7.30
N PHE A 17 -7.82 -1.80 -7.84
CA PHE A 17 -7.52 -3.13 -7.32
C PHE A 17 -6.94 -3.06 -5.91
N ILE A 18 -5.94 -2.21 -5.71
CA ILE A 18 -5.30 -2.06 -4.40
C ILE A 18 -6.30 -1.59 -3.34
N PHE A 19 -7.20 -0.69 -3.74
CA PHE A 19 -8.23 -0.14 -2.85
C PHE A 19 -8.93 -1.26 -2.04
N THR A 20 -9.32 -2.31 -2.76
CA THR A 20 -9.99 -3.44 -2.14
C THR A 20 -9.06 -4.26 -1.24
N VAL A 21 -7.76 -4.26 -1.54
CA VAL A 21 -6.79 -5.01 -0.74
C VAL A 21 -6.40 -4.24 0.52
N VAL A 22 -5.79 -3.07 0.35
CA VAL A 22 -5.36 -2.24 1.49
C VAL A 22 -6.53 -1.92 2.44
N SER A 23 -7.76 -2.02 1.93
CA SER A 23 -8.94 -1.76 2.74
C SER A 23 -9.32 -3.00 3.52
N ALA A 24 -9.21 -4.17 2.85
CA ALA A 24 -9.52 -5.46 3.46
C ALA A 24 -8.74 -5.66 4.78
N ILE A 25 -7.57 -5.02 4.87
CA ILE A 25 -6.73 -5.12 6.06
C ILE A 25 -7.46 -4.54 7.27
N THR A 26 -7.91 -3.30 7.14
CA THR A 26 -8.63 -2.61 8.21
C THR A 26 -10.03 -3.18 8.43
N LEU A 27 -10.63 -3.69 7.37
CA LEU A 27 -11.96 -4.26 7.45
C LEU A 27 -11.97 -5.62 8.16
N LEU A 28 -10.93 -6.41 7.93
CA LEU A 28 -10.83 -7.74 8.55
C LEU A 28 -10.25 -7.68 9.97
N VAL A 29 -9.22 -6.85 10.16
CA VAL A 29 -8.58 -6.71 11.46
C VAL A 29 -9.51 -6.09 12.50
N SER A 30 -10.35 -5.16 12.06
CA SER A 30 -11.29 -4.48 12.97
C SER A 30 -12.30 -5.46 13.55
N MET A 31 -12.79 -6.37 12.73
CA MET A 31 -13.77 -7.36 13.16
C MET A 31 -13.12 -8.48 13.97
N ALA A 32 -11.99 -9.00 13.49
CA ALA A 32 -11.28 -10.09 14.17
C ALA A 32 -10.77 -9.67 15.55
N PHE A 33 -10.06 -8.54 15.59
CA PHE A 33 -9.51 -8.03 16.85
C PHE A 33 -10.61 -7.58 17.81
N LEU A 34 -11.65 -6.93 17.28
CA LEU A 34 -12.76 -6.45 18.11
C LEU A 34 -13.50 -7.62 18.78
N THR A 35 -13.56 -8.76 18.09
CA THR A 35 -14.24 -9.94 18.63
C THR A 35 -13.55 -10.44 19.91
N ALA A 36 -12.23 -10.57 19.85
CA ALA A 36 -11.45 -11.04 20.99
C ALA A 36 -11.37 -9.96 22.07
N THR A 37 -11.12 -8.73 21.64
CA THR A 37 -11.02 -7.59 22.56
C THR A 37 -12.32 -7.38 23.34
N ARG A 38 -13.45 -7.53 22.65
CA ARG A 38 -14.76 -7.36 23.27
C ARG A 38 -15.84 -8.08 22.47
N MET B 1 -10.44 4.71 -25.75
CA MET B 1 -10.85 3.77 -24.68
C MET B 1 -11.52 2.53 -25.27
N LEU B 2 -11.06 1.36 -24.84
CA LEU B 2 -11.61 0.08 -25.32
C LEU B 2 -11.04 -1.10 -24.53
N PRO B 3 -9.69 -1.22 -24.40
CA PRO B 3 -9.07 -2.33 -23.65
C PRO B 3 -9.54 -2.37 -22.19
N PHE B 4 -9.14 -3.42 -21.48
CA PHE B 4 -9.52 -3.59 -20.07
C PHE B 4 -8.31 -4.05 -19.24
N VAL B 5 -7.72 -5.16 -19.66
CA VAL B 5 -6.56 -5.72 -18.98
C VAL B 5 -5.71 -6.57 -19.92
N GLN B 6 -5.00 -5.90 -20.82
CA GLN B 6 -4.14 -6.58 -21.79
C GLN B 6 -3.00 -5.68 -22.26
N GLU B 7 -2.45 -4.90 -21.32
CA GLU B 7 -1.35 -3.99 -21.63
C GLU B 7 -0.45 -3.80 -20.42
N ARG B 8 0.78 -3.32 -20.68
CA ARG B 8 1.75 -3.08 -19.62
C ARG B 8 2.06 -4.35 -18.83
N ILE B 9 3.03 -5.12 -19.30
CA ILE B 9 3.43 -6.37 -18.65
C ILE B 9 3.99 -6.10 -17.24
N GLY B 10 4.54 -4.90 -17.02
CA GLY B 10 5.10 -4.56 -15.73
C GLY B 10 4.03 -4.14 -14.73
N LEU B 11 3.00 -3.45 -15.22
CA LEU B 11 1.90 -2.99 -14.39
C LEU B 11 1.23 -4.16 -13.65
N PHE B 12 1.12 -5.29 -14.33
CA PHE B 12 0.51 -6.48 -13.75
C PHE B 12 1.36 -7.01 -12.59
N ILE B 13 2.67 -6.78 -12.66
CA ILE B 13 3.60 -7.22 -11.63
C ILE B 13 3.31 -6.56 -10.28
N VAL B 14 3.31 -5.23 -10.26
CA VAL B 14 3.05 -4.49 -9.03
C VAL B 14 1.65 -4.77 -8.49
N ASN B 15 0.66 -4.77 -9.38
CA ASN B 15 -0.74 -5.04 -9.00
C ASN B 15 -0.91 -6.35 -8.23
N PHE B 16 -0.44 -7.44 -8.81
CA PHE B 16 -0.55 -8.76 -8.17
C PHE B 16 0.49 -8.98 -7.07
N PHE B 17 1.68 -8.40 -7.24
CA PHE B 17 2.75 -8.55 -6.26
C PHE B 17 2.39 -7.90 -4.93
N ILE B 18 1.92 -6.66 -4.98
CA ILE B 18 1.54 -5.93 -3.76
C ILE B 18 0.42 -6.65 -3.01
N PHE B 19 -0.53 -7.21 -3.76
CA PHE B 19 -1.68 -7.93 -3.18
C PHE B 19 -1.22 -8.92 -2.10
N THR B 20 -0.19 -9.69 -2.42
CA THR B 20 0.35 -10.68 -1.49
C THR B 20 1.05 -10.02 -0.30
N VAL B 21 1.60 -8.83 -0.49
CA VAL B 21 2.30 -8.12 0.59
C VAL B 21 1.33 -7.42 1.53
N VAL B 22 0.57 -6.46 1.00
CA VAL B 22 -0.41 -5.71 1.80
C VAL B 22 -1.41 -6.64 2.49
N SER B 23 -1.57 -7.85 1.96
CA SER B 23 -2.50 -8.82 2.54
C SER B 23 -1.80 -9.56 3.69
N ALA B 24 -0.52 -9.89 3.48
CA ALA B 24 0.27 -10.60 4.48
C ALA B 24 0.26 -9.86 5.83
N ILE B 25 0.06 -8.54 5.78
CA ILE B 25 0.01 -7.71 6.98
C ILE B 25 -1.17 -8.14 7.86
N THR B 26 -2.36 -8.13 7.26
CA THR B 26 -3.58 -8.50 7.97
C THR B 26 -3.64 -9.99 8.28
N LEU B 27 -3.02 -10.80 7.43
CA LEU B 27 -3.01 -12.24 7.60
C LEU B 27 -2.09 -12.68 8.74
N LEU B 28 -0.95 -11.98 8.89
CA LEU B 28 0.02 -12.31 9.95
C LEU B 28 -0.34 -11.65 11.28
N VAL B 29 -0.78 -10.40 11.23
CA VAL B 29 -1.15 -9.68 12.45
C VAL B 29 -2.38 -10.27 13.14
N SER B 30 -3.32 -10.77 12.35
CA SER B 30 -4.54 -11.36 12.89
C SER B 30 -4.24 -12.61 13.71
N MET B 31 -3.33 -13.43 13.22
CA MET B 31 -2.96 -14.67 13.91
C MET B 31 -2.04 -14.39 15.10
N ALA B 32 -1.03 -13.55 14.90
CA ALA B 32 -0.09 -13.21 15.97
C ALA B 32 -0.77 -12.51 17.15
N PHE B 33 -1.53 -11.46 16.85
CA PHE B 33 -2.23 -10.69 17.88
C PHE B 33 -3.33 -11.50 18.54
N LEU B 34 -4.07 -12.29 17.74
CA LEU B 34 -5.15 -13.11 18.27
C LEU B 34 -4.63 -14.17 19.25
N THR B 35 -3.41 -14.66 19.01
CA THR B 35 -2.81 -15.67 19.89
C THR B 35 -2.59 -15.12 21.29
N ALA B 36 -2.01 -13.93 21.37
CA ALA B 36 -1.74 -13.29 22.66
C ALA B 36 -3.03 -12.79 23.30
N THR B 37 -3.87 -12.15 22.49
CA THR B 37 -5.15 -11.62 22.95
C THR B 37 -6.05 -12.72 23.51
N ARG B 38 -6.06 -13.87 22.84
CA ARG B 38 -6.88 -15.00 23.27
C ARG B 38 -6.34 -16.31 22.70
N MET C 1 1.46 -9.68 -26.42
CA MET C 1 1.76 -10.33 -25.13
C MET C 1 2.82 -11.41 -25.29
N LEU C 2 3.85 -11.36 -24.44
CA LEU C 2 4.94 -12.33 -24.48
C LEU C 2 5.88 -12.17 -23.28
N PRO C 3 6.40 -10.94 -23.03
CA PRO C 3 7.31 -10.69 -21.88
C PRO C 3 6.67 -11.06 -20.55
N PHE C 4 7.46 -10.99 -19.48
CA PHE C 4 6.99 -11.32 -18.14
C PHE C 4 7.51 -10.31 -17.13
N VAL C 5 8.83 -10.16 -17.08
CA VAL C 5 9.47 -9.22 -16.15
C VAL C 5 10.83 -8.78 -16.68
N GLN C 6 10.81 -7.93 -17.71
CA GLN C 6 12.04 -7.42 -18.31
C GLN C 6 11.80 -6.07 -18.99
N GLU C 7 11.00 -5.23 -18.34
CA GLU C 7 10.69 -3.91 -18.88
C GLU C 7 10.39 -2.91 -17.75
N ARG C 8 10.48 -1.62 -18.07
CA ARG C 8 10.23 -0.57 -17.10
C ARG C 8 11.16 -0.67 -15.90
N ILE C 9 12.33 -0.04 -16.00
CA ILE C 9 13.32 -0.06 -14.93
C ILE C 9 12.79 0.64 -13.66
N GLY C 10 11.85 1.57 -13.85
CA GLY C 10 11.28 2.29 -12.71
C GLY C 10 10.20 1.49 -12.01
N LEU C 11 9.42 0.73 -12.79
CA LEU C 11 8.34 -0.09 -12.23
C LEU C 11 8.87 -1.08 -11.19
N PHE C 12 10.07 -1.60 -11.43
CA PHE C 12 10.68 -2.55 -10.51
C PHE C 12 11.03 -1.87 -9.19
N ILE C 13 11.30 -0.56 -9.24
CA ILE C 13 11.64 0.21 -8.05
C ILE C 13 10.49 0.25 -7.06
N VAL C 14 9.32 0.71 -7.50
CA VAL C 14 8.14 0.79 -6.63
C VAL C 14 7.72 -0.59 -6.12
N ASN C 15 7.71 -1.57 -7.02
CA ASN C 15 7.32 -2.95 -6.68
C ASN C 15 8.13 -3.51 -5.51
N PHE C 16 9.45 -3.48 -5.63
CA PHE C 16 10.33 -4.00 -4.58
C PHE C 16 10.49 -3.04 -3.40
N PHE C 17 10.46 -1.74 -3.68
CA PHE C 17 10.60 -0.72 -2.63
C PHE C 17 9.44 -0.76 -1.65
N ILE C 18 8.21 -0.78 -2.17
CA ILE C 18 7.03 -0.81 -1.31
C ILE C 18 7.00 -2.06 -0.44
N PHE C 19 7.42 -3.19 -1.01
CA PHE C 19 7.46 -4.48 -0.29
C PHE C 19 8.09 -4.34 1.10
N THR C 20 9.22 -3.65 1.14
CA THR C 20 9.94 -3.42 2.40
C THR C 20 9.19 -2.48 3.33
N VAL C 21 8.41 -1.56 2.76
CA VAL C 21 7.65 -0.60 3.58
C VAL C 21 6.37 -1.22 4.14
N VAL C 22 5.46 -1.63 3.24
CA VAL C 22 4.19 -2.24 3.66
C VAL C 22 4.41 -3.46 4.57
N SER C 23 5.60 -4.05 4.49
CA SER C 23 5.93 -5.22 5.30
C SER C 23 6.41 -4.76 6.68
N ALA C 24 7.20 -3.69 6.69
CA ALA C 24 7.73 -3.11 7.93
C ALA C 24 6.61 -2.80 8.93
N ILE C 25 5.41 -2.54 8.41
CA ILE C 25 4.25 -2.23 9.24
C ILE C 25 3.90 -3.43 10.11
N THR C 26 3.70 -4.58 9.48
CA THR C 26 3.36 -5.82 10.17
C THR C 26 4.53 -6.36 10.99
N LEU C 27 5.74 -6.11 10.52
CA LEU C 27 6.94 -6.58 11.20
C LEU C 27 7.23 -5.79 12.47
N LEU C 28 6.96 -4.49 12.45
CA LEU C 28 7.20 -3.63 13.62
C LEU C 28 6.04 -3.67 14.61
N VAL C 29 4.80 -3.65 14.10
CA VAL C 29 3.62 -3.67 14.95
C VAL C 29 3.48 -4.98 15.71
N SER C 30 3.87 -6.09 15.08
CA SER C 30 3.77 -7.40 15.71
C SER C 30 4.67 -7.50 16.94
N MET C 31 5.88 -6.96 16.83
CA MET C 31 6.83 -7.00 17.93
C MET C 31 6.48 -5.97 19.02
N ALA C 32 6.15 -4.75 18.61
CA ALA C 32 5.81 -3.69 19.56
C ALA C 32 4.54 -4.01 20.35
N PHE C 33 3.48 -4.38 19.65
CA PHE C 33 2.22 -4.71 20.29
C PHE C 33 2.32 -5.99 21.12
N LEU C 34 3.02 -6.99 20.60
CA LEU C 34 3.18 -8.26 21.30
C LEU C 34 3.93 -8.08 22.63
N THR C 35 4.86 -7.12 22.66
CA THR C 35 5.64 -6.85 23.88
C THR C 35 4.73 -6.38 25.02
N ALA C 36 3.87 -5.41 24.71
CA ALA C 36 2.95 -4.86 25.71
C ALA C 36 1.85 -5.87 26.03
N THR C 37 1.29 -6.48 24.99
CA THR C 37 0.23 -7.47 25.14
C THR C 37 0.68 -8.66 25.99
N ARG C 38 1.91 -9.11 25.77
CA ARG C 38 2.46 -10.24 26.51
C ARG C 38 3.99 -10.21 26.48
N MET D 1 18.29 -3.50 -21.15
CA MET D 1 18.50 -3.37 -19.68
C MET D 1 19.86 -2.75 -19.38
N LEU D 2 19.87 -1.72 -18.54
CA LEU D 2 21.09 -1.03 -18.16
C LEU D 2 20.85 -0.03 -17.03
N PRO D 3 19.86 0.90 -17.18
CA PRO D 3 19.56 1.89 -16.15
C PRO D 3 19.19 1.25 -14.81
N PHE D 4 19.02 2.08 -13.79
CA PHE D 4 18.67 1.60 -12.45
C PHE D 4 17.61 2.50 -11.82
N VAL D 5 17.91 3.79 -11.74
CA VAL D 5 16.99 4.76 -11.16
C VAL D 5 17.24 6.16 -11.72
N GLN D 6 16.87 6.37 -12.97
CA GLN D 6 17.06 7.67 -13.62
C GLN D 6 16.04 7.87 -14.74
N GLU D 7 14.81 7.43 -14.51
CA GLU D 7 13.73 7.57 -15.49
C GLU D 7 12.37 7.70 -14.81
N ARG D 8 11.40 8.21 -15.55
CA ARG D 8 10.04 8.40 -15.03
C ARG D 8 10.03 9.31 -13.81
N ILE D 9 9.91 10.60 -14.05
CA ILE D 9 9.89 11.59 -12.96
C ILE D 9 8.65 11.40 -12.07
N GLY D 10 7.58 10.83 -12.63
CA GLY D 10 6.36 10.61 -11.87
C GLY D 10 6.44 9.37 -11.01
N LEU D 11 7.11 8.33 -11.52
CA LEU D 11 7.26 7.08 -10.80
C LEU D 11 7.94 7.29 -9.44
N PHE D 12 8.88 8.21 -9.40
CA PHE D 12 9.60 8.53 -8.16
C PHE D 12 8.65 9.16 -7.13
N ILE D 13 7.62 9.86 -7.63
CA ILE D 13 6.64 10.52 -6.77
C ILE D 13 5.87 9.50 -5.93
N VAL D 14 5.22 8.54 -6.59
CA VAL D 14 4.45 7.52 -5.89
C VAL D 14 5.32 6.68 -4.96
N ASN D 15 6.48 6.27 -5.46
CA ASN D 15 7.43 5.46 -4.68
C ASN D 15 7.79 6.10 -3.33
N PHE D 16 8.25 7.33 -3.36
CA PHE D 16 8.64 8.04 -2.14
C PHE D 16 7.43 8.60 -1.37
N PHE D 17 6.38 8.99 -2.09
CA PHE D 17 5.19 9.54 -1.45
C PHE D 17 4.47 8.49 -0.60
N ILE D 18 4.25 7.30 -1.16
CA ILE D 18 3.56 6.23 -0.44
C ILE D 18 4.34 5.82 0.82
N PHE D 19 5.67 5.81 0.70
CA PHE D 19 6.55 5.44 1.83
C PHE D 19 6.14 6.17 3.12
N THR D 20 5.92 7.47 3.00
CA THR D 20 5.53 8.28 4.15
C THR D 20 4.11 7.96 4.63
N VAL D 21 3.25 7.51 3.72
CA VAL D 21 1.87 7.18 4.09
C VAL D 21 1.77 5.79 4.74
N VAL D 22 2.14 4.75 3.99
CA VAL D 22 2.08 3.38 4.51
C VAL D 22 2.90 3.21 5.79
N SER D 23 3.86 4.12 6.01
CA SER D 23 4.69 4.08 7.21
C SER D 23 3.97 4.76 8.37
N ALA D 24 3.29 5.87 8.06
CA ALA D 24 2.54 6.64 9.04
C ALA D 24 1.53 5.76 9.79
N ILE D 25 1.07 4.69 9.12
CA ILE D 25 0.11 3.75 9.70
C ILE D 25 0.73 3.07 10.92
N THR D 26 1.89 2.45 10.71
CA THR D 26 2.60 1.75 11.79
C THR D 26 3.19 2.70 12.82
N LEU D 27 3.55 3.89 12.37
CA LEU D 27 4.13 4.90 13.25
C LEU D 27 3.10 5.52 14.20
N LEU D 28 1.87 5.71 13.69
CA LEU D 28 0.79 6.29 14.50
C LEU D 28 0.08 5.25 15.34
N VAL D 29 -0.18 4.08 14.77
CA VAL D 29 -0.87 3.01 15.50
C VAL D 29 -0.03 2.46 16.66
N SER D 30 1.28 2.41 16.49
CA SER D 30 2.17 1.92 17.53
C SER D 30 2.12 2.79 18.77
N MET D 31 2.10 4.11 18.57
CA MET D 31 2.06 5.05 19.68
C MET D 31 0.67 5.14 20.32
N ALA D 32 -0.35 5.23 19.48
CA ALA D 32 -1.74 5.32 19.96
C ALA D 32 -2.17 4.08 20.73
N PHE D 33 -1.96 2.91 20.13
CA PHE D 33 -2.34 1.65 20.76
C PHE D 33 -1.48 1.35 21.98
N LEU D 34 -0.18 1.64 21.90
CA LEU D 34 0.73 1.39 23.02
C LEU D 34 0.36 2.23 24.24
N THR D 35 -0.17 3.44 24.00
CA THR D 35 -0.57 4.33 25.10
C THR D 35 -1.71 3.71 25.93
N ALA D 36 -2.73 3.22 25.25
CA ALA D 36 -3.87 2.60 25.92
C ALA D 36 -3.49 1.24 26.49
N THR D 37 -2.77 0.45 25.70
CA THR D 37 -2.33 -0.88 26.11
C THR D 37 -1.44 -0.82 27.35
N ARG D 38 -0.55 0.17 27.39
CA ARG D 38 0.36 0.35 28.52
C ARG D 38 0.87 1.79 28.59
N MET E 1 16.78 14.71 -17.21
CA MET E 1 16.22 15.02 -15.88
C MET E 1 16.04 16.53 -15.71
N LEU E 2 14.85 16.94 -15.29
CA LEU E 2 14.53 18.35 -15.09
C LEU E 2 13.17 18.53 -14.41
N PRO E 3 12.09 17.92 -14.95
CA PRO E 3 10.75 18.04 -14.35
C PRO E 3 10.71 17.54 -12.91
N PHE E 4 9.56 17.74 -12.25
CA PHE E 4 9.39 17.32 -10.86
C PHE E 4 8.03 16.67 -10.67
N VAL E 5 6.97 17.40 -11.02
CA VAL E 5 5.61 16.90 -10.89
C VAL E 5 4.67 17.59 -11.87
N GLN E 6 4.80 17.24 -13.16
CA GLN E 6 3.97 17.82 -14.20
C GLN E 6 3.85 16.88 -15.40
N GLU E 7 3.72 15.58 -15.11
CA GLU E 7 3.59 14.57 -16.15
C GLU E 7 2.77 13.37 -15.65
N ARG E 8 2.25 12.59 -16.60
CA ARG E 8 1.45 11.41 -16.27
C ARG E 8 0.22 11.78 -15.45
N ILE E 9 -0.87 12.11 -16.14
CA ILE E 9 -2.12 12.48 -15.48
C ILE E 9 -2.70 11.32 -14.67
N GLY E 10 -2.37 10.09 -15.07
CA GLY E 10 -2.86 8.92 -14.37
C GLY E 10 -2.06 8.61 -13.13
N LEU E 11 -0.75 8.85 -13.19
CA LEU E 11 0.15 8.61 -12.06
C LEU E 11 -0.30 9.38 -10.81
N PHE E 12 -0.79 10.60 -11.03
CA PHE E 12 -1.25 11.44 -9.93
C PHE E 12 -2.50 10.84 -9.27
N ILE E 13 -3.27 10.08 -10.05
CA ILE E 13 -4.49 9.44 -9.55
C ILE E 13 -4.17 8.41 -8.46
N VAL E 14 -3.32 7.44 -8.79
CA VAL E 14 -2.94 6.40 -7.83
C VAL E 14 -2.24 7.00 -6.61
N ASN E 15 -1.31 7.92 -6.84
CA ASN E 15 -0.56 8.56 -5.76
C ASN E 15 -1.47 9.19 -4.70
N PHE E 16 -2.37 10.05 -5.13
CA PHE E 16 -3.30 10.73 -4.21
C PHE E 16 -4.46 9.84 -3.78
N PHE E 17 -4.90 8.95 -4.66
CA PHE E 17 -6.01 8.05 -4.35
C PHE E 17 -5.66 7.06 -3.24
N ILE E 18 -4.50 6.43 -3.36
CA ILE E 18 -4.05 5.45 -2.36
C ILE E 18 -3.88 6.12 -0.98
N PHE E 19 -3.37 7.34 -0.98
CA PHE E 19 -3.15 8.12 0.26
C PHE E 19 -4.37 8.06 1.18
N THR E 20 -5.53 8.29 0.59
CA THR E 20 -6.79 8.28 1.34
C THR E 20 -7.17 6.86 1.81
N VAL E 21 -6.75 5.85 1.06
CA VAL E 21 -7.06 4.46 1.42
C VAL E 21 -6.12 3.93 2.51
N VAL E 22 -4.83 3.87 2.20
CA VAL E 22 -3.83 3.38 3.16
C VAL E 22 -3.86 4.16 4.48
N SER E 23 -4.41 5.38 4.44
CA SER E 23 -4.50 6.23 5.62
C SER E 23 -5.75 5.84 6.42
N ALA E 24 -6.85 5.58 5.68
CA ALA E 24 -8.12 5.19 6.28
C ALA E 24 -7.95 3.99 7.22
N ILE E 25 -6.94 3.15 6.94
CA ILE E 25 -6.67 1.97 7.74
C ILE E 25 -6.29 2.38 9.16
N THR E 26 -5.28 3.24 9.27
CA THR E 26 -4.80 3.73 10.56
C THR E 26 -5.81 4.66 11.24
N LEU E 27 -6.57 5.40 10.43
CA LEU E 27 -7.55 6.33 10.94
C LEU E 27 -8.77 5.62 11.52
N LEU E 28 -9.18 4.52 10.90
CA LEU E 28 -10.35 3.76 11.37
C LEU E 28 -9.98 2.78 12.48
N VAL E 29 -8.85 2.10 12.35
CA VAL E 29 -8.41 1.13 13.35
C VAL E 29 -8.06 1.78 14.68
N SER E 30 -7.51 3.00 14.63
CA SER E 30 -7.14 3.72 15.85
C SER E 30 -8.36 4.06 16.69
N MET E 31 -9.44 4.47 16.03
CA MET E 31 -10.67 4.83 16.74
C MET E 31 -11.44 3.59 17.20
N ALA E 32 -11.57 2.61 16.31
CA ALA E 32 -12.30 1.37 16.63
C ALA E 32 -11.63 0.58 17.76
N PHE E 33 -10.34 0.34 17.62
CA PHE E 33 -9.58 -0.40 18.62
C PHE E 33 -9.47 0.36 19.94
N LEU E 34 -9.25 1.68 19.85
CA LEU E 34 -9.12 2.51 21.04
C LEU E 34 -10.41 2.53 21.86
N THR E 35 -11.56 2.42 21.18
CA THR E 35 -12.86 2.42 21.85
C THR E 35 -13.01 1.20 22.77
N ALA E 36 -12.68 0.03 22.23
CA ALA E 36 -12.77 -1.21 23.00
C ALA E 36 -11.66 -1.29 24.04
N THR E 37 -10.44 -0.94 23.63
CA THR E 37 -9.28 -0.96 24.52
C THR E 37 -9.47 -0.03 25.72
N ARG E 38 -10.04 1.14 25.46
CA ARG E 38 -10.29 2.13 26.52
C ARG E 38 -11.39 3.10 26.12
N MET A 1 -19.56 10.02 -24.77
CA MET A 1 -18.69 10.24 -23.60
C MET A 1 -17.29 10.69 -24.02
N LEU A 2 -16.88 11.87 -23.54
CA LEU A 2 -15.56 12.42 -23.87
C LEU A 2 -14.64 12.39 -22.65
N PRO A 3 -13.96 11.25 -22.38
CA PRO A 3 -13.05 11.13 -21.24
C PRO A 3 -11.69 11.76 -21.50
N PHE A 4 -11.26 11.73 -22.76
CA PHE A 4 -9.97 12.30 -23.16
C PHE A 4 -8.81 11.61 -22.43
N VAL A 5 -7.59 11.86 -22.90
CA VAL A 5 -6.40 11.27 -22.29
C VAL A 5 -6.19 11.77 -20.86
N GLN A 6 -6.37 10.87 -19.90
CA GLN A 6 -6.21 11.19 -18.49
C GLN A 6 -5.86 9.95 -17.68
N GLU A 7 -6.66 8.90 -17.85
CA GLU A 7 -6.44 7.64 -17.14
C GLU A 7 -5.85 6.60 -18.08
N ARG A 8 -5.63 5.39 -17.56
CA ARG A 8 -5.08 4.30 -18.35
C ARG A 8 -5.81 2.99 -18.04
N ILE A 9 -5.81 2.08 -19.01
CA ILE A 9 -6.48 0.78 -18.84
C ILE A 9 -5.78 -0.05 -17.76
N GLY A 10 -4.46 0.02 -17.72
CA GLY A 10 -3.69 -0.73 -16.74
C GLY A 10 -3.63 -0.03 -15.40
N LEU A 11 -3.43 1.29 -15.44
CA LEU A 11 -3.34 2.12 -14.23
C LEU A 11 -4.60 1.96 -13.35
N PHE A 12 -5.75 1.82 -14.00
CA PHE A 12 -7.02 1.65 -13.28
C PHE A 12 -7.03 0.31 -12.54
N ILE A 13 -6.34 -0.69 -13.08
CA ILE A 13 -6.28 -2.01 -12.46
C ILE A 13 -5.65 -1.96 -11.07
N VAL A 14 -4.46 -1.37 -10.98
CA VAL A 14 -3.75 -1.25 -9.71
C VAL A 14 -4.51 -0.34 -8.75
N ASN A 15 -4.94 0.83 -9.24
CA ASN A 15 -5.68 1.79 -8.42
C ASN A 15 -6.86 1.14 -7.69
N PHE A 16 -7.69 0.46 -8.46
CA PHE A 16 -8.86 -0.23 -7.90
C PHE A 16 -8.46 -1.46 -7.08
N PHE A 17 -7.36 -2.11 -7.47
CA PHE A 17 -6.90 -3.30 -6.76
C PHE A 17 -6.44 -2.95 -5.33
N ILE A 18 -5.79 -1.80 -5.19
CA ILE A 18 -5.30 -1.36 -3.87
C ILE A 18 -6.49 -1.13 -2.92
N PHE A 19 -7.56 -0.55 -3.45
CA PHE A 19 -8.76 -0.28 -2.66
C PHE A 19 -9.40 -1.58 -2.17
N THR A 20 -9.41 -2.59 -3.02
CA THR A 20 -9.99 -3.89 -2.69
C THR A 20 -9.21 -4.63 -1.61
N VAL A 21 -7.89 -4.70 -1.77
CA VAL A 21 -7.05 -5.41 -0.80
C VAL A 21 -6.95 -4.60 0.49
N VAL A 22 -6.57 -3.32 0.36
CA VAL A 22 -6.44 -2.43 1.52
C VAL A 22 -7.77 -2.33 2.31
N SER A 23 -8.89 -2.69 1.66
CA SER A 23 -10.19 -2.65 2.30
C SER A 23 -10.36 -3.90 3.17
N ALA A 24 -9.93 -5.02 2.62
CA ALA A 24 -10.01 -6.32 3.30
C ALA A 24 -9.20 -6.30 4.62
N ILE A 25 -8.01 -5.73 4.58
CA ILE A 25 -7.14 -5.64 5.76
C ILE A 25 -7.68 -4.69 6.83
N THR A 26 -8.17 -3.53 6.42
CA THR A 26 -8.69 -2.53 7.36
C THR A 26 -9.98 -3.00 8.02
N LEU A 27 -10.84 -3.64 7.24
CA LEU A 27 -12.11 -4.14 7.74
C LEU A 27 -11.97 -5.46 8.49
N LEU A 28 -11.12 -6.35 7.99
CA LEU A 28 -10.91 -7.65 8.63
C LEU A 28 -10.27 -7.51 10.01
N VAL A 29 -9.32 -6.58 10.14
CA VAL A 29 -8.64 -6.35 11.40
C VAL A 29 -9.56 -5.71 12.44
N SER A 30 -10.41 -4.80 11.99
CA SER A 30 -11.34 -4.11 12.87
C SER A 30 -12.36 -5.07 13.47
N MET A 31 -12.89 -5.96 12.64
CA MET A 31 -13.89 -6.94 13.10
C MET A 31 -13.28 -8.05 13.94
N ALA A 32 -12.17 -8.62 13.47
CA ALA A 32 -11.50 -9.71 14.18
C ALA A 32 -10.96 -9.29 15.54
N PHE A 33 -10.25 -8.17 15.58
CA PHE A 33 -9.66 -7.66 16.82
C PHE A 33 -10.72 -7.11 17.78
N LEU A 34 -11.70 -6.38 17.25
CA LEU A 34 -12.75 -5.79 18.08
C LEU A 34 -13.58 -6.89 18.77
N THR A 35 -13.81 -7.99 18.07
CA THR A 35 -14.58 -9.09 18.62
C THR A 35 -13.82 -9.81 19.74
N ALA A 36 -12.53 -10.03 19.53
CA ALA A 36 -11.69 -10.69 20.50
C ALA A 36 -11.52 -9.84 21.76
N THR A 37 -11.12 -8.58 21.56
CA THR A 37 -10.93 -7.66 22.68
C THR A 37 -12.23 -7.40 23.43
N ARG A 38 -13.33 -7.32 22.70
CA ARG A 38 -14.64 -7.07 23.29
C ARG A 38 -15.74 -7.71 22.46
N MET B 1 -6.62 -16.35 -28.03
CA MET B 1 -6.93 -15.38 -26.95
C MET B 1 -6.69 -13.95 -27.41
N LEU B 2 -7.75 -13.12 -27.34
CA LEU B 2 -7.67 -11.73 -27.75
C LEU B 2 -7.76 -10.79 -26.53
N PRO B 3 -6.62 -10.53 -25.84
CA PRO B 3 -6.61 -9.67 -24.66
C PRO B 3 -6.60 -8.18 -25.03
N PHE B 4 -5.99 -7.85 -26.17
CA PHE B 4 -5.90 -6.47 -26.65
C PHE B 4 -5.17 -5.59 -25.64
N VAL B 5 -4.81 -4.38 -26.08
CA VAL B 5 -4.10 -3.44 -25.23
C VAL B 5 -4.97 -2.99 -24.05
N GLN B 6 -4.58 -3.41 -22.84
CA GLN B 6 -5.31 -3.06 -21.63
C GLN B 6 -4.40 -3.11 -20.42
N GLU B 7 -3.69 -4.23 -20.26
CA GLU B 7 -2.77 -4.42 -19.14
C GLU B 7 -1.33 -4.28 -19.61
N ARG B 8 -0.39 -4.46 -18.68
CA ARG B 8 1.03 -4.36 -18.99
C ARG B 8 1.81 -5.47 -18.30
N ILE B 9 2.94 -5.85 -18.88
CA ILE B 9 3.78 -6.90 -18.32
C ILE B 9 4.36 -6.47 -16.96
N GLY B 10 4.74 -5.21 -16.86
CA GLY B 10 5.31 -4.70 -15.62
C GLY B 10 4.24 -4.31 -14.62
N LEU B 11 3.17 -3.67 -15.11
CA LEU B 11 2.06 -3.24 -14.27
C LEU B 11 1.46 -4.42 -13.48
N PHE B 12 1.41 -5.58 -14.12
CA PHE B 12 0.88 -6.78 -13.47
C PHE B 12 1.77 -7.22 -12.31
N ILE B 13 3.07 -6.95 -12.40
CA ILE B 13 4.02 -7.31 -11.36
C ILE B 13 3.70 -6.62 -10.04
N VAL B 14 3.56 -5.29 -10.08
CA VAL B 14 3.25 -4.52 -8.88
C VAL B 14 1.85 -4.85 -8.37
N ASN B 15 0.87 -4.88 -9.26
CA ASN B 15 -0.51 -5.19 -8.90
C ASN B 15 -0.60 -6.48 -8.06
N PHE B 16 -0.02 -7.55 -8.60
CA PHE B 16 -0.02 -8.84 -7.92
C PHE B 16 0.89 -8.85 -6.69
N PHE B 17 1.97 -8.07 -6.74
CA PHE B 17 2.92 -7.99 -5.63
C PHE B 17 2.27 -7.36 -4.40
N ILE B 18 1.43 -6.35 -4.61
CA ILE B 18 0.75 -5.67 -3.51
C ILE B 18 -0.19 -6.64 -2.79
N PHE B 19 -0.88 -7.47 -3.55
CA PHE B 19 -1.80 -8.46 -3.00
C PHE B 19 -1.07 -9.48 -2.13
N THR B 20 0.12 -9.89 -2.58
CA THR B 20 0.93 -10.85 -1.85
C THR B 20 1.47 -10.31 -0.52
N VAL B 21 2.04 -9.12 -0.55
CA VAL B 21 2.58 -8.51 0.67
C VAL B 21 1.46 -8.06 1.59
N VAL B 22 0.52 -7.29 1.05
CA VAL B 22 -0.62 -6.79 1.81
C VAL B 22 -1.44 -7.95 2.42
N SER B 23 -1.28 -9.16 1.86
CA SER B 23 -2.00 -10.33 2.36
C SER B 23 -1.26 -10.87 3.60
N ALA B 24 0.06 -10.88 3.51
CA ALA B 24 0.91 -11.35 4.59
C ALA B 24 0.71 -10.53 5.88
N ILE B 25 0.63 -9.20 5.71
CA ILE B 25 0.44 -8.30 6.85
C ILE B 25 -0.96 -8.41 7.48
N THR B 26 -2.00 -8.50 6.65
CA THR B 26 -3.36 -8.59 7.15
C THR B 26 -3.64 -9.92 7.84
N LEU B 27 -3.09 -10.98 7.27
CA LEU B 27 -3.27 -12.32 7.82
C LEU B 27 -2.34 -12.60 9.01
N LEU B 28 -1.10 -12.14 8.91
CA LEU B 28 -0.12 -12.34 9.98
C LEU B 28 -0.52 -11.61 11.26
N VAL B 29 -1.05 -10.41 11.12
CA VAL B 29 -1.46 -9.61 12.27
C VAL B 29 -2.70 -10.19 12.94
N SER B 30 -3.62 -10.71 12.13
CA SER B 30 -4.85 -11.28 12.66
C SER B 30 -4.58 -12.54 13.48
N MET B 31 -3.69 -13.39 12.99
CA MET B 31 -3.34 -14.63 13.68
C MET B 31 -2.45 -14.40 14.91
N ALA B 32 -1.42 -13.57 14.75
CA ALA B 32 -0.50 -13.27 15.83
C ALA B 32 -1.16 -12.56 17.00
N PHE B 33 -1.90 -11.50 16.69
CA PHE B 33 -2.59 -10.71 17.71
C PHE B 33 -3.77 -11.45 18.34
N LEU B 34 -4.55 -12.15 17.52
CA LEU B 34 -5.71 -12.89 18.01
C LEU B 34 -5.29 -14.00 18.97
N THR B 35 -4.16 -14.63 18.70
CA THR B 35 -3.65 -15.70 19.55
C THR B 35 -3.18 -15.17 20.90
N ALA B 36 -2.46 -14.04 20.87
CA ALA B 36 -1.94 -13.42 22.08
C ALA B 36 -3.08 -12.90 22.96
N THR B 37 -3.96 -12.11 22.37
CA THR B 37 -5.10 -11.54 23.08
C THR B 37 -6.04 -12.63 23.61
N ARG B 38 -6.23 -13.67 22.81
CA ARG B 38 -7.10 -14.79 23.19
C ARG B 38 -6.62 -16.09 22.56
N MET C 1 21.90 -13.46 -20.87
CA MET C 1 20.57 -13.36 -20.22
C MET C 1 19.56 -12.67 -21.14
N LEU C 2 18.48 -13.37 -21.45
CA LEU C 2 17.43 -12.84 -22.32
C LEU C 2 16.15 -12.54 -21.51
N PRO C 3 16.07 -11.34 -20.88
CA PRO C 3 14.89 -10.96 -20.08
C PRO C 3 13.74 -10.47 -20.95
N PHE C 4 14.07 -9.85 -22.08
CA PHE C 4 13.07 -9.31 -23.01
C PHE C 4 12.19 -8.26 -22.33
N VAL C 5 11.42 -7.54 -23.13
CA VAL C 5 10.53 -6.50 -22.62
C VAL C 5 9.43 -7.08 -21.74
N GLN C 6 9.51 -6.81 -20.45
CA GLN C 6 8.51 -7.30 -19.49
C GLN C 6 8.44 -6.39 -18.27
N GLU C 7 9.60 -6.10 -17.68
CA GLU C 7 9.68 -5.24 -16.50
C GLU C 7 10.22 -3.87 -16.88
N ARG C 8 10.37 -3.00 -15.90
CA ARG C 8 10.88 -1.64 -16.12
C ARG C 8 11.86 -1.26 -15.03
N ILE C 9 12.78 -0.35 -15.36
CA ILE C 9 13.79 0.10 -14.40
C ILE C 9 13.14 0.87 -13.25
N GLY C 10 12.12 1.67 -13.56
CA GLY C 10 11.43 2.44 -12.55
C GLY C 10 10.38 1.64 -11.83
N LEU C 11 9.64 0.82 -12.58
CA LEU C 11 8.58 -0.03 -12.03
C LEU C 11 9.12 -0.94 -10.92
N PHE C 12 10.35 -1.42 -11.10
CA PHE C 12 10.99 -2.30 -10.12
C PHE C 12 11.26 -1.55 -8.82
N ILE C 13 11.49 -0.23 -8.91
CA ILE C 13 11.77 0.60 -7.75
C ILE C 13 10.58 0.60 -6.78
N VAL C 14 9.39 0.94 -7.29
CA VAL C 14 8.19 0.98 -6.47
C VAL C 14 7.82 -0.42 -5.96
N ASN C 15 7.83 -1.40 -6.86
CA ASN C 15 7.49 -2.79 -6.51
C ASN C 15 8.29 -3.27 -5.29
N PHE C 16 9.61 -3.12 -5.37
CA PHE C 16 10.50 -3.53 -4.28
C PHE C 16 10.38 -2.60 -3.07
N PHE C 17 10.09 -1.32 -3.31
CA PHE C 17 9.95 -0.35 -2.24
C PHE C 17 8.74 -0.66 -1.35
N ILE C 18 7.65 -1.11 -1.97
CA ILE C 18 6.43 -1.45 -1.23
C ILE C 18 6.70 -2.63 -0.27
N PHE C 19 7.48 -3.59 -0.75
CA PHE C 19 7.81 -4.77 0.05
C PHE C 19 8.64 -4.38 1.28
N THR C 20 9.56 -3.44 1.08
CA THR C 20 10.43 -2.97 2.16
C THR C 20 9.66 -2.20 3.25
N VAL C 21 8.83 -1.25 2.84
CA VAL C 21 8.05 -0.46 3.80
C VAL C 21 6.95 -1.31 4.42
N VAL C 22 6.15 -1.95 3.57
CA VAL C 22 5.06 -2.81 4.04
C VAL C 22 5.57 -3.93 4.96
N SER C 23 6.87 -4.24 4.87
CA SER C 23 7.48 -5.27 5.70
C SER C 23 7.76 -4.71 7.09
N ALA C 24 8.26 -3.48 7.11
CA ALA C 24 8.56 -2.78 8.35
C ALA C 24 7.32 -2.61 9.24
N ILE C 25 6.21 -2.24 8.62
CA ILE C 25 4.94 -2.03 9.35
C ILE C 25 4.35 -3.35 9.88
N THR C 26 4.36 -4.40 9.07
CA THR C 26 3.80 -5.69 9.46
C THR C 26 4.62 -6.36 10.55
N LEU C 27 5.93 -6.24 10.44
CA LEU C 27 6.84 -6.84 11.41
C LEU C 27 6.98 -5.99 12.67
N LEU C 28 7.04 -4.68 12.51
CA LEU C 28 7.17 -3.77 13.65
C LEU C 28 5.95 -3.81 14.56
N VAL C 29 4.76 -3.90 13.97
CA VAL C 29 3.52 -3.94 14.73
C VAL C 29 3.37 -5.27 15.48
N SER C 30 3.78 -6.36 14.84
CA SER C 30 3.69 -7.69 15.44
C SER C 30 4.57 -7.81 16.68
N MET C 31 5.80 -7.29 16.57
CA MET C 31 6.75 -7.36 17.69
C MET C 31 6.41 -6.38 18.80
N ALA C 32 6.11 -5.13 18.44
CA ALA C 32 5.78 -4.09 19.41
C ALA C 32 4.51 -4.41 20.20
N PHE C 33 3.45 -4.76 19.49
CA PHE C 33 2.17 -5.07 20.11
C PHE C 33 2.19 -6.39 20.88
N LEU C 34 2.81 -7.41 20.30
CA LEU C 34 2.89 -8.73 20.95
C LEU C 34 3.66 -8.66 22.26
N THR C 35 4.70 -7.82 22.31
CA THR C 35 5.50 -7.68 23.52
C THR C 35 4.71 -6.97 24.62
N ALA C 36 4.00 -5.91 24.25
CA ALA C 36 3.20 -5.15 25.20
C ALA C 36 2.05 -5.98 25.75
N THR C 37 1.27 -6.56 24.85
CA THR C 37 0.13 -7.39 25.25
C THR C 37 0.56 -8.61 26.05
N ARG C 38 1.70 -9.20 25.66
CA ARG C 38 2.23 -10.37 26.35
C ARG C 38 3.75 -10.41 26.26
N MET D 1 26.58 14.68 -13.19
CA MET D 1 25.82 13.51 -12.72
C MET D 1 25.21 12.75 -13.88
N LEU D 2 25.54 11.46 -14.00
CA LEU D 2 25.03 10.61 -15.08
C LEU D 2 24.05 9.57 -14.52
N PRO D 3 22.76 9.94 -14.34
CA PRO D 3 21.74 9.02 -13.83
C PRO D 3 21.23 8.05 -14.89
N PHE D 4 21.20 8.52 -16.15
CA PHE D 4 20.73 7.70 -17.27
C PHE D 4 19.26 7.27 -17.07
N VAL D 5 18.65 6.75 -18.13
CA VAL D 5 17.27 6.31 -18.08
C VAL D 5 17.09 5.13 -17.12
N GLN D 6 16.41 5.37 -16.01
CA GLN D 6 16.16 4.33 -15.02
C GLN D 6 14.92 4.64 -14.20
N GLU D 7 14.86 5.87 -13.67
CA GLU D 7 13.71 6.30 -12.87
C GLU D 7 12.84 7.26 -13.67
N ARG D 8 11.78 7.76 -13.05
CA ARG D 8 10.86 8.68 -13.70
C ARG D 8 10.47 9.81 -12.74
N ILE D 9 10.11 10.96 -13.30
CA ILE D 9 9.72 12.12 -12.50
C ILE D 9 8.42 11.84 -11.74
N GLY D 10 7.50 11.13 -12.39
CA GLY D 10 6.21 10.82 -11.76
C GLY D 10 6.31 9.60 -10.88
N LEU D 11 7.03 8.58 -11.36
CA LEU D 11 7.22 7.32 -10.61
C LEU D 11 7.79 7.59 -9.22
N PHE D 12 8.70 8.56 -9.14
CA PHE D 12 9.33 8.91 -7.86
C PHE D 12 8.31 9.50 -6.88
N ILE D 13 7.29 10.16 -7.42
CA ILE D 13 6.24 10.78 -6.60
C ILE D 13 5.49 9.73 -5.79
N VAL D 14 4.98 8.70 -6.47
CA VAL D 14 4.24 7.63 -5.80
C VAL D 14 5.14 6.84 -4.87
N ASN D 15 6.32 6.46 -5.36
CA ASN D 15 7.30 5.69 -4.56
C ASN D 15 7.55 6.34 -3.20
N PHE D 16 7.90 7.62 -3.23
CA PHE D 16 8.17 8.38 -2.01
C PHE D 16 6.89 8.66 -1.21
N PHE D 17 5.76 8.81 -1.91
CA PHE D 17 4.48 9.08 -1.26
C PHE D 17 4.04 7.89 -0.41
N ILE D 18 4.27 6.67 -0.90
CA ILE D 18 3.89 5.46 -0.18
C ILE D 18 4.67 5.36 1.14
N PHE D 19 5.95 5.72 1.09
CA PHE D 19 6.80 5.69 2.28
C PHE D 19 6.31 6.67 3.35
N THR D 20 5.87 7.84 2.90
CA THR D 20 5.37 8.88 3.80
C THR D 20 4.06 8.49 4.49
N VAL D 21 3.10 8.00 3.72
CA VAL D 21 1.80 7.62 4.28
C VAL D 21 1.94 6.33 5.09
N VAL D 22 2.53 5.30 4.45
CA VAL D 22 2.74 4.01 5.12
C VAL D 22 3.57 4.16 6.41
N SER D 23 4.30 5.27 6.52
CA SER D 23 5.12 5.53 7.70
C SER D 23 4.22 6.06 8.83
N ALA D 24 3.33 6.95 8.45
CA ALA D 24 2.38 7.57 9.38
C ALA D 24 1.49 6.51 10.06
N ILE D 25 1.01 5.54 9.28
CA ILE D 25 0.14 4.48 9.78
C ILE D 25 0.90 3.50 10.70
N THR D 26 2.11 3.10 10.31
CA THR D 26 2.90 2.16 11.10
C THR D 26 3.37 2.76 12.42
N LEU D 27 3.76 4.02 12.36
CA LEU D 27 4.25 4.73 13.53
C LEU D 27 3.11 5.23 14.43
N LEU D 28 2.03 5.72 13.82
CA LEU D 28 0.89 6.23 14.58
C LEU D 28 0.19 5.12 15.35
N VAL D 29 0.08 3.94 14.74
CA VAL D 29 -0.59 2.80 15.39
C VAL D 29 0.25 2.26 16.54
N SER D 30 1.57 2.22 16.35
CA SER D 30 2.48 1.72 17.38
C SER D 30 2.45 2.58 18.64
N MET D 31 2.46 3.90 18.45
CA MET D 31 2.45 4.83 19.58
C MET D 31 1.07 4.92 20.25
N ALA D 32 0.02 5.04 19.45
CA ALA D 32 -1.35 5.15 19.97
C ALA D 32 -1.79 3.90 20.73
N PHE D 33 -1.59 2.73 20.11
CA PHE D 33 -1.98 1.46 20.71
C PHE D 33 -1.09 1.08 21.89
N LEU D 34 0.22 1.28 21.75
CA LEU D 34 1.16 0.94 22.82
C LEU D 34 0.90 1.76 24.09
N THR D 35 0.51 3.02 23.91
CA THR D 35 0.23 3.89 25.05
C THR D 35 -1.05 3.47 25.77
N ALA D 36 -2.08 3.14 24.99
CA ALA D 36 -3.36 2.72 25.56
C ALA D 36 -3.22 1.37 26.29
N THR D 37 -2.66 0.39 25.59
CA THR D 37 -2.47 -0.94 26.18
C THR D 37 -1.54 -0.90 27.38
N ARG D 38 -0.50 -0.06 27.32
CA ARG D 38 0.45 0.07 28.40
C ARG D 38 1.05 1.48 28.43
N MET E 1 0.97 29.20 -15.60
CA MET E 1 1.55 28.09 -14.79
C MET E 1 2.42 27.19 -15.67
N LEU E 2 3.70 27.06 -15.30
CA LEU E 2 4.64 26.22 -16.04
C LEU E 2 5.02 24.98 -15.22
N PRO E 3 4.19 23.91 -15.29
CA PRO E 3 4.47 22.67 -14.55
C PRO E 3 5.51 21.79 -15.23
N PHE E 4 5.54 21.84 -16.57
CA PHE E 4 6.49 21.05 -17.36
C PHE E 4 6.29 19.56 -17.13
N VAL E 5 6.91 18.74 -17.98
CA VAL E 5 6.80 17.29 -17.88
C VAL E 5 7.44 16.78 -16.58
N GLN E 6 6.60 16.29 -15.68
CA GLN E 6 7.06 15.76 -14.40
C GLN E 6 6.07 14.74 -13.84
N GLU E 7 4.81 15.14 -13.78
CA GLU E 7 3.75 14.27 -13.26
C GLU E 7 2.91 13.73 -14.41
N ARG E 8 1.89 12.94 -14.07
CA ARG E 8 1.00 12.36 -15.07
C ARG E 8 -0.45 12.43 -14.60
N ILE E 9 -1.38 12.46 -15.56
CA ILE E 9 -2.80 12.54 -15.24
C ILE E 9 -3.28 11.27 -14.53
N GLY E 10 -2.75 10.12 -14.96
CA GLY E 10 -3.13 8.85 -14.35
C GLY E 10 -2.34 8.57 -13.08
N LEU E 11 -1.05 8.87 -13.12
CA LEU E 11 -0.16 8.66 -11.98
C LEU E 11 -0.67 9.38 -10.73
N PHE E 12 -1.25 10.56 -10.92
CA PHE E 12 -1.79 11.34 -9.82
C PHE E 12 -2.99 10.65 -9.19
N ILE E 13 -3.73 9.88 -10.00
CA ILE E 13 -4.91 9.17 -9.52
C ILE E 13 -4.55 8.14 -8.44
N VAL E 14 -3.58 7.28 -8.75
CA VAL E 14 -3.14 6.25 -7.80
C VAL E 14 -2.48 6.89 -6.59
N ASN E 15 -1.56 7.83 -6.83
CA ASN E 15 -0.85 8.53 -5.74
C ASN E 15 -1.81 9.07 -4.69
N PHE E 16 -2.79 9.83 -5.14
CA PHE E 16 -3.79 10.42 -4.25
C PHE E 16 -4.75 9.36 -3.69
N PHE E 17 -5.03 8.32 -4.48
CA PHE E 17 -5.93 7.25 -4.05
C PHE E 17 -5.34 6.47 -2.87
N ILE E 18 -4.03 6.25 -2.89
CA ILE E 18 -3.36 5.52 -1.81
C ILE E 18 -3.48 6.29 -0.49
N PHE E 19 -3.34 7.61 -0.58
CA PHE E 19 -3.43 8.47 0.61
C PHE E 19 -4.83 8.40 1.22
N THR E 20 -5.85 8.36 0.36
CA THR E 20 -7.25 8.31 0.80
C THR E 20 -7.60 6.99 1.49
N VAL E 21 -7.23 5.87 0.87
CA VAL E 21 -7.53 4.56 1.44
C VAL E 21 -6.64 4.28 2.65
N VAL E 22 -5.33 4.45 2.47
CA VAL E 22 -4.37 4.25 3.55
C VAL E 22 -4.68 5.15 4.76
N SER E 23 -5.43 6.23 4.54
CA SER E 23 -5.79 7.15 5.61
C SER E 23 -6.96 6.56 6.41
N ALA E 24 -7.91 6.00 5.67
CA ALA E 24 -9.10 5.38 6.25
C ALA E 24 -8.72 4.23 7.20
N ILE E 25 -7.78 3.40 6.77
CA ILE E 25 -7.32 2.25 7.57
C ILE E 25 -6.54 2.66 8.82
N THR E 26 -5.64 3.64 8.67
CA THR E 26 -4.83 4.11 9.80
C THR E 26 -5.65 4.84 10.85
N LEU E 27 -6.60 5.63 10.38
CA LEU E 27 -7.47 6.39 11.27
C LEU E 27 -8.60 5.55 11.85
N LEU E 28 -9.19 4.69 11.02
CA LEU E 28 -10.29 3.83 11.47
C LEU E 28 -9.83 2.83 12.54
N VAL E 29 -8.63 2.29 12.38
CA VAL E 29 -8.09 1.32 13.34
C VAL E 29 -7.73 1.98 14.66
N SER E 30 -7.20 3.20 14.59
CA SER E 30 -6.81 3.93 15.79
C SER E 30 -8.02 4.28 16.65
N MET E 31 -9.09 4.72 16.02
CA MET E 31 -10.31 5.10 16.74
C MET E 31 -11.09 3.89 17.24
N ALA E 32 -11.27 2.89 16.38
CA ALA E 32 -12.01 1.68 16.73
C ALA E 32 -11.35 0.88 17.84
N PHE E 33 -10.05 0.63 17.68
CA PHE E 33 -9.29 -0.14 18.67
C PHE E 33 -9.07 0.63 19.97
N LEU E 34 -8.75 1.92 19.87
CA LEU E 34 -8.51 2.75 21.05
C LEU E 34 -9.76 2.85 21.92
N THR E 35 -10.93 2.92 21.29
CA THR E 35 -12.19 3.02 22.02
C THR E 35 -12.51 1.72 22.75
N ALA E 36 -12.29 0.59 22.07
CA ALA E 36 -12.56 -0.72 22.65
C ALA E 36 -11.61 -1.01 23.82
N THR E 37 -10.31 -0.86 23.56
CA THR E 37 -9.30 -1.11 24.58
C THR E 37 -9.45 -0.15 25.77
N ARG E 38 -9.80 1.10 25.48
CA ARG E 38 -9.97 2.12 26.52
C ARG E 38 -11.00 3.15 26.09
N MET A 1 -16.59 14.26 -25.82
CA MET A 1 -16.33 14.84 -24.48
C MET A 1 -15.72 13.81 -23.55
N LEU A 2 -14.39 13.82 -23.45
CA LEU A 2 -13.69 12.88 -22.58
C LEU A 2 -13.90 13.22 -21.10
N PRO A 3 -13.69 12.25 -20.18
CA PRO A 3 -13.87 12.49 -18.73
C PRO A 3 -13.03 13.67 -18.23
N PHE A 4 -13.04 13.87 -16.91
CA PHE A 4 -12.29 14.96 -16.29
C PHE A 4 -10.78 14.75 -16.48
N VAL A 5 -10.35 13.49 -16.38
CA VAL A 5 -8.93 13.15 -16.53
C VAL A 5 -8.77 11.94 -17.45
N GLN A 6 -7.68 11.94 -18.21
CA GLN A 6 -7.40 10.84 -19.14
C GLN A 6 -6.78 9.65 -18.41
N GLU A 7 -7.63 8.74 -17.96
CA GLU A 7 -7.19 7.55 -17.24
C GLU A 7 -6.49 6.57 -18.19
N ARG A 8 -6.13 5.40 -17.68
CA ARG A 8 -5.46 4.37 -18.48
C ARG A 8 -6.03 2.99 -18.16
N ILE A 9 -5.88 2.07 -19.11
CA ILE A 9 -6.38 0.71 -18.94
C ILE A 9 -5.65 -0.01 -17.80
N GLY A 10 -4.34 0.22 -17.69
CA GLY A 10 -3.56 -0.41 -16.64
C GLY A 10 -3.66 0.35 -15.34
N LEU A 11 -3.67 1.67 -15.43
CA LEU A 11 -3.76 2.55 -14.26
C LEU A 11 -4.96 2.20 -13.38
N PHE A 12 -6.08 1.86 -14.03
CA PHE A 12 -7.29 1.50 -13.31
C PHE A 12 -7.13 0.19 -12.53
N ILE A 13 -6.26 -0.70 -13.04
CA ILE A 13 -6.02 -1.99 -12.39
C ILE A 13 -5.44 -1.82 -10.98
N VAL A 14 -4.34 -1.07 -10.86
CA VAL A 14 -3.72 -0.85 -9.55
C VAL A 14 -4.64 -0.06 -8.62
N ASN A 15 -5.21 1.02 -9.13
CA ASN A 15 -6.12 1.87 -8.35
C ASN A 15 -7.31 1.09 -7.77
N PHE A 16 -7.98 0.34 -8.62
CA PHE A 16 -9.15 -0.45 -8.21
C PHE A 16 -8.76 -1.72 -7.44
N PHE A 17 -7.69 -2.39 -7.87
CA PHE A 17 -7.24 -3.62 -7.21
C PHE A 17 -6.80 -3.35 -5.77
N ILE A 18 -6.06 -2.27 -5.57
CA ILE A 18 -5.58 -1.92 -4.24
C ILE A 18 -6.76 -1.52 -3.34
N PHE A 19 -7.79 -0.94 -3.94
CA PHE A 19 -8.98 -0.51 -3.20
C PHE A 19 -9.73 -1.69 -2.59
N THR A 20 -9.92 -2.73 -3.39
CA THR A 20 -10.63 -3.93 -2.93
C THR A 20 -9.84 -4.68 -1.85
N VAL A 21 -8.51 -4.71 -1.97
CA VAL A 21 -7.67 -5.40 -1.01
C VAL A 21 -7.49 -4.59 0.28
N VAL A 22 -7.08 -3.32 0.13
CA VAL A 22 -6.88 -2.43 1.29
C VAL A 22 -8.09 -2.39 2.22
N SER A 23 -9.27 -2.76 1.71
CA SER A 23 -10.49 -2.77 2.50
C SER A 23 -10.51 -4.01 3.40
N ALA A 24 -9.98 -5.11 2.86
CA ALA A 24 -9.92 -6.38 3.58
C ALA A 24 -9.06 -6.26 4.84
N ILE A 25 -7.86 -5.70 4.69
CA ILE A 25 -6.95 -5.54 5.81
C ILE A 25 -7.51 -4.61 6.90
N THR A 26 -8.11 -3.49 6.49
CA THR A 26 -8.67 -2.52 7.43
C THR A 26 -9.95 -3.02 8.10
N LEU A 27 -10.82 -3.67 7.34
CA LEU A 27 -12.09 -4.19 7.86
C LEU A 27 -11.94 -5.53 8.58
N LEU A 28 -11.30 -6.49 7.93
CA LEU A 28 -11.10 -7.84 8.51
C LEU A 28 -10.38 -7.78 9.86
N VAL A 29 -9.34 -6.95 9.95
CA VAL A 29 -8.58 -6.82 11.19
C VAL A 29 -9.38 -6.05 12.24
N SER A 30 -10.13 -5.05 11.79
CA SER A 30 -10.94 -4.23 12.70
C SER A 30 -11.97 -5.08 13.46
N MET A 31 -12.71 -5.88 12.71
CA MET A 31 -13.74 -6.74 13.31
C MET A 31 -13.12 -7.89 14.11
N ALA A 32 -12.02 -8.45 13.63
CA ALA A 32 -11.36 -9.56 14.31
C ALA A 32 -10.92 -9.22 15.73
N PHE A 33 -10.08 -8.20 15.89
CA PHE A 33 -9.59 -7.80 17.20
C PHE A 33 -10.68 -7.16 18.06
N LEU A 34 -11.60 -6.43 17.43
CA LEU A 34 -12.68 -5.77 18.17
C LEU A 34 -13.59 -6.80 18.83
N THR A 35 -13.88 -7.88 18.10
CA THR A 35 -14.74 -8.94 18.62
C THR A 35 -14.08 -9.66 19.80
N ALA A 36 -12.80 -9.97 19.65
CA ALA A 36 -12.05 -10.66 20.69
C ALA A 36 -11.90 -9.80 21.95
N THR A 37 -11.51 -8.55 21.75
CA THR A 37 -11.33 -7.61 22.84
C THR A 37 -12.65 -7.31 23.55
N ARG A 38 -13.71 -7.15 22.76
CA ARG A 38 -15.05 -6.86 23.30
C ARG A 38 -15.05 -5.54 24.08
N MET B 1 -8.93 -12.16 -30.30
CA MET B 1 -9.82 -11.63 -29.24
C MET B 1 -9.04 -11.36 -27.95
N LEU B 2 -8.63 -10.12 -27.76
CA LEU B 2 -7.87 -9.73 -26.57
C LEU B 2 -8.78 -9.73 -25.34
N PRO B 3 -8.19 -9.81 -24.11
CA PRO B 3 -8.98 -9.81 -22.87
C PRO B 3 -9.89 -8.59 -22.75
N PHE B 4 -10.53 -8.46 -21.59
CA PHE B 4 -11.44 -7.33 -21.34
C PHE B 4 -10.69 -6.00 -21.34
N VAL B 5 -9.47 -6.03 -20.77
CA VAL B 5 -8.64 -4.82 -20.69
C VAL B 5 -7.20 -5.13 -21.11
N GLN B 6 -6.56 -4.16 -21.75
CA GLN B 6 -5.18 -4.34 -22.20
C GLN B 6 -4.20 -4.12 -21.06
N GLU B 7 -3.85 -5.21 -20.38
CA GLU B 7 -2.91 -5.15 -19.26
C GLU B 7 -1.50 -4.89 -19.75
N ARG B 8 -0.53 -4.93 -18.83
CA ARG B 8 0.87 -4.70 -19.17
C ARG B 8 1.77 -5.69 -18.43
N ILE B 9 2.97 -5.92 -18.97
CA ILE B 9 3.92 -6.85 -18.37
C ILE B 9 4.39 -6.35 -17.01
N GLY B 10 4.60 -5.03 -16.89
CA GLY B 10 5.04 -4.46 -15.64
C GLY B 10 3.89 -4.20 -14.69
N LEU B 11 2.76 -3.77 -15.26
CA LEU B 11 1.55 -3.49 -14.47
C LEU B 11 1.13 -4.69 -13.62
N PHE B 12 1.28 -5.88 -14.17
CA PHE B 12 0.91 -7.10 -13.46
C PHE B 12 1.85 -7.36 -12.27
N ILE B 13 3.09 -6.87 -12.36
CA ILE B 13 4.08 -7.05 -11.29
C ILE B 13 3.62 -6.36 -9.99
N VAL B 14 3.29 -5.08 -10.07
CA VAL B 14 2.85 -4.33 -8.88
C VAL B 14 1.52 -4.87 -8.35
N ASN B 15 0.56 -5.07 -9.25
CA ASN B 15 -0.76 -5.57 -8.88
C ASN B 15 -0.69 -6.92 -8.15
N PHE B 16 0.04 -7.87 -8.73
CA PHE B 16 0.17 -9.21 -8.14
C PHE B 16 1.15 -9.24 -6.96
N PHE B 17 2.24 -8.49 -7.04
CA PHE B 17 3.24 -8.45 -5.97
C PHE B 17 2.64 -7.87 -4.69
N ILE B 18 1.89 -6.79 -4.82
CA ILE B 18 1.27 -6.13 -3.68
C ILE B 18 0.19 -7.04 -3.07
N PHE B 19 -0.45 -7.86 -3.90
CA PHE B 19 -1.49 -8.78 -3.45
C PHE B 19 -0.93 -9.85 -2.52
N THR B 20 0.20 -10.43 -2.91
CA THR B 20 0.84 -11.48 -2.10
C THR B 20 1.38 -10.94 -0.77
N VAL B 21 1.90 -9.71 -0.78
CA VAL B 21 2.44 -9.10 0.43
C VAL B 21 1.34 -8.59 1.35
N VAL B 22 0.43 -7.77 0.80
CA VAL B 22 -0.68 -7.20 1.57
C VAL B 22 -1.47 -8.28 2.34
N SER B 23 -1.36 -9.53 1.91
CA SER B 23 -2.06 -10.64 2.57
C SER B 23 -1.29 -11.03 3.84
N ALA B 24 0.03 -10.95 3.77
CA ALA B 24 0.89 -11.29 4.89
C ALA B 24 0.65 -10.36 6.08
N ILE B 25 0.62 -9.05 5.83
CA ILE B 25 0.39 -8.07 6.88
C ILE B 25 -0.99 -8.22 7.53
N THR B 26 -2.02 -8.42 6.71
CA THR B 26 -3.39 -8.55 7.21
C THR B 26 -3.64 -9.89 7.92
N LEU B 27 -3.09 -10.97 7.37
CA LEU B 27 -3.27 -12.30 7.95
C LEU B 27 -2.30 -12.59 9.11
N LEU B 28 -1.01 -12.35 8.89
CA LEU B 28 0.01 -12.59 9.92
C LEU B 28 -0.27 -11.83 11.21
N VAL B 29 -0.66 -10.57 11.07
CA VAL B 29 -0.95 -9.73 12.24
C VAL B 29 -2.27 -10.15 12.89
N SER B 30 -3.24 -10.54 12.07
CA SER B 30 -4.55 -10.96 12.56
C SER B 30 -4.44 -12.17 13.50
N MET B 31 -3.73 -13.19 13.04
CA MET B 31 -3.54 -14.41 13.82
C MET B 31 -2.61 -14.19 15.02
N ALA B 32 -1.58 -13.37 14.84
CA ALA B 32 -0.62 -13.09 15.91
C ALA B 32 -1.28 -12.48 17.16
N PHE B 33 -1.93 -11.33 17.00
CA PHE B 33 -2.58 -10.66 18.12
C PHE B 33 -3.82 -11.41 18.62
N LEU B 34 -4.54 -12.06 17.71
CA LEU B 34 -5.74 -12.80 18.09
C LEU B 34 -5.39 -13.98 19.00
N THR B 35 -4.30 -14.66 18.70
CA THR B 35 -3.85 -15.80 19.49
C THR B 35 -3.41 -15.36 20.88
N ALA B 36 -2.65 -14.27 20.95
CA ALA B 36 -2.16 -13.75 22.22
C ALA B 36 -3.30 -13.24 23.09
N THR B 37 -4.19 -12.45 22.49
CA THR B 37 -5.33 -11.89 23.20
C THR B 37 -6.29 -12.99 23.66
N ARG B 38 -6.53 -13.98 22.80
CA ARG B 38 -7.42 -15.10 23.10
C ARG B 38 -8.84 -14.61 23.35
N MET C 1 18.28 -14.32 -24.62
CA MET C 1 17.14 -14.91 -23.88
C MET C 1 16.72 -14.02 -22.72
N LEU C 2 15.70 -13.19 -22.95
CA LEU C 2 15.20 -12.29 -21.93
C LEU C 2 14.45 -13.05 -20.83
N PRO C 3 14.29 -12.46 -19.63
CA PRO C 3 13.58 -13.12 -18.52
C PRO C 3 12.16 -13.55 -18.90
N PHE C 4 11.41 -14.05 -17.92
CA PHE C 4 10.04 -14.49 -18.14
C PHE C 4 9.15 -13.32 -18.55
N VAL C 5 9.37 -12.17 -17.93
CA VAL C 5 8.59 -10.97 -18.22
C VAL C 5 9.50 -9.75 -18.40
N GLN C 6 9.09 -8.84 -19.29
CA GLN C 6 9.87 -7.64 -19.57
C GLN C 6 9.62 -6.58 -18.50
N GLU C 7 10.44 -6.59 -17.46
CA GLU C 7 10.32 -5.63 -16.36
C GLU C 7 10.75 -4.23 -16.81
N ARG C 8 10.79 -3.30 -15.87
CA ARG C 8 11.18 -1.91 -16.18
C ARG C 8 12.08 -1.37 -15.07
N ILE C 9 12.89 -0.36 -15.42
CA ILE C 9 13.81 0.25 -14.45
C ILE C 9 13.04 0.94 -13.33
N GLY C 10 11.94 1.58 -13.67
CA GLY C 10 11.14 2.27 -12.68
C GLY C 10 10.19 1.33 -11.96
N LEU C 11 9.63 0.39 -12.71
CA LEU C 11 8.69 -0.59 -12.16
C LEU C 11 9.29 -1.35 -10.98
N PHE C 12 10.58 -1.65 -11.06
CA PHE C 12 11.27 -2.37 -9.99
C PHE C 12 11.37 -1.51 -8.73
N ILE C 13 11.42 -0.19 -8.90
CA ILE C 13 11.53 0.74 -7.77
C ILE C 13 10.32 0.63 -6.83
N VAL C 14 9.12 0.75 -7.38
CA VAL C 14 7.90 0.66 -6.56
C VAL C 14 7.71 -0.74 -5.97
N ASN C 15 7.89 -1.75 -6.81
CA ASN C 15 7.74 -3.15 -6.38
C ASN C 15 8.68 -3.50 -5.22
N PHE C 16 9.96 -3.19 -5.37
CA PHE C 16 10.96 -3.47 -4.35
C PHE C 16 10.90 -2.51 -3.15
N PHE C 17 10.66 -1.23 -3.43
CA PHE C 17 10.58 -0.22 -2.36
C PHE C 17 9.41 -0.50 -1.42
N ILE C 18 8.26 -0.84 -1.98
CA ILE C 18 7.08 -1.13 -1.18
C ILE C 18 7.29 -2.42 -0.37
N PHE C 19 8.07 -3.35 -0.90
CA PHE C 19 8.36 -4.61 -0.24
C PHE C 19 9.15 -4.40 1.06
N THR C 20 10.19 -3.57 0.98
CA THR C 20 11.03 -3.29 2.14
C THR C 20 10.27 -2.52 3.23
N VAL C 21 9.38 -1.61 2.82
CA VAL C 21 8.61 -0.81 3.78
C VAL C 21 7.45 -1.61 4.37
N VAL C 22 6.63 -2.22 3.51
CA VAL C 22 5.48 -3.02 3.95
C VAL C 22 5.88 -4.08 4.99
N SER C 23 7.16 -4.44 5.04
CA SER C 23 7.64 -5.43 6.00
C SER C 23 7.80 -4.78 7.37
N ALA C 24 8.21 -3.52 7.37
CA ALA C 24 8.40 -2.75 8.60
C ALA C 24 7.09 -2.59 9.37
N ILE C 25 6.03 -2.19 8.67
CA ILE C 25 4.72 -2.00 9.29
C ILE C 25 4.14 -3.31 9.85
N THR C 26 4.26 -4.39 9.09
CA THR C 26 3.74 -5.69 9.51
C THR C 26 4.57 -6.34 10.62
N LEU C 27 5.88 -6.23 10.53
CA LEU C 27 6.78 -6.82 11.52
C LEU C 27 6.95 -5.95 12.77
N LEU C 28 7.26 -4.67 12.57
CA LEU C 28 7.45 -3.73 13.69
C LEU C 28 6.24 -3.65 14.61
N VAL C 29 5.05 -3.59 14.01
CA VAL C 29 3.82 -3.51 14.78
C VAL C 29 3.49 -4.86 15.45
N SER C 30 3.80 -5.96 14.75
CA SER C 30 3.54 -7.30 15.26
C SER C 30 4.30 -7.55 16.57
N MET C 31 5.59 -7.26 16.55
CA MET C 31 6.45 -7.46 17.72
C MET C 31 6.14 -6.44 18.82
N ALA C 32 5.84 -5.20 18.44
CA ALA C 32 5.54 -4.15 19.42
C ALA C 32 4.36 -4.48 20.32
N PHE C 33 3.19 -4.71 19.72
CA PHE C 33 1.98 -5.02 20.48
C PHE C 33 2.04 -6.40 21.12
N LEU C 34 2.67 -7.36 20.45
CA LEU C 34 2.77 -8.72 20.98
C LEU C 34 3.60 -8.73 22.27
N THR C 35 4.67 -7.96 22.30
CA THR C 35 5.53 -7.89 23.48
C THR C 35 4.81 -7.24 24.66
N ALA C 36 4.09 -6.15 24.38
CA ALA C 36 3.36 -5.44 25.43
C ALA C 36 2.22 -6.30 25.98
N THR C 37 1.44 -6.89 25.08
CA THR C 37 0.31 -7.72 25.47
C THR C 37 0.78 -8.97 26.21
N ARG C 38 1.87 -9.58 25.73
CA ARG C 38 2.43 -10.78 26.35
C ARG C 38 1.42 -11.94 26.32
N MET D 1 27.43 10.78 -16.64
CA MET D 1 27.29 9.54 -15.82
C MET D 1 25.96 9.52 -15.08
N LEU D 2 24.97 8.84 -15.67
CA LEU D 2 23.65 8.74 -15.06
C LEU D 2 23.68 7.84 -13.83
N PRO D 3 22.68 7.96 -12.92
CA PRO D 3 22.62 7.14 -11.71
C PRO D 3 22.65 5.64 -12.01
N PHE D 4 22.47 4.82 -10.97
CA PHE D 4 22.47 3.37 -11.12
C PHE D 4 21.30 2.91 -11.97
N VAL D 5 20.14 3.55 -11.79
CA VAL D 5 18.93 3.21 -12.54
C VAL D 5 18.26 4.47 -13.07
N GLN D 6 17.65 4.35 -14.24
CA GLN D 6 16.96 5.48 -14.87
C GLN D 6 15.57 5.67 -14.26
N GLU D 7 15.48 6.50 -13.23
CA GLU D 7 14.22 6.77 -12.56
C GLU D 7 13.32 7.64 -13.45
N ARG D 8 12.18 8.05 -12.89
CA ARG D 8 11.22 8.88 -13.63
C ARG D 8 10.66 9.98 -12.73
N ILE D 9 10.18 11.06 -13.36
CA ILE D 9 9.63 12.18 -12.60
C ILE D 9 8.36 11.77 -11.84
N GLY D 10 7.54 10.93 -12.47
CA GLY D 10 6.31 10.48 -11.84
C GLY D 10 6.56 9.31 -10.90
N LEU D 11 7.45 8.42 -11.32
CA LEU D 11 7.79 7.23 -10.53
C LEU D 11 8.23 7.60 -9.12
N PHE D 12 8.97 8.70 -8.99
CA PHE D 12 9.45 9.16 -7.70
C PHE D 12 8.30 9.63 -6.81
N ILE D 13 7.22 10.12 -7.43
CA ILE D 13 6.04 10.60 -6.70
C ILE D 13 5.40 9.49 -5.87
N VAL D 14 5.07 8.37 -6.50
CA VAL D 14 4.45 7.25 -5.80
C VAL D 14 5.39 6.63 -4.77
N ASN D 15 6.63 6.39 -5.18
CA ASN D 15 7.64 5.80 -4.30
C ASN D 15 7.87 6.63 -3.03
N PHE D 16 8.07 7.93 -3.20
CA PHE D 16 8.31 8.83 -2.06
C PHE D 16 7.02 9.16 -1.30
N PHE D 17 5.92 9.36 -2.01
CA PHE D 17 4.63 9.71 -1.38
C PHE D 17 4.15 8.57 -0.49
N ILE D 18 4.25 7.34 -0.97
CA ILE D 18 3.82 6.17 -0.20
C ILE D 18 4.72 5.98 1.02
N PHE D 19 6.00 6.37 0.91
CA PHE D 19 6.95 6.23 1.99
C PHE D 19 6.58 7.13 3.18
N THR D 20 6.24 8.38 2.89
CA THR D 20 5.86 9.33 3.94
C THR D 20 4.55 8.96 4.63
N VAL D 21 3.60 8.40 3.86
CA VAL D 21 2.30 8.01 4.41
C VAL D 21 2.40 6.68 5.18
N VAL D 22 2.95 5.66 4.53
CA VAL D 22 3.10 4.33 5.14
C VAL D 22 3.79 4.40 6.52
N SER D 23 4.52 5.48 6.78
CA SER D 23 5.21 5.65 8.05
C SER D 23 4.21 6.10 9.11
N ALA D 24 3.26 6.92 8.69
CA ALA D 24 2.21 7.43 9.58
C ALA D 24 1.35 6.30 10.16
N ILE D 25 0.89 5.41 9.29
CA ILE D 25 0.06 4.28 9.71
C ILE D 25 0.80 3.33 10.65
N THR D 26 2.06 3.01 10.32
CA THR D 26 2.86 2.10 11.14
C THR D 26 3.32 2.72 12.47
N LEU D 27 3.71 3.99 12.44
CA LEU D 27 4.17 4.68 13.64
C LEU D 27 3.03 5.22 14.51
N LEU D 28 2.08 5.94 13.89
CA LEU D 28 0.94 6.51 14.62
C LEU D 28 0.13 5.45 15.36
N VAL D 29 -0.10 4.31 14.70
CA VAL D 29 -0.88 3.24 15.31
C VAL D 29 -0.05 2.51 16.37
N SER D 30 1.26 2.37 16.13
CA SER D 30 2.15 1.70 17.07
C SER D 30 2.16 2.41 18.42
N MET D 31 2.37 3.72 18.39
CA MET D 31 2.42 4.52 19.62
C MET D 31 1.04 4.65 20.27
N ALA D 32 -0.01 4.77 19.46
CA ALA D 32 -1.38 4.91 19.97
C ALA D 32 -1.82 3.73 20.85
N PHE D 33 -1.80 2.53 20.28
CA PHE D 33 -2.22 1.33 21.03
C PHE D 33 -1.21 0.94 22.12
N LEU D 34 0.07 1.18 21.87
CA LEU D 34 1.10 0.83 22.85
C LEU D 34 0.94 1.67 24.12
N THR D 35 0.62 2.95 23.95
CA THR D 35 0.44 3.85 25.08
C THR D 35 -0.79 3.46 25.91
N ALA D 36 -1.89 3.16 25.22
CA ALA D 36 -3.12 2.77 25.88
C ALA D 36 -2.97 1.44 26.62
N THR D 37 -2.40 0.46 25.93
CA THR D 37 -2.19 -0.87 26.51
C THR D 37 -1.21 -0.82 27.68
N ARG D 38 -0.14 -0.03 27.52
CA ARG D 38 0.88 0.12 28.56
C ARG D 38 1.55 -1.23 28.87
N MET E 1 5.87 28.43 -17.38
CA MET E 1 6.61 27.94 -16.20
C MET E 1 5.92 26.72 -15.59
N LEU E 2 6.38 25.53 -15.97
CA LEU E 2 5.80 24.29 -15.47
C LEU E 2 6.15 24.08 -13.99
N PRO E 3 5.39 23.24 -13.26
CA PRO E 3 5.65 22.97 -11.84
C PRO E 3 7.07 22.46 -11.60
N PHE E 4 7.36 22.07 -10.35
CA PHE E 4 8.67 21.57 -9.97
C PHE E 4 8.98 20.26 -10.69
N VAL E 5 7.96 19.41 -10.82
CA VAL E 5 8.11 18.11 -11.49
C VAL E 5 6.97 17.88 -12.48
N GLN E 6 7.28 17.20 -13.58
CA GLN E 6 6.28 16.90 -14.61
C GLN E 6 5.43 15.70 -14.21
N GLU E 7 4.32 15.97 -13.55
CA GLU E 7 3.40 14.92 -13.10
C GLU E 7 2.67 14.31 -14.29
N ARG E 8 1.71 13.41 -14.01
CA ARG E 8 0.93 12.76 -15.05
C ARG E 8 -0.54 12.67 -14.64
N ILE E 9 -1.42 12.56 -15.63
CA ILE E 9 -2.85 12.47 -15.37
C ILE E 9 -3.20 11.19 -14.60
N GLY E 10 -2.53 10.09 -14.96
CA GLY E 10 -2.77 8.82 -14.30
C GLY E 10 -2.01 8.70 -13.00
N LEU E 11 -0.77 9.21 -13.00
CA LEU E 11 0.10 9.17 -11.82
C LEU E 11 -0.57 9.79 -10.60
N PHE E 12 -1.33 10.86 -10.82
CA PHE E 12 -2.02 11.55 -9.74
C PHE E 12 -3.15 10.68 -9.16
N ILE E 13 -3.71 9.80 -9.99
CA ILE E 13 -4.79 8.92 -9.55
C ILE E 13 -4.34 7.98 -8.44
N VAL E 14 -3.25 7.24 -8.66
CA VAL E 14 -2.74 6.31 -7.65
C VAL E 14 -2.24 7.05 -6.41
N ASN E 15 -1.46 8.11 -6.62
CA ASN E 15 -0.92 8.91 -5.51
C ASN E 15 -2.02 9.46 -4.60
N PHE E 16 -3.01 10.10 -5.20
CA PHE E 16 -4.12 10.69 -4.44
C PHE E 16 -5.13 9.66 -3.94
N PHE E 17 -5.42 8.65 -4.75
CA PHE E 17 -6.38 7.60 -4.38
C PHE E 17 -5.87 6.80 -3.18
N ILE E 18 -4.60 6.45 -3.19
CA ILE E 18 -4.00 5.69 -2.09
C ILE E 18 -3.95 6.54 -0.81
N PHE E 19 -3.82 7.85 -0.97
CA PHE E 19 -3.76 8.77 0.16
C PHE E 19 -5.08 8.80 0.93
N THR E 20 -6.19 8.90 0.19
CA THR E 20 -7.52 8.93 0.80
C THR E 20 -7.88 7.61 1.48
N VAL E 21 -7.46 6.49 0.89
CA VAL E 21 -7.76 5.17 1.46
C VAL E 21 -6.83 4.85 2.65
N VAL E 22 -5.52 4.98 2.44
CA VAL E 22 -4.54 4.69 3.49
C VAL E 22 -4.84 5.44 4.80
N SER E 23 -5.63 6.52 4.71
CA SER E 23 -6.00 7.29 5.89
C SER E 23 -7.11 6.58 6.66
N ALA E 24 -7.99 5.93 5.91
CA ALA E 24 -9.11 5.19 6.48
C ALA E 24 -8.62 4.03 7.35
N ILE E 25 -7.69 3.24 6.83
CA ILE E 25 -7.15 2.09 7.56
C ILE E 25 -6.39 2.52 8.82
N THR E 26 -5.58 3.57 8.72
CA THR E 26 -4.80 4.06 9.86
C THR E 26 -5.65 4.77 10.91
N LEU E 27 -6.62 5.57 10.46
CA LEU E 27 -7.49 6.32 11.37
C LEU E 27 -8.65 5.48 11.91
N LEU E 28 -9.38 4.81 11.02
CA LEU E 28 -10.53 3.97 11.42
C LEU E 28 -10.14 2.89 12.42
N VAL E 29 -9.00 2.25 12.19
CA VAL E 29 -8.53 1.19 13.08
C VAL E 29 -8.00 1.78 14.40
N SER E 30 -7.36 2.94 14.30
CA SER E 30 -6.80 3.60 15.48
C SER E 30 -7.89 3.93 16.50
N MET E 31 -8.95 4.57 16.03
CA MET E 31 -10.07 4.96 16.89
C MET E 31 -10.88 3.75 17.36
N ALA E 32 -11.05 2.76 16.49
CA ALA E 32 -11.82 1.57 16.81
C ALA E 32 -11.26 0.80 18.01
N PHE E 33 -10.01 0.36 17.92
CA PHE E 33 -9.37 -0.38 19.00
C PHE E 33 -9.08 0.48 20.22
N LEU E 34 -8.75 1.76 20.00
CA LEU E 34 -8.45 2.66 21.11
C LEU E 34 -9.67 2.87 21.99
N THR E 35 -10.84 3.00 21.36
CA THR E 35 -12.10 3.21 22.08
C THR E 35 -12.46 1.96 22.90
N ALA E 36 -12.32 0.79 22.29
CA ALA E 36 -12.65 -0.46 22.95
C ALA E 36 -11.70 -0.73 24.12
N THR E 37 -10.40 -0.57 23.87
CA THR E 37 -9.38 -0.80 24.89
C THR E 37 -9.51 0.21 26.03
N ARG E 38 -9.77 1.47 25.68
CA ARG E 38 -9.92 2.54 26.68
C ARG E 38 -8.63 2.72 27.48
#